data_8XW8
#
_entry.id   8XW8
#
_cell.length_a   123.335
_cell.length_b   256.080
_cell.length_c   88.575
_cell.angle_alpha   90.00
_cell.angle_beta   90.04
_cell.angle_gamma   90.00
#
_symmetry.space_group_name_H-M   'C 1 2 1'
#
loop_
_entity.id
_entity.type
_entity.pdbx_description
1 polymer 'Pyruvate kinase'
2 non-polymer 'MAGNESIUM ION'
3 non-polymer 'POTASSIUM ION'
4 non-polymer 1,6-di-O-phosphono-beta-D-fructofuranose
5 non-polymer "GUANOSINE-5'-DIPHOSPHATE"
6 non-polymer 'OXALATE ION'
7 non-polymer GLYCEROL
8 water water
#
_entity_poly.entity_id   1
_entity_poly.type   'polypeptide(L)'
_entity_poly.pdbx_seq_one_letter_code
;MGSSHHHHHHSSGLVPRGSHMNKRVKIVATLGPAVEIRGGKKFGEDGYWGEKLDVEASAKNIAKLIEAGANTFRFNFSHG
DHQEQGERMATVKLAEKIAGKKVGFLLDTKGPEIRTELFEGEAKEYSYKTGEKIRVATKQGIKSTREVIALNVAGALDIY
DDVEVGRQVLVDDGKLGLRVVAKDDATREFEVEVENDGIIAKQKGVNIPNTKIPFPALAERDNDDIRFGLEQGINFIAIS
FVRTAKDVNEVRAICEETGNGHVQLFAKIENQQGIDNLDEIIEAADGIMIARGDMGIEVPFEMVPVYQKMIIKKVNAAGK
VVITATNMLETMTEKPRATRSEVSDVFNAVIDGTDATMLSGESANGKYPLESVTTMATIDKNAQALLNEYGRLDSDSFER
NSKTEVMASAVKDATSSMDIKLVVTLTKTGHTARLISKYRPNADILALTFDELTERGLMLNWGVIPMLTDAPSSTDDMFE
IAERKAVEAGLVESGDDIVIVAGVPVGEAVRTNTMRIRTVR
;
_entity_poly.pdbx_strand_id   A,B,C,D
#
loop_
_chem_comp.id
_chem_comp.type
_chem_comp.name
_chem_comp.formula
FBP D-saccharide, beta linking 1,6-di-O-phosphono-beta-D-fructofuranose 'C6 H14 O12 P2'
GDP RNA linking GUANOSINE-5'-DIPHOSPHATE 'C10 H15 N5 O11 P2'
GOL non-polymer GLYCEROL 'C3 H8 O3'
K non-polymer 'POTASSIUM ION' 'K 1'
MG non-polymer 'MAGNESIUM ION' 'Mg 2'
OXL non-polymer 'OXALATE ION' 'C2 O4 -2'
#
# COMPACT_ATOMS: atom_id res chain seq x y z
N MET A 21 0.15 32.24 14.49
CA MET A 21 -0.72 31.21 15.10
C MET A 21 -0.73 29.96 14.22
N ASN A 22 -0.62 28.79 14.83
CA ASN A 22 -0.74 27.47 14.18
C ASN A 22 -2.20 27.07 14.38
N LYS A 23 -2.89 26.54 13.37
CA LYS A 23 -4.33 26.17 13.52
C LYS A 23 -4.44 24.82 14.24
N ARG A 24 -4.86 24.85 15.50
CA ARG A 24 -4.98 23.62 16.33
C ARG A 24 -6.15 22.71 15.88
N VAL A 25 -7.28 23.31 15.54
CA VAL A 25 -8.47 22.55 15.09
C VAL A 25 -8.21 22.06 13.66
N LYS A 26 -8.30 20.75 13.44
CA LYS A 26 -8.03 20.13 12.13
C LYS A 26 -9.17 20.30 11.13
N ILE A 27 -8.84 20.29 9.84
CA ILE A 27 -9.88 20.43 8.79
C ILE A 27 -9.89 19.18 7.90
N VAL A 28 -11.07 18.63 7.69
CA VAL A 28 -11.28 17.51 6.75
C VAL A 28 -11.97 18.14 5.55
N ALA A 29 -11.38 18.00 4.37
CA ALA A 29 -11.96 18.57 3.14
C ALA A 29 -12.39 17.46 2.18
N THR A 30 -13.65 17.44 1.83
CA THR A 30 -14.14 16.43 0.89
C THR A 30 -13.68 16.83 -0.52
N LEU A 31 -13.02 15.93 -1.21
CA LEU A 31 -12.60 16.22 -2.59
C LEU A 31 -13.68 15.81 -3.59
N GLY A 32 -13.57 16.30 -4.82
CA GLY A 32 -14.52 16.08 -5.91
C GLY A 32 -14.13 16.84 -7.16
N PRO A 33 -15.02 16.97 -8.13
CA PRO A 33 -14.72 17.67 -9.38
C PRO A 33 -14.40 19.16 -9.21
N ALA A 34 -14.81 19.74 -8.09
CA ALA A 34 -14.61 21.19 -7.86
C ALA A 34 -13.13 21.55 -7.95
N VAL A 35 -12.23 20.73 -7.44
CA VAL A 35 -10.80 21.08 -7.52
C VAL A 35 -10.15 20.48 -8.77
N GLU A 36 -10.94 19.81 -9.59
CA GLU A 36 -10.41 19.09 -10.77
C GLU A 36 -10.53 19.87 -12.07
N ILE A 37 -9.45 19.82 -12.83
CA ILE A 37 -9.36 20.44 -14.17
C ILE A 37 -9.31 19.31 -15.19
N ARG A 38 -10.19 19.39 -16.17
CA ARG A 38 -10.28 18.38 -17.24
C ARG A 38 -9.93 19.08 -18.55
N GLY A 39 -8.82 18.70 -19.18
CA GLY A 39 -8.46 19.32 -20.47
C GLY A 39 -8.51 20.82 -20.35
N GLY A 40 -7.79 21.39 -19.39
CA GLY A 40 -7.83 22.85 -19.22
C GLY A 40 -9.24 23.38 -19.05
N LYS A 41 -10.12 22.69 -18.34
CA LYS A 41 -11.49 23.22 -18.11
C LYS A 41 -11.87 23.08 -16.63
N LYS A 42 -12.54 24.09 -16.06
CA LYS A 42 -12.97 24.11 -14.64
C LYS A 42 -14.35 23.49 -14.48
N PHE A 43 -14.67 23.05 -13.25
CA PHE A 43 -15.99 22.45 -12.94
C PHE A 43 -17.06 23.49 -13.21
N GLY A 44 -18.13 23.11 -13.90
CA GLY A 44 -19.16 24.11 -14.20
C GLY A 44 -18.97 24.70 -15.60
N GLU A 45 -18.19 24.02 -16.46
CA GLU A 45 -17.90 24.41 -17.88
C GLU A 45 -18.28 23.27 -18.83
N ASP A 46 -18.86 23.60 -20.00
CA ASP A 46 -19.35 22.57 -20.96
C ASP A 46 -18.25 21.63 -21.45
N GLY A 47 -18.59 20.34 -21.53
CA GLY A 47 -17.71 19.26 -22.01
C GLY A 47 -16.66 18.87 -21.02
N TYR A 48 -16.79 19.36 -19.78
CA TYR A 48 -15.79 19.11 -18.74
C TYR A 48 -15.62 17.61 -18.56
N TRP A 49 -16.72 16.87 -18.45
CA TRP A 49 -16.69 15.40 -18.21
C TRP A 49 -16.18 14.59 -19.39
N GLY A 50 -16.19 15.16 -20.59
CA GLY A 50 -15.71 14.42 -21.77
C GLY A 50 -14.23 14.67 -22.03
N GLU A 51 -13.55 15.24 -21.05
CA GLU A 51 -12.11 15.57 -21.23
C GLU A 51 -11.30 14.71 -20.26
N LYS A 52 -10.06 14.35 -20.59
CA LYS A 52 -9.33 13.55 -19.59
C LYS A 52 -8.94 14.48 -18.45
N LEU A 53 -8.74 13.90 -17.27
CA LEU A 53 -8.36 14.69 -16.08
C LEU A 53 -6.98 15.28 -16.33
N ASP A 54 -6.82 16.56 -16.07
CA ASP A 54 -5.47 17.17 -16.13
C ASP A 54 -4.93 16.88 -14.73
N VAL A 55 -4.17 15.81 -14.60
CA VAL A 55 -3.66 15.39 -13.26
C VAL A 55 -2.78 16.46 -12.62
N GLU A 56 -1.81 16.98 -13.37
CA GLU A 56 -0.86 17.98 -12.80
C GLU A 56 -1.58 19.27 -12.41
N ALA A 57 -2.47 19.77 -13.26
CA ALA A 57 -3.22 21.00 -12.95
C ALA A 57 -4.16 20.74 -11.76
N SER A 58 -4.75 19.55 -11.70
CA SER A 58 -5.64 19.19 -10.58
C SER A 58 -4.83 19.10 -9.29
N ALA A 59 -3.65 18.52 -9.36
CA ALA A 59 -2.74 18.35 -8.22
C ALA A 59 -2.32 19.72 -7.69
N LYS A 60 -2.07 20.65 -8.59
CA LYS A 60 -1.67 22.01 -8.18
C LYS A 60 -2.81 22.65 -7.38
N ASN A 61 -4.05 22.45 -7.83
CA ASN A 61 -5.22 23.03 -7.13
C ASN A 61 -5.32 22.44 -5.72
N ILE A 62 -5.12 21.14 -5.62
CA ILE A 62 -5.21 20.41 -4.34
C ILE A 62 -4.10 20.86 -3.39
N ALA A 63 -2.91 21.12 -3.89
CA ALA A 63 -1.78 21.56 -3.06
C ALA A 63 -2.16 22.86 -2.36
N LYS A 64 -2.92 23.71 -3.02
CA LYS A 64 -3.36 25.00 -2.43
C LYS A 64 -4.26 24.70 -1.22
N LEU A 65 -5.13 23.72 -1.33
CA LEU A 65 -6.01 23.38 -0.19
C LEU A 65 -5.12 22.89 0.95
N ILE A 66 -4.05 22.15 0.67
CA ILE A 66 -3.13 21.63 1.71
C ILE A 66 -2.46 22.83 2.40
N GLU A 67 -1.98 23.77 1.59
CA GLU A 67 -1.30 25.00 2.08
C GLU A 67 -2.25 25.82 2.95
N ALA A 68 -3.52 25.90 2.57
CA ALA A 68 -4.58 26.66 3.26
C ALA A 68 -5.00 26.01 4.59
N GLY A 69 -4.57 24.79 4.86
CA GLY A 69 -4.90 24.14 6.14
C GLY A 69 -5.71 22.85 6.11
N ALA A 70 -5.96 22.24 4.96
CA ALA A 70 -6.69 20.96 4.98
C ALA A 70 -5.72 19.92 5.55
N ASN A 71 -6.10 19.20 6.59
CA ASN A 71 -5.20 18.22 7.25
C ASN A 71 -5.47 16.80 6.76
N THR A 72 -6.66 16.58 6.20
CA THR A 72 -7.08 15.27 5.67
C THR A 72 -8.12 15.49 4.58
N PHE A 73 -8.03 14.70 3.53
CA PHE A 73 -9.00 14.72 2.40
C PHE A 73 -9.95 13.51 2.53
N ARG A 74 -11.23 13.79 2.31
CA ARG A 74 -12.29 12.78 2.42
C ARG A 74 -12.75 12.35 1.02
N PHE A 75 -12.75 11.05 0.78
CA PHE A 75 -13.19 10.42 -0.49
C PHE A 75 -14.51 9.69 -0.21
N ASN A 76 -15.60 10.25 -0.68
CA ASN A 76 -16.95 9.71 -0.46
C ASN A 76 -17.26 8.62 -1.51
N PHE A 77 -17.21 7.37 -1.11
CA PHE A 77 -17.44 6.22 -2.03
C PHE A 77 -18.91 6.10 -2.40
N SER A 78 -19.78 6.90 -1.81
CA SER A 78 -21.21 6.93 -2.19
C SER A 78 -21.30 7.51 -3.60
N HIS A 79 -20.27 8.22 -4.01
CA HIS A 79 -20.24 8.91 -5.31
C HIS A 79 -19.24 8.28 -6.27
N GLY A 80 -19.65 8.21 -7.52
CA GLY A 80 -18.86 7.72 -8.65
C GLY A 80 -18.49 6.26 -8.60
N ASP A 81 -17.25 5.95 -8.92
CA ASP A 81 -16.80 4.54 -9.02
C ASP A 81 -15.34 4.42 -8.61
N HIS A 82 -14.83 3.19 -8.55
CA HIS A 82 -13.45 2.93 -8.09
C HIS A 82 -12.44 3.69 -8.96
N GLN A 83 -12.63 3.74 -10.26
CA GLN A 83 -11.64 4.46 -11.08
C GLN A 83 -11.58 5.94 -10.70
N GLU A 84 -12.71 6.60 -10.54
CA GLU A 84 -12.71 8.04 -10.17
C GLU A 84 -12.05 8.24 -8.80
N GLN A 85 -12.39 7.42 -7.83
CA GLN A 85 -11.80 7.52 -6.46
C GLN A 85 -10.30 7.25 -6.50
N GLY A 86 -9.87 6.21 -7.21
CA GLY A 86 -8.46 5.82 -7.32
C GLY A 86 -7.63 6.88 -8.01
N GLU A 87 -8.16 7.47 -9.07
CA GLU A 87 -7.46 8.56 -9.80
C GLU A 87 -7.36 9.78 -8.89
N ARG A 88 -8.42 10.11 -8.18
CA ARG A 88 -8.41 11.30 -7.28
C ARG A 88 -7.36 11.08 -6.19
N MET A 89 -7.28 9.88 -5.62
CA MET A 89 -6.29 9.58 -4.56
C MET A 89 -4.85 9.72 -5.12
N ALA A 90 -4.60 9.28 -6.34
CA ALA A 90 -3.26 9.43 -6.96
C ALA A 90 -2.93 10.91 -7.13
N THR A 91 -3.90 11.71 -7.53
CA THR A 91 -3.69 13.16 -7.72
C THR A 91 -3.28 13.81 -6.39
N VAL A 92 -3.91 13.37 -5.29
CA VAL A 92 -3.58 13.90 -3.95
C VAL A 92 -2.13 13.55 -3.59
N LYS A 93 -1.66 12.36 -3.94
CA LYS A 93 -0.25 11.99 -3.64
C LYS A 93 0.69 12.96 -4.37
N LEU A 94 0.34 13.33 -5.59
CA LEU A 94 1.11 14.31 -6.40
C LEU A 94 1.04 15.67 -5.71
N ALA A 95 -0.15 16.07 -5.25
CA ALA A 95 -0.37 17.36 -4.57
C ALA A 95 0.48 17.46 -3.30
N GLU A 96 0.66 16.35 -2.59
CA GLU A 96 1.49 16.32 -1.35
C GLU A 96 2.94 16.67 -1.73
N LYS A 97 3.43 16.15 -2.84
CA LYS A 97 4.82 16.43 -3.30
C LYS A 97 4.94 17.90 -3.73
N ILE A 98 3.94 18.40 -4.46
CA ILE A 98 3.94 19.81 -4.93
C ILE A 98 3.93 20.75 -3.71
N ALA A 99 3.13 20.47 -2.69
CA ALA A 99 3.07 21.33 -1.50
C ALA A 99 4.22 21.06 -0.52
N GLY A 100 4.88 19.92 -0.63
CA GLY A 100 5.92 19.56 0.33
C GLY A 100 5.30 19.33 1.70
N LYS A 101 4.01 19.00 1.73
CA LYS A 101 3.25 18.78 2.99
C LYS A 101 2.38 17.53 2.86
N LYS A 102 2.35 16.68 3.87
CA LYS A 102 1.55 15.43 3.86
C LYS A 102 0.17 15.64 4.49
N VAL A 103 -0.81 14.91 3.99
CA VAL A 103 -2.20 15.01 4.52
C VAL A 103 -2.70 13.59 4.77
N GLY A 104 -3.75 13.45 5.58
CA GLY A 104 -4.38 12.15 5.78
C GLY A 104 -5.33 11.83 4.63
N PHE A 105 -5.56 10.53 4.42
CA PHE A 105 -6.52 10.03 3.41
C PHE A 105 -7.67 9.33 4.14
N LEU A 106 -8.87 9.83 3.94
CA LEU A 106 -10.06 9.28 4.62
C LEU A 106 -11.09 8.76 3.61
N LEU A 107 -11.50 7.52 3.79
CA LEU A 107 -12.54 6.87 2.94
C LEU A 107 -13.87 6.86 3.69
N ASP A 108 -14.91 7.35 3.03
CA ASP A 108 -16.28 7.40 3.61
C ASP A 108 -17.12 6.33 2.89
N THR A 109 -17.53 5.32 3.62
CA THR A 109 -18.32 4.16 3.13
C THR A 109 -19.78 4.52 2.81
N LYS A 110 -20.45 3.73 1.97
CA LYS A 110 -21.88 3.91 1.67
C LYS A 110 -22.71 3.55 2.91
N GLY A 111 -22.45 2.38 3.48
CA GLY A 111 -23.14 1.91 4.68
C GLY A 111 -24.56 1.42 4.42
N PRO A 112 -25.34 1.19 5.47
CA PRO A 112 -26.72 0.71 5.30
C PRO A 112 -27.60 1.91 4.94
N GLU A 113 -27.48 2.35 3.70
CA GLU A 113 -28.15 3.57 3.22
C GLU A 113 -28.92 3.33 1.93
N ILE A 114 -29.73 4.30 1.56
CA ILE A 114 -30.48 4.30 0.28
C ILE A 114 -29.92 5.48 -0.50
N ARG A 115 -29.61 5.26 -1.77
CA ARG A 115 -29.12 6.33 -2.65
C ARG A 115 -29.94 6.33 -3.92
N THR A 116 -30.16 7.50 -4.52
CA THR A 116 -30.84 7.60 -5.82
C THR A 116 -29.91 6.94 -6.86
N GLU A 117 -30.50 6.33 -7.88
CA GLU A 117 -29.77 5.63 -8.97
C GLU A 117 -29.24 6.61 -10.02
N LEU A 118 -28.44 6.09 -10.94
CA LEU A 118 -27.97 6.88 -12.10
C LEU A 118 -29.23 7.09 -12.93
N PHE A 119 -29.27 8.10 -13.76
CA PHE A 119 -30.44 8.32 -14.64
C PHE A 119 -30.12 7.75 -16.03
N GLU A 120 -31.16 7.30 -16.73
CA GLU A 120 -31.03 6.79 -18.09
C GLU A 120 -30.57 7.95 -18.96
N GLY A 121 -29.63 7.73 -19.86
CA GLY A 121 -29.13 8.80 -20.73
C GLY A 121 -28.12 9.72 -20.06
N GLU A 122 -27.97 10.91 -20.61
CA GLU A 122 -27.00 11.96 -20.17
C GLU A 122 -27.32 12.63 -18.82
N ALA A 123 -28.59 12.77 -18.46
CA ALA A 123 -29.02 13.53 -17.27
C ALA A 123 -28.33 13.12 -15.97
N LYS A 124 -27.90 14.11 -15.20
CA LYS A 124 -27.30 13.92 -13.86
C LYS A 124 -28.33 14.30 -12.81
N GLU A 125 -29.32 15.11 -13.19
CA GLU A 125 -30.35 15.58 -12.26
C GLU A 125 -31.57 16.14 -13.01
N TYR A 126 -32.65 16.36 -12.27
CA TYR A 126 -33.90 16.96 -12.79
C TYR A 126 -34.47 17.88 -11.69
N SER A 127 -35.13 18.96 -12.09
CA SER A 127 -35.77 19.92 -11.16
C SER A 127 -37.24 19.58 -11.07
N TYR A 128 -37.84 19.71 -9.89
CA TYR A 128 -39.27 19.39 -9.66
C TYR A 128 -39.94 20.53 -8.91
N LYS A 129 -41.23 20.70 -9.12
CA LYS A 129 -42.00 21.78 -8.48
C LYS A 129 -42.99 21.19 -7.49
N THR A 130 -43.38 21.97 -6.50
CA THR A 130 -44.34 21.55 -5.48
C THR A 130 -45.61 21.09 -6.19
N GLY A 131 -46.20 19.97 -5.75
CA GLY A 131 -47.44 19.41 -6.29
C GLY A 131 -47.28 18.44 -7.47
N GLU A 132 -46.11 18.36 -8.09
CA GLU A 132 -45.86 17.43 -9.22
C GLU A 132 -46.01 15.99 -8.73
N LYS A 133 -46.52 15.11 -9.60
CA LYS A 133 -46.69 13.69 -9.22
C LYS A 133 -45.71 12.83 -10.03
N ILE A 134 -44.93 12.04 -9.30
CA ILE A 134 -43.94 11.12 -9.88
C ILE A 134 -43.98 9.81 -9.10
N ARG A 135 -43.11 8.89 -9.49
CA ARG A 135 -43.03 7.55 -8.88
C ARG A 135 -41.62 7.26 -8.40
N VAL A 136 -41.52 6.37 -7.43
CA VAL A 136 -40.23 5.87 -6.90
C VAL A 136 -40.27 4.34 -7.00
N ALA A 137 -39.40 3.80 -7.83
CA ALA A 137 -39.31 2.34 -8.05
C ALA A 137 -38.61 1.66 -6.86
N THR A 138 -38.94 0.40 -6.61
CA THR A 138 -38.29 -0.38 -5.54
C THR A 138 -37.45 -1.47 -6.21
N LYS A 139 -37.69 -1.71 -7.49
CA LYS A 139 -36.94 -2.73 -8.22
C LYS A 139 -35.46 -2.33 -8.26
N GLN A 140 -34.57 -3.23 -7.86
CA GLN A 140 -33.12 -2.98 -7.84
C GLN A 140 -32.48 -3.25 -9.20
N GLY A 141 -31.28 -2.71 -9.44
CA GLY A 141 -30.53 -2.94 -10.68
C GLY A 141 -31.03 -2.20 -11.90
N ILE A 142 -31.77 -1.11 -11.71
CA ILE A 142 -32.30 -0.33 -12.85
C ILE A 142 -31.93 1.15 -12.70
N LYS A 143 -32.05 1.90 -13.79
CA LYS A 143 -31.74 3.35 -13.77
C LYS A 143 -33.03 4.16 -13.62
N SER A 144 -32.89 5.38 -13.12
CA SER A 144 -34.04 6.29 -12.95
C SER A 144 -34.34 7.01 -14.27
N THR A 145 -35.53 7.55 -14.33
CA THR A 145 -35.98 8.45 -15.40
C THR A 145 -36.51 9.63 -14.60
N ARG A 146 -36.85 10.72 -15.26
CA ARG A 146 -37.38 11.89 -14.53
C ARG A 146 -38.68 11.50 -13.81
N GLU A 147 -39.54 10.71 -14.42
CA GLU A 147 -40.86 10.37 -13.86
C GLU A 147 -40.85 9.17 -12.89
N VAL A 148 -39.82 8.33 -12.96
CA VAL A 148 -39.72 7.14 -12.08
C VAL A 148 -38.29 7.09 -11.51
N ILE A 149 -38.16 7.46 -10.25
CA ILE A 149 -36.84 7.51 -9.57
C ILE A 149 -36.51 6.13 -9.02
N ALA A 150 -35.37 5.59 -9.41
CA ALA A 150 -34.92 4.28 -8.90
C ALA A 150 -33.97 4.50 -7.73
N LEU A 151 -33.89 3.52 -6.85
CA LEU A 151 -33.04 3.58 -5.64
C LEU A 151 -32.01 2.45 -5.63
N ASN A 152 -30.84 2.74 -5.10
CA ASN A 152 -29.79 1.74 -4.85
C ASN A 152 -29.90 1.52 -3.34
N VAL A 153 -30.58 0.46 -2.94
CA VAL A 153 -30.76 0.14 -1.50
C VAL A 153 -29.62 -0.79 -1.06
N ALA A 154 -28.96 -0.50 0.05
CA ALA A 154 -27.84 -1.37 0.50
C ALA A 154 -28.34 -2.79 0.69
N GLY A 155 -27.60 -3.74 0.13
CA GLY A 155 -27.95 -5.16 0.19
C GLY A 155 -28.95 -5.54 -0.88
N ALA A 156 -29.27 -4.61 -1.78
CA ALA A 156 -30.25 -4.82 -2.88
C ALA A 156 -31.61 -5.23 -2.31
N LEU A 157 -31.98 -4.70 -1.15
CA LEU A 157 -33.26 -5.01 -0.49
C LEU A 157 -34.46 -4.44 -1.26
N ASP A 158 -35.58 -5.14 -1.19
CA ASP A 158 -36.88 -4.67 -1.74
C ASP A 158 -37.56 -3.98 -0.56
N ILE A 159 -37.72 -2.68 -0.61
CA ILE A 159 -38.33 -1.94 0.53
C ILE A 159 -39.84 -1.70 0.33
N TYR A 160 -40.44 -2.31 -0.68
CA TYR A 160 -41.86 -2.01 -1.00
C TYR A 160 -42.79 -2.29 0.18
N ASP A 161 -42.62 -3.41 0.83
CA ASP A 161 -43.45 -3.81 2.00
C ASP A 161 -43.08 -3.04 3.27
N ASP A 162 -41.95 -2.34 3.27
CA ASP A 162 -41.50 -1.58 4.47
C ASP A 162 -42.04 -0.15 4.46
N VAL A 163 -42.56 0.33 3.35
CA VAL A 163 -42.97 1.75 3.28
C VAL A 163 -44.48 1.86 3.03
N GLU A 164 -45.18 2.47 3.96
CA GLU A 164 -46.64 2.64 3.83
C GLU A 164 -46.99 3.99 3.22
N VAL A 165 -48.22 4.11 2.75
CA VAL A 165 -48.73 5.39 2.23
C VAL A 165 -48.68 6.37 3.40
N GLY A 166 -48.35 7.62 3.13
CA GLY A 166 -48.23 8.67 4.16
C GLY A 166 -46.82 8.88 4.65
N ARG A 167 -45.90 7.96 4.38
CA ARG A 167 -44.49 8.15 4.77
C ARG A 167 -43.86 9.22 3.86
N GLN A 168 -42.81 9.86 4.37
CA GLN A 168 -42.07 10.89 3.63
C GLN A 168 -40.73 10.32 3.15
N VAL A 169 -40.42 10.54 1.87
CA VAL A 169 -39.13 10.13 1.26
C VAL A 169 -38.36 11.44 1.02
N LEU A 170 -37.23 11.60 1.66
CA LEU A 170 -36.43 12.84 1.54
C LEU A 170 -35.16 12.58 0.75
N VAL A 171 -34.79 13.55 -0.08
CA VAL A 171 -33.63 13.42 -0.99
C VAL A 171 -32.63 14.53 -0.71
N ASP A 172 -31.35 14.17 -0.62
CA ASP A 172 -30.20 15.06 -0.42
C ASP A 172 -30.24 15.88 0.89
N ASP A 173 -29.92 15.24 2.01
CA ASP A 173 -29.89 15.90 3.34
C ASP A 173 -31.27 16.52 3.62
N GLY A 174 -32.33 15.90 3.11
CA GLY A 174 -33.69 16.38 3.34
C GLY A 174 -34.01 17.65 2.59
N LYS A 175 -33.22 18.02 1.59
CA LYS A 175 -33.51 19.26 0.82
C LYS A 175 -34.85 19.12 0.08
N LEU A 176 -35.12 17.95 -0.51
CA LEU A 176 -36.39 17.76 -1.25
C LEU A 176 -37.25 16.70 -0.56
N GLY A 177 -38.51 17.03 -0.31
CA GLY A 177 -39.48 16.13 0.33
C GLY A 177 -40.47 15.53 -0.66
N LEU A 178 -40.69 14.22 -0.58
CA LEU A 178 -41.64 13.45 -1.43
C LEU A 178 -42.64 12.78 -0.50
N ARG A 179 -43.94 12.87 -0.79
CA ARG A 179 -44.97 12.24 0.07
C ARG A 179 -45.58 11.03 -0.66
N VAL A 180 -45.56 9.87 -0.01
CA VAL A 180 -46.15 8.66 -0.64
C VAL A 180 -47.68 8.80 -0.54
N VAL A 181 -48.36 8.86 -1.68
CA VAL A 181 -49.84 9.04 -1.75
C VAL A 181 -50.53 7.76 -2.25
N ALA A 182 -49.78 6.84 -2.85
CA ALA A 182 -50.39 5.56 -3.27
C ALA A 182 -49.30 4.53 -3.55
N LYS A 183 -49.67 3.27 -3.56
CA LYS A 183 -48.71 2.18 -3.84
C LYS A 183 -49.28 1.34 -4.99
N ASP A 184 -48.48 1.13 -6.03
CA ASP A 184 -48.90 0.31 -7.17
C ASP A 184 -48.24 -1.08 -7.07
N ASP A 185 -49.03 -2.06 -6.62
CA ASP A 185 -48.56 -3.44 -6.40
C ASP A 185 -48.10 -4.07 -7.72
N ALA A 186 -48.69 -3.66 -8.84
CA ALA A 186 -48.31 -4.27 -10.12
C ALA A 186 -46.83 -4.01 -10.44
N THR A 187 -46.34 -2.82 -10.16
CA THR A 187 -44.94 -2.48 -10.52
C THR A 187 -44.07 -2.32 -9.27
N ARG A 188 -44.65 -2.46 -8.08
CA ARG A 188 -43.94 -2.25 -6.79
C ARG A 188 -43.37 -0.83 -6.77
N GLU A 189 -44.18 0.13 -7.18
CA GLU A 189 -43.78 1.55 -7.25
C GLU A 189 -44.58 2.36 -6.23
N PHE A 190 -43.96 3.41 -5.70
CA PHE A 190 -44.63 4.34 -4.79
C PHE A 190 -45.07 5.53 -5.64
N GLU A 191 -46.30 5.98 -5.47
CA GLU A 191 -46.77 7.19 -6.17
C GLU A 191 -46.52 8.30 -5.14
N VAL A 192 -45.75 9.31 -5.51
CA VAL A 192 -45.36 10.38 -4.57
C VAL A 192 -45.70 11.76 -5.14
N GLU A 193 -45.90 12.71 -4.23
CA GLU A 193 -46.16 14.11 -4.59
C GLU A 193 -44.97 14.92 -4.07
N VAL A 194 -44.42 15.79 -4.92
CA VAL A 194 -43.30 16.68 -4.56
C VAL A 194 -43.87 17.72 -3.56
N GLU A 195 -43.27 17.85 -2.39
CA GLU A 195 -43.75 18.76 -1.32
C GLU A 195 -43.11 20.15 -1.39
N ASN A 196 -41.98 20.30 -2.04
CA ASN A 196 -41.30 21.61 -2.11
C ASN A 196 -40.46 21.62 -3.39
N ASP A 197 -40.16 22.79 -3.94
CA ASP A 197 -39.34 22.85 -5.17
C ASP A 197 -37.95 22.31 -4.84
N GLY A 198 -37.39 21.51 -5.71
CA GLY A 198 -36.08 20.95 -5.40
C GLY A 198 -35.52 20.12 -6.52
N ILE A 199 -34.37 19.53 -6.28
CA ILE A 199 -33.68 18.73 -7.32
C ILE A 199 -33.49 17.29 -6.87
N ILE A 200 -33.52 16.38 -7.83
CA ILE A 200 -33.21 14.96 -7.58
C ILE A 200 -32.04 14.66 -8.51
N ALA A 201 -30.86 14.58 -7.91
CA ALA A 201 -29.59 14.29 -8.60
C ALA A 201 -29.25 12.81 -8.38
N LYS A 202 -28.40 12.28 -9.23
CA LYS A 202 -27.95 10.88 -9.12
C LYS A 202 -27.08 10.67 -7.87
N GLN A 203 -27.15 9.48 -7.28
CA GLN A 203 -26.31 9.08 -6.12
C GLN A 203 -26.53 10.00 -4.90
N LYS A 204 -27.73 10.52 -4.70
CA LYS A 204 -28.02 11.38 -3.53
C LYS A 204 -28.66 10.52 -2.43
N GLY A 205 -28.32 10.81 -1.18
CA GLY A 205 -28.85 10.05 -0.04
C GLY A 205 -30.35 10.16 0.07
N VAL A 206 -31.01 9.07 0.41
CA VAL A 206 -32.49 9.03 0.56
C VAL A 206 -32.81 8.60 2.00
N ASN A 207 -33.67 9.36 2.65
CA ASN A 207 -34.11 9.08 4.03
C ASN A 207 -35.61 8.84 4.04
N ILE A 208 -36.05 7.79 4.70
CA ILE A 208 -37.49 7.49 4.85
C ILE A 208 -37.72 7.35 6.35
N PRO A 209 -37.97 8.48 7.01
CA PRO A 209 -38.16 8.47 8.44
C PRO A 209 -39.33 7.60 8.91
N ASN A 210 -39.18 7.05 10.11
CA ASN A 210 -40.17 6.16 10.77
C ASN A 210 -40.39 4.86 9.99
N THR A 211 -39.34 4.30 9.41
CA THR A 211 -39.43 3.00 8.72
C THR A 211 -38.29 2.15 9.28
N LYS A 212 -38.36 0.84 9.10
CA LYS A 212 -37.34 -0.05 9.68
C LYS A 212 -36.84 -1.01 8.60
N ILE A 213 -36.08 -0.50 7.66
CA ILE A 213 -35.55 -1.35 6.58
C ILE A 213 -34.45 -2.24 7.19
N PRO A 214 -34.54 -3.55 6.99
CA PRO A 214 -33.58 -4.46 7.62
C PRO A 214 -32.26 -4.55 6.86
N PHE A 215 -31.43 -3.54 7.00
CA PHE A 215 -30.14 -3.57 6.28
C PHE A 215 -29.23 -4.68 6.80
N PRO A 216 -28.38 -5.20 5.93
CA PRO A 216 -27.44 -6.29 6.27
C PRO A 216 -26.31 -5.84 7.22
N ALA A 217 -25.58 -6.80 7.79
CA ALA A 217 -24.47 -6.52 8.73
C ALA A 217 -23.36 -5.72 8.04
N LEU A 218 -22.86 -6.17 6.90
CA LEU A 218 -21.88 -5.39 6.11
C LEU A 218 -22.18 -5.74 4.66
N ALA A 219 -22.66 -4.76 3.89
CA ALA A 219 -22.99 -4.97 2.47
C ALA A 219 -21.74 -5.36 1.69
N GLU A 220 -21.87 -6.25 0.71
CA GLU A 220 -20.71 -6.68 -0.09
C GLU A 220 -20.10 -5.45 -0.78
N ARG A 221 -20.93 -4.49 -1.19
CA ARG A 221 -20.42 -3.26 -1.84
C ARG A 221 -19.44 -2.53 -0.91
N ASP A 222 -19.76 -2.44 0.37
CA ASP A 222 -18.89 -1.77 1.38
C ASP A 222 -17.60 -2.60 1.52
N ASN A 223 -17.72 -3.92 1.56
CA ASN A 223 -16.52 -4.79 1.68
C ASN A 223 -15.62 -4.49 0.47
N ASP A 224 -16.20 -4.41 -0.71
CA ASP A 224 -15.39 -4.11 -1.91
C ASP A 224 -14.75 -2.72 -1.86
N ASP A 225 -15.57 -1.72 -1.55
CA ASP A 225 -15.07 -0.33 -1.50
C ASP A 225 -13.95 -0.23 -0.46
N ILE A 226 -14.15 -0.79 0.72
CA ILE A 226 -13.10 -0.70 1.77
C ILE A 226 -11.81 -1.40 1.31
N ARG A 227 -11.94 -2.61 0.75
CA ARG A 227 -10.74 -3.35 0.27
C ARG A 227 -10.07 -2.55 -0.85
N PHE A 228 -10.84 -1.94 -1.72
CA PHE A 228 -10.23 -1.12 -2.79
C PHE A 228 -9.46 0.05 -2.19
N GLY A 229 -10.06 0.73 -1.22
CA GLY A 229 -9.43 1.88 -0.56
C GLY A 229 -8.15 1.51 0.18
N LEU A 230 -8.17 0.40 0.90
CA LEU A 230 -6.99 -0.06 1.67
C LEU A 230 -5.83 -0.33 0.70
N GLU A 231 -6.13 -0.89 -0.47
CA GLU A 231 -5.13 -1.19 -1.53
C GLU A 231 -4.49 0.11 -2.03
N GLN A 232 -5.28 1.17 -2.21
CA GLN A 232 -4.75 2.50 -2.63
C GLN A 232 -3.84 3.07 -1.54
N GLY A 233 -4.20 2.87 -0.27
CA GLY A 233 -3.46 3.38 0.89
C GLY A 233 -4.23 4.51 1.55
N ILE A 234 -4.91 4.22 2.64
CA ILE A 234 -5.69 5.26 3.36
C ILE A 234 -5.29 5.22 4.84
N ASN A 235 -5.61 6.25 5.58
CA ASN A 235 -5.28 6.32 7.01
C ASN A 235 -6.54 6.25 7.85
N PHE A 236 -7.66 6.61 7.26
CA PHE A 236 -8.90 6.61 8.05
C PHE A 236 -10.08 6.11 7.24
N ILE A 237 -11.04 5.58 7.97
CA ILE A 237 -12.34 5.19 7.39
C ILE A 237 -13.45 5.78 8.26
N ALA A 238 -14.36 6.49 7.60
CA ALA A 238 -15.57 6.99 8.27
C ALA A 238 -16.65 6.01 7.83
N ILE A 239 -17.20 5.29 8.79
CA ILE A 239 -18.25 4.27 8.52
C ILE A 239 -19.63 4.93 8.61
N SER A 240 -20.35 4.98 7.50
CA SER A 240 -21.69 5.62 7.49
C SER A 240 -22.74 4.83 8.30
N PHE A 241 -23.63 5.54 8.96
CA PHE A 241 -24.77 4.96 9.69
C PHE A 241 -24.35 3.83 10.65
N VAL A 242 -23.38 4.07 11.53
CA VAL A 242 -23.04 2.99 12.49
C VAL A 242 -24.23 2.86 13.48
N ARG A 243 -24.77 1.66 13.58
CA ARG A 243 -25.95 1.36 14.43
C ARG A 243 -25.51 0.75 15.75
N THR A 244 -24.45 -0.06 15.70
CA THR A 244 -23.89 -0.77 16.89
C THR A 244 -22.39 -0.97 16.74
N ALA A 245 -21.75 -1.44 17.79
CA ALA A 245 -20.30 -1.72 17.78
C ALA A 245 -19.98 -2.75 16.69
N LYS A 246 -20.91 -3.65 16.38
CA LYS A 246 -20.64 -4.70 15.37
C LYS A 246 -20.33 -4.04 14.02
N ASP A 247 -20.96 -2.90 13.74
CA ASP A 247 -20.69 -2.21 12.46
C ASP A 247 -19.21 -1.81 12.41
N VAL A 248 -18.69 -1.30 13.50
CA VAL A 248 -17.25 -0.92 13.58
C VAL A 248 -16.35 -2.15 13.50
N ASN A 249 -16.69 -3.19 14.26
CA ASN A 249 -15.89 -4.44 14.36
C ASN A 249 -15.75 -5.12 13.01
N GLU A 250 -16.79 -5.13 12.19
CA GLU A 250 -16.71 -5.80 10.88
C GLU A 250 -15.66 -5.10 10.01
N VAL A 251 -15.63 -3.78 10.03
CA VAL A 251 -14.65 -3.00 9.24
C VAL A 251 -13.26 -3.25 9.83
N ARG A 252 -13.19 -3.27 11.14
CA ARG A 252 -11.91 -3.47 11.86
C ARG A 252 -11.31 -4.80 11.43
N ALA A 253 -12.13 -5.83 11.29
CA ALA A 253 -11.64 -7.16 10.91
C ALA A 253 -10.95 -7.09 9.54
N ILE A 254 -11.54 -6.39 8.59
CA ILE A 254 -10.97 -6.24 7.23
C ILE A 254 -9.63 -5.47 7.28
N CYS A 255 -9.59 -4.41 8.07
CA CYS A 255 -8.35 -3.61 8.18
C CYS A 255 -7.24 -4.50 8.73
N GLU A 256 -7.55 -5.26 9.78
CA GLU A 256 -6.58 -6.19 10.43
C GLU A 256 -6.16 -7.32 9.49
N GLU A 257 -7.11 -7.96 8.81
CA GLU A 257 -6.85 -9.10 7.92
C GLU A 257 -5.89 -8.71 6.79
N THR A 258 -6.03 -7.51 6.26
CA THR A 258 -5.23 -7.04 5.12
C THR A 258 -3.88 -6.46 5.57
N GLY A 259 -3.58 -6.45 6.85
CA GLY A 259 -2.31 -5.89 7.32
C GLY A 259 -2.33 -4.36 7.38
N ASN A 260 -3.54 -3.79 7.54
CA ASN A 260 -3.85 -2.34 7.62
C ASN A 260 -4.33 -2.00 9.03
N GLY A 261 -3.76 -2.62 10.05
CA GLY A 261 -4.14 -2.43 11.45
C GLY A 261 -3.96 -0.99 11.88
N HIS A 262 -3.12 -0.24 11.18
CA HIS A 262 -2.84 1.18 11.46
C HIS A 262 -4.04 2.08 11.11
N VAL A 263 -4.98 1.61 10.31
CA VAL A 263 -6.12 2.46 9.86
C VAL A 263 -7.07 2.78 11.02
N GLN A 264 -7.47 4.03 11.12
CA GLN A 264 -8.37 4.44 12.22
C GLN A 264 -9.81 4.52 11.72
N LEU A 265 -10.73 4.08 12.56
CA LEU A 265 -12.14 4.04 12.20
C LEU A 265 -12.93 5.10 12.95
N PHE A 266 -13.59 5.96 12.20
CA PHE A 266 -14.47 6.99 12.76
C PHE A 266 -15.91 6.52 12.51
N ALA A 267 -16.64 6.21 13.56
CA ALA A 267 -18.05 5.81 13.38
C ALA A 267 -18.89 7.05 13.05
N LYS A 268 -19.69 7.00 11.99
CA LYS A 268 -20.56 8.16 11.68
C LYS A 268 -21.88 7.94 12.43
N ILE A 269 -22.21 8.82 13.35
CA ILE A 269 -23.50 8.76 14.10
C ILE A 269 -24.51 9.60 13.31
N GLU A 270 -25.46 8.96 12.64
CA GLU A 270 -26.47 9.65 11.82
C GLU A 270 -27.89 9.09 11.98
N ASN A 271 -28.17 8.37 13.06
CA ASN A 271 -29.53 7.82 13.27
C ASN A 271 -29.73 7.54 14.76
N GLN A 272 -30.97 7.26 15.15
CA GLN A 272 -31.32 7.03 16.57
C GLN A 272 -30.61 5.80 17.13
N GLN A 273 -30.44 4.76 16.32
CA GLN A 273 -29.78 3.53 16.78
C GLN A 273 -28.33 3.82 17.18
N GLY A 274 -27.63 4.61 16.38
CA GLY A 274 -26.25 5.01 16.71
C GLY A 274 -26.19 5.83 17.99
N ILE A 275 -27.12 6.76 18.17
CA ILE A 275 -27.17 7.62 19.39
C ILE A 275 -27.41 6.72 20.61
N ASP A 276 -28.35 5.81 20.48
CA ASP A 276 -28.76 4.87 21.56
C ASP A 276 -27.56 4.01 21.94
N ASN A 277 -26.73 3.64 20.97
CA ASN A 277 -25.56 2.73 21.18
C ASN A 277 -24.23 3.50 21.21
N LEU A 278 -24.27 4.79 21.47
CA LEU A 278 -23.06 5.65 21.38
C LEU A 278 -21.90 5.15 22.25
N ASP A 279 -22.14 4.77 23.50
CA ASP A 279 -21.04 4.35 24.39
C ASP A 279 -20.28 3.12 23.84
N GLU A 280 -21.00 2.11 23.38
CA GLU A 280 -20.37 0.90 22.80
C GLU A 280 -19.67 1.25 21.49
N ILE A 281 -20.25 2.18 20.74
CA ILE A 281 -19.65 2.60 19.44
C ILE A 281 -18.32 3.33 19.69
N ILE A 282 -18.31 4.27 20.63
CA ILE A 282 -17.10 5.03 20.96
C ILE A 282 -16.02 4.05 21.43
N GLU A 283 -16.38 3.07 22.22
CA GLU A 283 -15.42 2.08 22.73
C GLU A 283 -14.78 1.28 21.58
N ALA A 284 -15.55 0.88 20.59
CA ALA A 284 -15.07 0.11 19.43
C ALA A 284 -14.25 0.94 18.44
N ALA A 285 -14.60 2.21 18.29
CA ALA A 285 -13.99 3.09 17.27
C ALA A 285 -12.77 3.87 17.78
N ASP A 286 -12.05 4.50 16.85
CA ASP A 286 -10.93 5.43 17.10
C ASP A 286 -11.49 6.86 17.21
N GLY A 287 -12.71 7.04 16.77
CA GLY A 287 -13.32 8.38 16.80
C GLY A 287 -14.75 8.38 16.32
N ILE A 288 -15.35 9.56 16.30
CA ILE A 288 -16.75 9.73 15.85
C ILE A 288 -16.84 10.90 14.87
N MET A 289 -17.60 10.73 13.81
CA MET A 289 -17.90 11.83 12.87
C MET A 289 -19.36 12.22 13.15
N ILE A 290 -19.61 13.45 13.50
CA ILE A 290 -21.00 13.87 13.78
C ILE A 290 -21.60 14.20 12.42
N ALA A 291 -22.26 13.21 11.82
CA ALA A 291 -22.86 13.32 10.47
C ALA A 291 -24.24 13.99 10.58
N ARG A 292 -24.20 15.29 10.81
CA ARG A 292 -25.40 16.11 11.07
C ARG A 292 -26.42 16.07 9.91
N GLY A 293 -25.99 15.88 8.66
CA GLY A 293 -26.97 15.92 7.55
C GLY A 293 -28.04 14.87 7.66
N ASP A 294 -27.66 13.60 7.74
CA ASP A 294 -28.60 12.49 7.99
C ASP A 294 -29.16 12.57 9.40
N MET A 295 -28.36 12.93 10.40
CA MET A 295 -28.85 12.95 11.79
C MET A 295 -30.03 13.92 11.96
N GLY A 296 -29.98 15.07 11.32
CA GLY A 296 -31.01 16.13 11.36
C GLY A 296 -32.34 15.70 10.74
N ILE A 297 -32.32 14.65 9.92
CA ILE A 297 -33.54 14.10 9.27
C ILE A 297 -34.00 12.86 10.04
N GLU A 298 -33.05 12.08 10.54
CA GLU A 298 -33.27 10.80 11.29
C GLU A 298 -33.80 11.08 12.69
N VAL A 299 -33.41 12.20 13.26
CA VAL A 299 -33.82 12.60 14.63
C VAL A 299 -34.36 14.02 14.56
N PRO A 300 -35.07 14.46 15.59
CA PRO A 300 -35.65 15.81 15.57
C PRO A 300 -34.49 16.77 15.35
N PHE A 301 -34.63 17.69 14.40
CA PHE A 301 -33.55 18.63 14.01
C PHE A 301 -33.07 19.46 15.22
N GLU A 302 -33.97 19.81 16.12
CA GLU A 302 -33.65 20.64 17.30
C GLU A 302 -32.75 19.88 18.30
N MET A 303 -32.68 18.57 18.20
CA MET A 303 -31.86 17.77 19.15
C MET A 303 -30.40 17.64 18.69
N VAL A 304 -30.09 17.96 17.44
CA VAL A 304 -28.70 17.77 16.92
C VAL A 304 -27.68 18.55 17.75
N PRO A 305 -27.98 19.79 18.14
CA PRO A 305 -27.04 20.57 18.96
C PRO A 305 -26.80 19.90 20.32
N VAL A 306 -27.84 19.31 20.91
CA VAL A 306 -27.71 18.63 22.22
C VAL A 306 -26.76 17.44 22.04
N TYR A 307 -27.01 16.62 21.03
CA TYR A 307 -26.21 15.43 20.69
C TYR A 307 -24.78 15.83 20.34
N GLN A 308 -24.59 16.92 19.60
CA GLN A 308 -23.24 17.34 19.19
C GLN A 308 -22.37 17.66 20.42
N LYS A 309 -22.88 18.46 21.35
CA LYS A 309 -22.11 18.86 22.55
C LYS A 309 -21.78 17.62 23.38
N MET A 310 -22.77 16.76 23.56
CA MET A 310 -22.62 15.52 24.33
C MET A 310 -21.61 14.56 23.66
N ILE A 311 -21.69 14.36 22.35
CA ILE A 311 -20.74 13.46 21.65
C ILE A 311 -19.31 13.99 21.78
N ILE A 312 -19.13 15.30 21.57
CA ILE A 312 -17.78 15.90 21.64
C ILE A 312 -17.20 15.68 23.03
N LYS A 313 -17.99 15.92 24.07
CA LYS A 313 -17.48 15.71 25.44
C LYS A 313 -17.10 14.24 25.67
N LYS A 314 -17.96 13.31 25.25
CA LYS A 314 -17.71 11.87 25.46
C LYS A 314 -16.47 11.37 24.68
N VAL A 315 -16.34 11.74 23.42
CA VAL A 315 -15.18 11.29 22.60
C VAL A 315 -13.89 11.86 23.19
N ASN A 316 -13.91 13.12 23.58
CA ASN A 316 -12.71 13.76 24.17
C ASN A 316 -12.34 13.05 25.46
N ALA A 317 -13.33 12.71 26.29
CA ALA A 317 -13.10 12.00 27.57
C ALA A 317 -12.44 10.65 27.30
N ALA A 318 -12.80 10.03 26.19
CA ALA A 318 -12.26 8.71 25.78
C ALA A 318 -10.87 8.86 25.16
N GLY A 319 -10.37 10.07 24.98
CA GLY A 319 -9.05 10.29 24.36
C GLY A 319 -9.05 9.94 22.88
N LYS A 320 -10.21 10.08 22.23
CA LYS A 320 -10.45 9.75 20.82
C LYS A 320 -10.71 11.04 20.02
N VAL A 321 -10.88 10.92 18.71
CA VAL A 321 -11.05 12.08 17.80
C VAL A 321 -12.51 12.33 17.43
N VAL A 322 -12.94 13.58 17.45
CA VAL A 322 -14.32 13.91 17.02
C VAL A 322 -14.25 14.94 15.89
N ILE A 323 -15.01 14.68 14.83
CA ILE A 323 -15.14 15.55 13.63
C ILE A 323 -16.58 16.06 13.57
N THR A 324 -16.79 17.36 13.47
CA THR A 324 -18.14 17.95 13.27
C THR A 324 -18.29 18.17 11.77
N ALA A 325 -19.40 17.69 11.21
CA ALA A 325 -19.61 17.75 9.75
C ALA A 325 -20.99 18.25 9.30
N THR A 326 -20.96 18.78 8.08
CA THR A 326 -22.12 19.09 7.24
C THR A 326 -22.72 20.48 7.44
N ASN A 327 -22.79 21.23 6.33
CA ASN A 327 -23.43 22.57 6.23
C ASN A 327 -22.63 23.63 6.98
N MET A 328 -21.39 23.36 7.38
CA MET A 328 -20.61 24.32 8.19
C MET A 328 -20.44 25.68 7.49
N LEU A 329 -20.11 25.69 6.20
CA LEU A 329 -19.98 26.91 5.37
C LEU A 329 -20.77 26.65 4.09
N GLU A 330 -22.00 26.23 4.23
CA GLU A 330 -22.84 25.77 3.09
C GLU A 330 -23.00 26.85 2.02
N THR A 331 -23.20 28.09 2.39
CA THR A 331 -23.42 29.18 1.41
C THR A 331 -22.19 29.36 0.51
N MET A 332 -21.02 28.96 0.96
CA MET A 332 -19.74 29.12 0.22
C MET A 332 -19.64 28.18 -0.97
N THR A 333 -20.63 27.32 -1.14
CA THR A 333 -20.72 26.44 -2.32
C THR A 333 -20.94 27.33 -3.55
N GLU A 334 -21.76 28.36 -3.38
CA GLU A 334 -22.14 29.30 -4.47
C GLU A 334 -21.58 30.71 -4.27
N LYS A 335 -21.23 31.10 -3.04
CA LYS A 335 -20.79 32.49 -2.78
C LYS A 335 -19.42 32.58 -2.11
N PRO A 336 -18.74 33.71 -2.26
CA PRO A 336 -17.42 33.91 -1.68
C PRO A 336 -17.38 34.12 -0.16
N ARG A 337 -18.51 34.42 0.47
CA ARG A 337 -18.58 34.66 1.94
C ARG A 337 -19.71 33.81 2.54
N ALA A 338 -19.48 33.27 3.73
CA ALA A 338 -20.47 32.44 4.45
C ALA A 338 -21.49 33.32 5.17
N THR A 339 -22.64 32.77 5.55
CA THR A 339 -23.67 33.49 6.33
C THR A 339 -23.19 33.66 7.79
N ARG A 340 -23.88 34.51 8.54
CA ARG A 340 -23.55 34.76 9.97
C ARG A 340 -23.77 33.45 10.76
N SER A 341 -24.81 32.71 10.44
CA SER A 341 -25.12 31.45 11.12
C SER A 341 -24.03 30.40 10.83
N GLU A 342 -23.54 30.37 9.60
CA GLU A 342 -22.48 29.41 9.19
C GLU A 342 -21.21 29.71 9.99
N VAL A 343 -20.83 30.98 10.06
CA VAL A 343 -19.62 31.33 10.85
C VAL A 343 -19.83 30.98 12.32
N SER A 344 -21.04 31.18 12.84
CA SER A 344 -21.37 30.90 14.26
C SER A 344 -21.20 29.39 14.51
N ASP A 345 -21.68 28.59 13.57
CA ASP A 345 -21.64 27.11 13.69
C ASP A 345 -20.17 26.65 13.76
N VAL A 346 -19.30 27.13 12.89
CA VAL A 346 -17.89 26.68 12.93
C VAL A 346 -17.24 27.12 14.25
N PHE A 347 -17.49 28.37 14.63
CA PHE A 347 -16.90 28.91 15.89
C PHE A 347 -17.40 28.08 17.07
N ASN A 348 -18.70 27.84 17.16
CA ASN A 348 -19.27 27.08 18.31
C ASN A 348 -18.74 25.63 18.35
N ALA A 349 -18.51 25.01 17.20
CA ALA A 349 -18.00 23.62 17.16
C ALA A 349 -16.62 23.60 17.80
N VAL A 350 -15.77 24.59 17.49
CA VAL A 350 -14.44 24.67 18.12
C VAL A 350 -14.61 24.86 19.64
N ILE A 351 -15.48 25.79 20.05
CA ILE A 351 -15.73 26.09 21.50
C ILE A 351 -16.25 24.83 22.20
N ASP A 352 -17.11 24.07 21.54
CA ASP A 352 -17.66 22.80 22.07
C ASP A 352 -16.52 21.82 22.38
N GLY A 353 -15.37 21.93 21.73
CA GLY A 353 -14.22 21.02 21.91
C GLY A 353 -13.92 20.10 20.72
N THR A 354 -14.43 20.39 19.54
CA THR A 354 -14.16 19.50 18.38
C THR A 354 -12.67 19.41 18.04
N ASP A 355 -12.20 18.22 17.70
CA ASP A 355 -10.82 18.04 17.21
C ASP A 355 -10.74 18.61 15.79
N ALA A 356 -11.81 18.42 15.01
CA ALA A 356 -11.80 18.82 13.60
C ALA A 356 -13.17 19.28 13.10
N THR A 357 -13.15 20.12 12.08
CA THR A 357 -14.33 20.63 11.36
C THR A 357 -14.21 20.14 9.92
N MET A 358 -15.34 19.97 9.25
CA MET A 358 -15.35 19.36 7.91
C MET A 358 -16.09 20.22 6.87
N LEU A 359 -15.66 20.08 5.63
CA LEU A 359 -16.28 20.68 4.43
C LEU A 359 -16.72 19.53 3.53
N SER A 360 -17.92 19.61 3.01
CA SER A 360 -18.44 18.57 2.11
C SER A 360 -18.62 19.17 0.71
N GLY A 361 -19.81 19.62 0.40
CA GLY A 361 -20.10 20.23 -0.90
C GLY A 361 -19.21 21.44 -1.13
N GLU A 362 -18.88 22.17 -0.07
CA GLU A 362 -18.07 23.40 -0.16
C GLU A 362 -16.74 23.10 -0.83
N SER A 363 -16.12 21.97 -0.51
CA SER A 363 -14.82 21.61 -1.12
C SER A 363 -14.98 20.62 -2.28
N ALA A 364 -16.01 19.79 -2.27
CA ALA A 364 -16.11 18.79 -3.36
C ALA A 364 -16.89 19.27 -4.58
N ASN A 365 -17.93 20.05 -4.36
CA ASN A 365 -18.94 20.45 -5.38
C ASN A 365 -19.01 21.95 -5.70
N GLY A 366 -18.48 22.83 -4.87
CA GLY A 366 -18.66 24.28 -5.02
C GLY A 366 -17.73 25.05 -5.94
N LYS A 367 -18.02 26.35 -6.06
CA LYS A 367 -17.24 27.33 -6.85
C LYS A 367 -16.05 27.86 -6.04
N TYR A 368 -16.04 27.69 -4.72
CA TYR A 368 -14.98 28.29 -3.86
C TYR A 368 -14.32 27.27 -2.94
N PRO A 369 -13.78 26.18 -3.49
CA PRO A 369 -13.13 25.18 -2.64
C PRO A 369 -11.93 25.69 -1.83
N LEU A 370 -11.01 26.40 -2.48
CA LEU A 370 -9.84 26.94 -1.76
C LEU A 370 -10.27 27.97 -0.71
N GLU A 371 -11.19 28.86 -1.09
CA GLU A 371 -11.71 29.94 -0.22
C GLU A 371 -12.42 29.32 0.98
N SER A 372 -13.11 28.22 0.73
CA SER A 372 -13.85 27.51 1.79
C SER A 372 -12.86 26.99 2.83
N VAL A 373 -11.75 26.40 2.41
CA VAL A 373 -10.72 25.91 3.36
C VAL A 373 -10.13 27.11 4.10
N THR A 374 -9.79 28.17 3.38
CA THR A 374 -9.17 29.38 3.96
C THR A 374 -10.12 30.01 4.99
N THR A 375 -11.40 30.15 4.66
CA THR A 375 -12.39 30.75 5.58
C THR A 375 -12.53 29.88 6.83
N MET A 376 -12.63 28.58 6.68
CA MET A 376 -12.73 27.70 7.86
C MET A 376 -11.45 27.82 8.70
N ALA A 377 -10.28 27.88 8.08
CA ALA A 377 -9.02 27.98 8.85
C ALA A 377 -9.02 29.26 9.67
N THR A 378 -9.46 30.35 9.07
CA THR A 378 -9.51 31.67 9.72
C THR A 378 -10.46 31.58 10.92
N ILE A 379 -11.66 31.05 10.76
CA ILE A 379 -12.61 30.97 11.91
C ILE A 379 -12.04 30.04 12.99
N ASP A 380 -11.55 28.88 12.59
CA ASP A 380 -10.99 27.90 13.54
C ASP A 380 -9.82 28.54 14.32
N LYS A 381 -8.95 29.27 13.64
CA LYS A 381 -7.81 29.91 14.34
C LYS A 381 -8.29 30.94 15.36
N ASN A 382 -9.30 31.75 15.02
CA ASN A 382 -9.85 32.77 15.96
C ASN A 382 -10.52 32.10 17.16
N ALA A 383 -11.31 31.07 16.92
CA ALA A 383 -12.05 30.33 17.95
C ALA A 383 -11.09 29.70 18.97
N GLN A 384 -9.92 29.23 18.54
CA GLN A 384 -8.94 28.55 19.42
C GLN A 384 -8.47 29.51 20.52
N ALA A 385 -8.39 30.77 20.16
CA ALA A 385 -7.99 31.87 21.06
C ALA A 385 -9.00 32.09 22.18
N LEU A 386 -10.26 31.69 22.01
CA LEU A 386 -11.31 31.89 23.05
C LEU A 386 -11.54 30.62 23.87
N LEU A 387 -10.76 29.57 23.63
CA LEU A 387 -10.98 28.31 24.38
C LEU A 387 -10.81 28.50 25.88
N ASN A 388 -9.83 29.29 26.29
CA ASN A 388 -9.60 29.53 27.74
C ASN A 388 -10.84 30.16 28.37
N GLU A 389 -11.39 31.18 27.73
CA GLU A 389 -12.58 31.87 28.25
C GLU A 389 -13.89 31.06 28.10
N TYR A 390 -14.10 30.39 26.99
CA TYR A 390 -15.43 29.78 26.73
C TYR A 390 -15.40 28.27 26.50
N GLY A 391 -14.22 27.63 26.47
CA GLY A 391 -14.17 26.20 26.15
C GLY A 391 -15.02 25.35 27.08
N ARG A 392 -15.83 24.47 26.51
CA ARG A 392 -16.72 23.52 27.21
C ARG A 392 -15.94 22.37 27.86
N LEU A 393 -14.87 21.89 27.20
CA LEU A 393 -14.08 20.74 27.70
C LEU A 393 -13.45 21.09 29.05
N ASP A 394 -13.39 20.12 29.95
CA ASP A 394 -12.85 20.30 31.32
C ASP A 394 -11.92 19.14 31.65
N SER A 395 -10.62 19.27 31.37
CA SER A 395 -9.62 18.20 31.62
C SER A 395 -9.47 17.91 33.12
N ASP A 396 -9.85 18.87 33.94
CA ASP A 396 -9.74 18.76 35.42
C ASP A 396 -10.59 17.57 35.94
N SER A 397 -11.71 17.26 35.30
CA SER A 397 -12.61 16.17 35.74
C SER A 397 -12.11 14.79 35.33
N PHE A 398 -11.11 14.69 34.46
CA PHE A 398 -10.68 13.36 33.98
C PHE A 398 -9.97 12.53 35.06
N GLU A 399 -10.21 11.23 35.01
CA GLU A 399 -9.41 10.30 35.82
C GLU A 399 -8.15 10.05 34.99
N ARG A 400 -6.98 10.19 35.60
CA ARG A 400 -5.70 9.92 34.90
C ARG A 400 -5.54 8.41 35.05
N ASN A 401 -5.79 7.67 33.98
CA ASN A 401 -5.85 6.19 34.08
C ASN A 401 -4.55 5.46 33.79
N SER A 402 -3.48 6.16 33.45
CA SER A 402 -2.19 5.48 33.18
C SER A 402 -1.04 6.45 33.42
N LYS A 403 0.17 5.94 33.48
CA LYS A 403 1.36 6.79 33.68
C LYS A 403 1.55 7.79 32.53
N THR A 404 1.31 7.39 31.28
CA THR A 404 1.43 8.35 30.15
C THR A 404 0.37 9.47 30.33
N GLU A 405 -0.84 9.13 30.74
CA GLU A 405 -1.92 10.13 30.96
C GLU A 405 -1.53 11.08 32.10
N VAL A 406 -0.90 10.56 33.14
CA VAL A 406 -0.41 11.41 34.28
C VAL A 406 0.61 12.41 33.71
N MET A 407 1.49 11.98 32.81
CA MET A 407 2.47 12.88 32.16
C MET A 407 1.70 13.92 31.33
N ALA A 408 0.66 13.49 30.61
CA ALA A 408 -0.14 14.43 29.81
C ALA A 408 -0.77 15.50 30.72
N SER A 409 -1.29 15.12 31.89
CA SER A 409 -1.90 16.08 32.84
C SER A 409 -0.82 17.06 33.33
N ALA A 410 0.37 16.53 33.64
CA ALA A 410 1.53 17.34 34.10
C ALA A 410 1.96 18.34 33.02
N VAL A 411 1.95 17.93 31.75
CA VAL A 411 2.32 18.82 30.62
C VAL A 411 1.33 19.99 30.55
N LYS A 412 0.02 19.70 30.65
CA LYS A 412 -1.03 20.75 30.62
C LYS A 412 -0.80 21.67 31.82
N ASP A 413 -0.41 21.11 32.96
CA ASP A 413 -0.16 21.95 34.16
C ASP A 413 0.98 22.93 33.87
N ALA A 414 2.05 22.47 33.20
CA ALA A 414 3.19 23.32 32.84
C ALA A 414 2.73 24.45 31.91
N THR A 415 1.90 24.13 30.92
CA THR A 415 1.35 25.12 29.95
C THR A 415 0.44 26.12 30.66
N SER A 416 -0.14 25.75 31.79
CA SER A 416 -1.03 26.65 32.58
C SER A 416 -0.21 27.58 33.48
N SER A 417 0.87 27.04 34.00
CA SER A 417 1.81 27.69 34.94
C SER A 417 2.64 28.78 34.25
N MET A 418 3.02 28.60 32.99
CA MET A 418 3.89 29.58 32.32
C MET A 418 3.65 29.62 30.83
N ASP A 419 4.28 30.56 30.16
CA ASP A 419 4.10 30.71 28.70
C ASP A 419 4.92 29.64 27.99
N ILE A 420 4.25 28.61 27.49
CA ILE A 420 4.95 27.52 26.75
C ILE A 420 4.64 27.66 25.26
N LYS A 421 5.66 27.90 24.46
CA LYS A 421 5.49 28.06 23.01
C LYS A 421 5.09 26.76 22.31
N LEU A 422 5.69 25.65 22.73
CA LEU A 422 5.44 24.36 22.07
C LEU A 422 5.63 23.19 23.03
N VAL A 423 4.86 22.14 22.81
CA VAL A 423 5.02 20.87 23.54
C VAL A 423 5.56 19.88 22.49
N VAL A 424 6.67 19.22 22.79
CA VAL A 424 7.24 18.25 21.82
C VAL A 424 7.22 16.85 22.45
N THR A 425 6.69 15.89 21.71
CA THR A 425 6.63 14.50 22.20
C THR A 425 7.36 13.59 21.20
N LEU A 426 8.26 12.76 21.68
CA LEU A 426 8.89 11.76 20.78
C LEU A 426 8.05 10.50 20.99
N THR A 427 7.21 10.17 20.02
CA THR A 427 6.24 9.07 20.18
C THR A 427 6.36 8.04 19.04
N LYS A 428 6.58 6.78 19.37
CA LYS A 428 6.68 5.72 18.34
C LYS A 428 5.32 5.47 17.66
N THR A 429 4.25 5.37 18.44
CA THR A 429 2.88 5.07 17.94
C THR A 429 1.89 6.26 17.98
N GLY A 430 2.27 7.38 18.55
CA GLY A 430 1.40 8.56 18.70
C GLY A 430 0.55 8.54 19.98
N HIS A 431 0.70 7.52 20.81
CA HIS A 431 -0.14 7.40 22.04
C HIS A 431 0.05 8.61 22.95
N THR A 432 1.29 9.01 23.18
CA THR A 432 1.61 10.16 24.05
C THR A 432 0.97 11.44 23.46
N ALA A 433 1.05 11.60 22.15
CA ALA A 433 0.48 12.76 21.44
C ALA A 433 -1.05 12.75 21.57
N ARG A 434 -1.65 11.58 21.50
CA ARG A 434 -3.11 11.50 21.64
C ARG A 434 -3.48 11.95 23.06
N LEU A 435 -2.75 11.45 24.05
CA LEU A 435 -3.02 11.82 25.47
C LEU A 435 -2.75 13.30 25.71
N ILE A 436 -1.67 13.83 25.18
CA ILE A 436 -1.42 15.28 25.37
C ILE A 436 -2.56 16.08 24.72
N SER A 437 -2.95 15.72 23.50
CA SER A 437 -4.03 16.39 22.73
C SER A 437 -5.35 16.28 23.50
N LYS A 438 -5.60 15.17 24.16
CA LYS A 438 -6.86 14.97 24.91
C LYS A 438 -6.97 16.10 25.94
N TYR A 439 -5.86 16.43 26.58
CA TYR A 439 -5.77 17.44 27.66
C TYR A 439 -5.93 18.89 27.18
N ARG A 440 -5.89 19.14 25.87
CA ARG A 440 -6.08 20.51 25.32
C ARG A 440 -5.11 21.50 25.97
N PRO A 441 -3.81 21.28 25.85
CA PRO A 441 -2.85 22.20 26.46
C PRO A 441 -2.84 23.58 25.77
N ASN A 442 -2.37 24.63 26.47
CA ASN A 442 -2.29 25.98 25.83
C ASN A 442 -0.97 26.06 25.07
N ALA A 443 -0.83 25.22 24.05
CA ALA A 443 0.38 25.20 23.21
C ALA A 443 0.16 24.25 22.03
N ASP A 444 0.93 24.45 20.98
CA ASP A 444 0.92 23.53 19.83
C ASP A 444 1.65 22.26 20.30
N ILE A 445 1.36 21.14 19.67
CA ILE A 445 1.98 19.85 20.04
C ILE A 445 2.75 19.31 18.83
N LEU A 446 4.08 19.32 18.93
CA LEU A 446 4.89 18.78 17.84
C LEU A 446 5.10 17.29 18.15
N ALA A 447 4.53 16.45 17.31
CA ALA A 447 4.66 14.99 17.49
C ALA A 447 5.78 14.47 16.57
N LEU A 448 6.93 14.19 17.15
CA LEU A 448 8.09 13.61 16.42
C LEU A 448 7.91 12.09 16.43
N THR A 449 7.63 11.53 15.26
CA THR A 449 7.40 10.10 15.03
C THR A 449 8.36 9.58 13.95
N PHE A 450 8.52 8.25 13.89
CA PHE A 450 9.54 7.56 13.07
C PHE A 450 9.01 6.81 11.84
N ASP A 451 7.73 6.92 11.54
CA ASP A 451 7.13 6.29 10.33
C ASP A 451 5.98 7.16 9.81
N GLU A 452 5.75 7.13 8.52
CA GLU A 452 4.71 7.93 7.82
C GLU A 452 3.30 7.54 8.22
N LEU A 453 3.08 6.29 8.58
CA LEU A 453 1.73 5.82 8.96
C LEU A 453 1.35 6.47 10.29
N THR A 454 2.27 6.46 11.23
CA THR A 454 1.99 7.14 12.52
C THR A 454 1.80 8.63 12.24
N GLU A 455 2.64 9.21 11.38
CA GLU A 455 2.60 10.66 11.10
C GLU A 455 1.23 11.08 10.52
N ARG A 456 0.77 10.43 9.46
CA ARG A 456 -0.54 10.73 8.82
C ARG A 456 -1.67 10.43 9.82
N GLY A 457 -1.47 9.43 10.66
CA GLY A 457 -2.43 8.94 11.65
C GLY A 457 -2.79 9.97 12.70
N LEU A 458 -1.93 10.94 12.95
CA LEU A 458 -2.14 11.97 14.00
C LEU A 458 -2.73 13.27 13.45
N MET A 459 -2.96 13.34 12.16
CA MET A 459 -3.36 14.57 11.46
C MET A 459 -4.73 15.13 11.86
N LEU A 460 -5.57 14.35 12.52
CA LEU A 460 -6.90 14.87 12.93
C LEU A 460 -6.98 15.09 14.45
N ASN A 461 -5.90 14.83 15.17
CA ASN A 461 -5.86 15.10 16.61
C ASN A 461 -5.71 16.60 16.85
N TRP A 462 -6.45 17.12 17.81
CA TRP A 462 -6.42 18.57 18.12
C TRP A 462 -5.01 19.03 18.48
N GLY A 463 -4.56 20.09 17.83
CA GLY A 463 -3.28 20.77 18.12
C GLY A 463 -2.03 19.98 17.76
N VAL A 464 -2.14 18.80 17.15
CA VAL A 464 -0.93 18.00 16.88
C VAL A 464 -0.30 18.33 15.51
N ILE A 465 0.99 18.65 15.54
CA ILE A 465 1.78 18.87 14.32
C ILE A 465 2.68 17.64 14.16
N PRO A 466 2.26 16.70 13.34
CA PRO A 466 3.05 15.48 13.16
C PRO A 466 4.31 15.79 12.33
N MET A 467 5.44 15.25 12.74
CA MET A 467 6.71 15.46 12.03
C MET A 467 7.54 14.17 12.04
N LEU A 468 7.97 13.75 10.86
CA LEU A 468 8.79 12.52 10.69
C LEU A 468 10.24 12.77 11.07
N THR A 469 10.83 11.89 11.85
CA THR A 469 12.24 11.98 12.28
C THR A 469 12.81 10.57 12.37
N ASP A 470 14.13 10.44 12.46
CA ASP A 470 14.78 9.11 12.59
C ASP A 470 14.52 8.59 14.00
N ALA A 471 14.35 7.29 14.16
CA ALA A 471 14.12 6.78 15.52
C ALA A 471 15.41 7.00 16.32
N PRO A 472 15.30 7.60 17.49
CA PRO A 472 16.48 7.87 18.29
C PRO A 472 17.18 6.60 18.79
N SER A 473 18.50 6.63 18.77
CA SER A 473 19.37 5.55 19.29
C SER A 473 19.54 5.80 20.79
N SER A 474 20.16 4.87 21.51
CA SER A 474 20.38 5.02 22.97
C SER A 474 21.49 6.03 23.27
N THR A 475 22.26 6.45 22.27
CA THR A 475 23.33 7.43 22.48
C THR A 475 22.88 8.83 22.03
N ASP A 476 21.67 8.96 21.55
CA ASP A 476 21.16 10.27 21.06
C ASP A 476 20.64 11.14 22.20
N ASP A 477 20.74 12.45 22.05
CA ASP A 477 20.16 13.36 23.05
C ASP A 477 18.78 13.71 22.48
N MET A 478 17.73 13.10 23.01
CA MET A 478 16.35 13.31 22.51
C MET A 478 15.89 14.77 22.74
N PHE A 479 16.35 15.39 23.81
CA PHE A 479 15.98 16.80 24.13
C PHE A 479 16.55 17.76 23.09
N GLU A 480 17.78 17.49 22.69
CA GLU A 480 18.47 18.28 21.65
C GLU A 480 17.76 18.10 20.31
N ILE A 481 17.40 16.87 19.99
CA ILE A 481 16.70 16.61 18.69
C ILE A 481 15.39 17.38 18.69
N ALA A 482 14.66 17.36 19.80
CA ALA A 482 13.35 18.02 19.87
C ALA A 482 13.51 19.50 19.58
N GLU A 483 14.49 20.14 20.19
CA GLU A 483 14.70 21.59 19.98
C GLU A 483 15.08 21.84 18.52
N ARG A 484 15.99 21.03 17.99
CA ARG A 484 16.45 21.19 16.59
C ARG A 484 15.28 21.01 15.64
N LYS A 485 14.46 19.99 15.84
CA LYS A 485 13.30 19.79 14.93
C LYS A 485 12.32 20.96 15.02
N ALA A 486 12.06 21.46 16.21
CA ALA A 486 11.13 22.60 16.41
C ALA A 486 11.68 23.85 15.71
N VAL A 487 12.99 24.04 15.83
CA VAL A 487 13.69 25.20 15.21
C VAL A 487 13.64 25.11 13.68
N GLU A 488 13.95 23.94 13.13
CA GLU A 488 13.93 23.71 11.67
C GLU A 488 12.50 23.90 11.15
N ALA A 489 11.52 23.51 11.96
CA ALA A 489 10.10 23.66 11.62
C ALA A 489 9.73 25.13 11.62
N GLY A 490 10.52 25.99 12.25
CA GLY A 490 10.14 27.40 12.33
C GLY A 490 9.05 27.61 13.36
N LEU A 491 8.93 26.67 14.29
CA LEU A 491 7.88 26.71 15.34
C LEU A 491 8.34 27.50 16.56
N VAL A 492 9.64 27.54 16.79
CA VAL A 492 10.19 28.24 17.97
C VAL A 492 11.46 29.00 17.58
N GLU A 493 11.84 29.97 18.40
CA GLU A 493 13.05 30.79 18.23
C GLU A 493 13.75 31.00 19.57
N SER A 494 14.94 31.54 19.53
CA SER A 494 15.77 31.70 20.76
C SER A 494 14.96 32.37 21.87
N GLY A 495 15.04 31.80 23.05
CA GLY A 495 14.37 32.32 24.25
C GLY A 495 12.98 31.75 24.48
N ASP A 496 12.44 31.03 23.50
CA ASP A 496 11.13 30.39 23.66
C ASP A 496 11.26 29.25 24.70
N ASP A 497 10.21 29.03 25.47
CA ASP A 497 10.19 27.94 26.48
C ASP A 497 9.35 26.81 25.88
N ILE A 498 9.86 25.59 25.97
CA ILE A 498 9.17 24.41 25.40
C ILE A 498 9.16 23.28 26.44
N VAL A 499 8.16 22.43 26.35
CA VAL A 499 8.07 21.25 27.23
C VAL A 499 8.34 20.06 26.32
N ILE A 500 9.27 19.21 26.69
CA ILE A 500 9.60 18.01 25.87
C ILE A 500 9.34 16.75 26.70
N VAL A 501 8.66 15.78 26.12
CA VAL A 501 8.41 14.47 26.79
C VAL A 501 9.02 13.35 25.92
N ALA A 502 9.49 12.30 26.56
CA ALA A 502 10.11 11.13 25.91
C ALA A 502 10.17 9.95 26.87
N GLY A 503 10.42 8.77 26.33
CA GLY A 503 10.64 7.57 27.13
C GLY A 503 12.13 7.39 27.20
N VAL A 504 12.72 7.66 28.35
CA VAL A 504 14.21 7.57 28.46
C VAL A 504 14.61 6.60 29.57
N PRO A 505 15.68 5.85 29.32
CA PRO A 505 16.42 5.88 28.06
C PRO A 505 15.82 4.99 26.97
N VAL A 506 16.12 5.23 25.70
CA VAL A 506 15.58 4.34 24.66
C VAL A 506 16.11 2.92 24.91
N GLY A 507 15.22 1.93 24.93
CA GLY A 507 15.58 0.52 25.12
C GLY A 507 15.38 0.05 26.54
N GLU A 508 15.25 0.95 27.48
CA GLU A 508 14.97 0.56 28.88
C GLU A 508 13.56 1.04 29.20
N ALA A 509 13.20 2.21 28.67
CA ALA A 509 11.90 2.84 28.92
C ALA A 509 10.76 2.01 28.34
N VAL A 510 9.75 1.76 29.14
CA VAL A 510 8.53 1.05 28.66
C VAL A 510 7.47 2.06 28.22
N ARG A 511 7.64 3.34 28.54
CA ARG A 511 6.64 4.38 28.16
C ARG A 511 7.24 5.77 28.32
N THR A 512 6.53 6.79 27.83
CA THR A 512 6.96 8.18 28.05
C THR A 512 6.99 8.33 29.57
N ASN A 513 8.15 8.63 30.12
CA ASN A 513 8.38 8.69 31.58
C ASN A 513 9.06 10.00 31.98
N THR A 514 9.43 10.83 31.02
CA THR A 514 10.21 12.05 31.30
C THR A 514 9.64 13.34 30.68
N MET A 515 9.65 14.42 31.46
CA MET A 515 9.23 15.78 31.04
C MET A 515 10.41 16.72 31.31
N ARG A 516 10.78 17.51 30.32
CA ARG A 516 11.89 18.49 30.38
C ARG A 516 11.33 19.86 29.99
N ILE A 517 11.66 20.90 30.76
CA ILE A 517 11.30 22.30 30.42
C ILE A 517 12.62 22.89 29.89
N ARG A 518 12.62 23.32 28.64
CA ARG A 518 13.88 23.78 28.01
C ARG A 518 13.72 25.12 27.30
N THR A 519 14.74 25.95 27.42
CA THR A 519 14.74 27.26 26.76
C THR A 519 15.51 27.14 25.45
N VAL A 520 14.90 27.52 24.35
CA VAL A 520 15.51 27.44 22.99
C VAL A 520 16.75 28.33 22.94
N ARG A 521 17.89 27.75 22.55
CA ARG A 521 19.18 28.47 22.41
C ARG A 521 19.06 29.59 21.37
N MET B 21 2.41 -34.96 -2.71
CA MET B 21 3.35 -34.35 -1.74
C MET B 21 3.46 -32.85 -2.01
N ASN B 22 3.53 -32.05 -0.96
CA ASN B 22 3.67 -30.57 -1.01
C ASN B 22 5.15 -30.24 -1.26
N LYS B 23 5.46 -29.21 -2.07
CA LYS B 23 6.87 -28.86 -2.36
C LYS B 23 7.42 -27.94 -1.26
N ARG B 24 8.31 -28.46 -0.42
CA ARG B 24 8.91 -27.69 0.70
C ARG B 24 9.87 -26.59 0.24
N VAL B 25 10.68 -26.86 -0.76
CA VAL B 25 11.65 -25.85 -1.27
C VAL B 25 10.89 -24.82 -2.11
N LYS B 26 11.01 -23.55 -1.75
CA LYS B 26 10.28 -22.43 -2.40
C LYS B 26 10.89 -22.02 -3.73
N ILE B 27 10.04 -21.54 -4.63
CA ILE B 27 10.52 -21.09 -5.96
C ILE B 27 10.26 -19.59 -6.13
N VAL B 28 11.29 -18.90 -6.56
CA VAL B 28 11.24 -17.46 -6.91
C VAL B 28 11.31 -17.44 -8.43
N ALA B 29 10.29 -16.88 -9.06
CA ALA B 29 10.26 -16.80 -10.53
C ALA B 29 10.33 -15.33 -10.95
N THR B 30 11.29 -15.02 -11.80
CA THR B 30 11.49 -13.66 -12.30
C THR B 30 10.47 -13.43 -13.41
N LEU B 31 9.67 -12.39 -13.28
CA LEU B 31 8.69 -12.11 -14.35
C LEU B 31 9.30 -11.21 -15.43
N GLY B 32 8.65 -11.15 -16.58
CA GLY B 32 9.11 -10.37 -17.74
C GLY B 32 8.16 -10.53 -18.91
N PRO B 33 8.56 -10.14 -20.10
CA PRO B 33 7.69 -10.26 -21.27
C PRO B 33 7.30 -11.70 -21.63
N ALA B 34 8.08 -12.68 -21.18
CA ALA B 34 7.86 -14.08 -21.55
C ALA B 34 6.44 -14.50 -21.19
N VAL B 35 5.90 -14.08 -20.07
CA VAL B 35 4.53 -14.53 -19.69
C VAL B 35 3.49 -13.50 -20.16
N GLU B 36 3.94 -12.46 -20.83
CA GLU B 36 3.02 -11.36 -21.21
C GLU B 36 2.47 -11.48 -22.63
N ILE B 37 1.18 -11.22 -22.74
CA ILE B 37 0.48 -11.23 -24.06
C ILE B 37 0.20 -9.77 -24.39
N ARG B 38 0.55 -9.34 -25.60
CA ARG B 38 0.31 -7.95 -26.04
C ARG B 38 -0.60 -8.00 -27.27
N GLY B 39 -1.85 -7.57 -27.14
CA GLY B 39 -2.77 -7.58 -28.28
C GLY B 39 -2.77 -8.94 -28.97
N GLY B 40 -2.98 -10.02 -28.22
CA GLY B 40 -3.01 -11.36 -28.82
C GLY B 40 -1.67 -11.84 -29.35
N LYS B 41 -0.57 -11.19 -28.98
CA LYS B 41 0.77 -11.60 -29.47
C LYS B 41 1.62 -12.16 -28.31
N LYS B 42 2.38 -13.22 -28.56
CA LYS B 42 3.26 -13.83 -27.54
C LYS B 42 4.66 -13.28 -27.71
N PHE B 43 5.48 -13.36 -26.66
CA PHE B 43 6.87 -12.85 -26.72
C PHE B 43 7.59 -13.57 -27.85
N GLY B 44 8.31 -12.81 -28.68
CA GLY B 44 9.02 -13.37 -29.83
C GLY B 44 8.26 -13.23 -31.15
N GLU B 45 7.12 -12.53 -31.14
CA GLU B 45 6.25 -12.30 -32.34
C GLU B 45 6.31 -10.83 -32.78
N ASP B 46 6.30 -10.59 -34.09
CA ASP B 46 6.50 -9.21 -34.62
C ASP B 46 5.44 -8.22 -34.14
N GLY B 47 5.92 -7.01 -33.79
CA GLY B 47 5.06 -5.91 -33.33
C GLY B 47 4.51 -6.10 -31.94
N TYR B 48 5.09 -7.05 -31.20
CA TYR B 48 4.62 -7.36 -29.82
C TYR B 48 4.72 -6.12 -28.98
N TRP B 49 5.84 -5.42 -29.01
CA TRP B 49 6.06 -4.22 -28.16
C TRP B 49 5.21 -3.02 -28.59
N GLY B 50 4.71 -3.04 -29.81
CA GLY B 50 3.87 -1.93 -30.30
C GLY B 50 2.41 -2.19 -30.02
N GLU B 51 2.14 -3.20 -29.20
CA GLU B 51 0.74 -3.61 -28.91
C GLU B 51 0.41 -3.33 -27.45
N LYS B 52 -0.86 -3.12 -27.13
CA LYS B 52 -1.23 -2.85 -25.71
C LYS B 52 -1.01 -4.15 -24.94
N LEU B 53 -0.81 -4.05 -23.62
CA LEU B 53 -0.64 -5.26 -22.78
C LEU B 53 -2.03 -5.85 -22.56
N ASP B 54 -2.17 -7.13 -22.86
CA ASP B 54 -3.45 -7.82 -22.61
C ASP B 54 -3.34 -8.25 -21.14
N VAL B 55 -3.88 -7.44 -20.24
CA VAL B 55 -3.78 -7.67 -18.79
C VAL B 55 -4.43 -8.99 -18.36
N GLU B 56 -5.65 -9.24 -18.83
CA GLU B 56 -6.36 -10.48 -18.42
C GLU B 56 -5.65 -11.72 -18.98
N ALA B 57 -5.27 -11.70 -20.26
CA ALA B 57 -4.55 -12.83 -20.84
C ALA B 57 -3.19 -13.00 -20.16
N SER B 58 -2.51 -11.90 -19.84
CA SER B 58 -1.19 -11.97 -19.16
C SER B 58 -1.37 -12.54 -17.75
N ALA B 59 -2.43 -12.11 -17.07
CA ALA B 59 -2.75 -12.57 -15.70
C ALA B 59 -3.01 -14.06 -15.72
N LYS B 60 -3.69 -14.54 -16.75
CA LYS B 60 -4.02 -15.98 -16.86
C LYS B 60 -2.73 -16.79 -16.96
N ASN B 61 -1.78 -16.33 -17.74
CA ASN B 61 -0.49 -17.03 -17.92
C ASN B 61 0.25 -17.10 -16.59
N ILE B 62 0.26 -15.99 -15.88
CA ILE B 62 0.92 -15.86 -14.56
C ILE B 62 0.24 -16.77 -13.55
N ALA B 63 -1.09 -16.91 -13.62
CA ALA B 63 -1.84 -17.76 -12.69
C ALA B 63 -1.33 -19.20 -12.80
N LYS B 64 -1.00 -19.63 -14.01
CA LYS B 64 -0.48 -21.00 -14.23
C LYS B 64 0.85 -21.15 -13.50
N LEU B 65 1.69 -20.12 -13.56
CA LEU B 65 2.99 -20.20 -12.85
C LEU B 65 2.72 -20.35 -11.33
N ILE B 66 1.73 -19.67 -10.79
CA ILE B 66 1.40 -19.76 -9.34
C ILE B 66 0.95 -21.20 -9.04
N GLU B 67 0.08 -21.73 -9.90
CA GLU B 67 -0.48 -23.10 -9.77
C GLU B 67 0.65 -24.13 -9.83
N ALA B 68 1.62 -23.94 -10.71
CA ALA B 68 2.78 -24.84 -10.91
C ALA B 68 3.77 -24.81 -9.74
N GLY B 69 3.67 -23.84 -8.83
CA GLY B 69 4.57 -23.81 -7.67
C GLY B 69 5.43 -22.57 -7.47
N ALA B 70 5.19 -21.47 -8.19
CA ALA B 70 5.98 -20.25 -7.93
C ALA B 70 5.46 -19.67 -6.60
N ASN B 71 6.33 -19.43 -5.64
CA ASN B 71 5.91 -18.93 -4.30
C ASN B 71 6.07 -17.42 -4.21
N THR B 72 6.96 -16.88 -5.03
CA THR B 72 7.24 -15.43 -5.05
C THR B 72 7.70 -15.04 -6.44
N PHE B 73 7.26 -13.88 -6.92
CA PHE B 73 7.66 -13.30 -8.23
C PHE B 73 8.69 -12.17 -8.00
N ARG B 74 9.71 -12.19 -8.84
CA ARG B 74 10.84 -11.24 -8.75
C ARG B 74 10.73 -10.19 -9.85
N PHE B 75 10.75 -8.91 -9.46
CA PHE B 75 10.68 -7.75 -10.38
C PHE B 75 12.07 -7.10 -10.41
N ASN B 76 12.76 -7.26 -11.53
CA ASN B 76 14.14 -6.74 -11.67
C ASN B 76 14.13 -5.28 -12.14
N PHE B 77 14.37 -4.35 -11.21
CA PHE B 77 14.36 -2.90 -11.51
C PHE B 77 15.52 -2.47 -12.41
N SER B 78 16.48 -3.36 -12.65
CA SER B 78 17.61 -3.08 -13.57
C SER B 78 17.06 -3.00 -15.00
N HIS B 79 15.87 -3.55 -15.18
CA HIS B 79 15.22 -3.64 -16.50
C HIS B 79 13.96 -2.79 -16.60
N GLY B 80 13.81 -2.14 -17.74
CA GLY B 80 12.64 -1.35 -18.13
C GLY B 80 12.46 -0.08 -17.33
N ASP B 81 11.23 0.17 -16.88
CA ASP B 81 10.92 1.43 -16.16
C ASP B 81 9.81 1.25 -15.13
N HIS B 82 9.54 2.28 -14.35
CA HIS B 82 8.51 2.19 -13.28
C HIS B 82 7.16 1.81 -13.88
N GLN B 83 6.80 2.35 -15.03
CA GLN B 83 5.49 2.00 -15.62
C GLN B 83 5.42 0.51 -15.93
N GLU B 84 6.46 -0.04 -16.55
CA GLU B 84 6.45 -1.49 -16.89
C GLU B 84 6.39 -2.32 -15.60
N GLN B 85 7.20 -1.98 -14.61
CA GLN B 85 7.26 -2.71 -13.32
C GLN B 85 5.92 -2.63 -12.60
N GLY B 86 5.33 -1.44 -12.51
CA GLY B 86 4.03 -1.20 -11.85
C GLY B 86 2.90 -1.93 -12.53
N GLU B 87 2.87 -1.92 -13.85
CA GLU B 87 1.83 -2.64 -14.64
C GLU B 87 1.97 -4.16 -14.44
N ARG B 88 3.20 -4.66 -14.43
CA ARG B 88 3.45 -6.11 -14.22
C ARG B 88 2.97 -6.50 -12.82
N MET B 89 3.29 -5.71 -11.81
CA MET B 89 2.86 -5.99 -10.42
C MET B 89 1.32 -6.01 -10.33
N ALA B 90 0.63 -5.08 -10.99
CA ALA B 90 -0.85 -5.09 -11.02
C ALA B 90 -1.34 -6.35 -11.73
N THR B 91 -0.68 -6.77 -12.79
CA THR B 91 -1.12 -8.00 -13.48
C THR B 91 -1.02 -9.20 -12.52
N VAL B 92 0.04 -9.24 -11.71
CA VAL B 92 0.23 -10.34 -10.74
C VAL B 92 -0.90 -10.31 -9.71
N LYS B 93 -1.35 -9.15 -9.25
CA LYS B 93 -2.44 -9.07 -8.25
C LYS B 93 -3.72 -9.70 -8.83
N LEU B 94 -3.95 -9.48 -10.11
CA LEU B 94 -5.06 -10.10 -10.87
C LEU B 94 -4.84 -11.62 -10.97
N ALA B 95 -3.61 -12.04 -11.25
CA ALA B 95 -3.27 -13.49 -11.35
C ALA B 95 -3.56 -14.22 -10.03
N GLU B 96 -3.35 -13.55 -8.90
CA GLU B 96 -3.60 -14.13 -7.57
C GLU B 96 -5.11 -14.40 -7.44
N LYS B 97 -5.93 -13.50 -7.96
CA LYS B 97 -7.40 -13.65 -7.94
C LYS B 97 -7.83 -14.83 -8.82
N ILE B 98 -7.29 -14.92 -10.03
CA ILE B 98 -7.62 -16.03 -10.96
C ILE B 98 -7.18 -17.38 -10.36
N ALA B 99 -6.01 -17.45 -9.74
CA ALA B 99 -5.52 -18.72 -9.17
C ALA B 99 -6.13 -19.03 -7.81
N GLY B 100 -6.67 -18.05 -7.10
CA GLY B 100 -7.18 -18.30 -5.76
C GLY B 100 -6.02 -18.57 -4.80
N LYS B 101 -4.81 -18.18 -5.19
CA LYS B 101 -3.60 -18.40 -4.36
C LYS B 101 -2.73 -17.15 -4.33
N LYS B 102 -2.20 -16.78 -3.17
CA LYS B 102 -1.35 -15.58 -3.01
C LYS B 102 0.13 -15.93 -3.20
N VAL B 103 0.90 -14.97 -3.68
CA VAL B 103 2.36 -15.16 -3.87
C VAL B 103 3.08 -13.96 -3.22
N GLY B 104 4.37 -14.11 -2.96
CA GLY B 104 5.16 -12.97 -2.47
C GLY B 104 5.57 -12.07 -3.62
N PHE B 105 5.81 -10.80 -3.34
CA PHE B 105 6.30 -9.81 -4.33
C PHE B 105 7.71 -9.38 -3.91
N LEU B 106 8.68 -9.64 -4.76
CA LEU B 106 10.10 -9.32 -4.49
C LEU B 106 10.64 -8.32 -5.52
N LEU B 107 11.25 -7.24 -5.02
CA LEU B 107 11.87 -6.19 -5.85
C LEU B 107 13.39 -6.35 -5.82
N ASP B 108 13.99 -6.38 -7.00
CA ASP B 108 15.45 -6.55 -7.09
C ASP B 108 16.03 -5.20 -7.53
N THR B 109 16.83 -4.60 -6.67
CA THR B 109 17.45 -3.26 -6.87
C THR B 109 18.60 -3.30 -7.90
N LYS B 110 18.92 -2.16 -8.50
CA LYS B 110 20.09 -2.04 -9.40
C LYS B 110 21.38 -2.20 -8.59
N GLY B 111 21.52 -1.42 -7.51
CA GLY B 111 22.70 -1.48 -6.64
C GLY B 111 23.91 -0.77 -7.21
N PRO B 112 25.09 -0.92 -6.60
CA PRO B 112 26.31 -0.27 -7.09
C PRO B 112 26.85 -1.13 -8.25
N GLU B 113 26.21 -0.97 -9.39
CA GLU B 113 26.46 -1.80 -10.60
C GLU B 113 26.65 -0.92 -11.84
N ILE B 114 27.09 -1.58 -12.90
CA ILE B 114 27.26 -0.98 -14.24
C ILE B 114 26.31 -1.75 -15.16
N ARG B 115 25.56 -1.03 -15.96
CA ARG B 115 24.63 -1.65 -16.92
C ARG B 115 24.85 -1.01 -18.29
N THR B 116 24.67 -1.75 -19.37
CA THR B 116 24.75 -1.16 -20.72
C THR B 116 23.56 -0.21 -20.89
N GLU B 117 23.71 0.83 -21.70
CA GLU B 117 22.67 1.85 -21.94
C GLU B 117 21.64 1.37 -22.95
N LEU B 118 20.59 2.18 -23.15
CA LEU B 118 19.62 1.91 -24.22
C LEU B 118 20.38 2.21 -25.51
N PHE B 119 19.93 1.69 -26.63
CA PHE B 119 20.61 2.00 -27.90
C PHE B 119 19.79 3.05 -28.64
N GLU B 120 20.45 3.83 -29.50
CA GLU B 120 19.76 4.82 -30.34
C GLU B 120 18.95 4.05 -31.38
N GLY B 121 17.78 4.55 -31.75
CA GLY B 121 16.96 3.88 -32.77
C GLY B 121 16.17 2.73 -32.21
N GLU B 122 16.19 2.58 -30.88
CA GLU B 122 15.42 1.52 -30.18
C GLU B 122 15.88 0.11 -30.58
N ALA B 123 17.07 -0.06 -31.18
CA ALA B 123 17.55 -1.43 -31.45
C ALA B 123 17.70 -2.02 -30.05
N LYS B 124 17.39 -3.29 -29.83
CA LYS B 124 17.51 -3.79 -28.45
C LYS B 124 18.87 -4.45 -28.20
N GLU B 125 19.55 -4.88 -29.26
CA GLU B 125 20.85 -5.55 -29.14
C GLU B 125 21.56 -5.63 -30.50
N TYR B 126 22.81 -6.00 -30.44
CA TYR B 126 23.67 -6.23 -31.62
C TYR B 126 24.53 -7.45 -31.33
N SER B 127 24.86 -8.21 -32.35
CA SER B 127 25.73 -9.40 -32.19
C SER B 127 27.11 -9.04 -32.71
N TYR B 128 28.16 -9.59 -32.13
CA TYR B 128 29.57 -9.26 -32.46
C TYR B 128 30.39 -10.54 -32.62
N LYS B 129 31.45 -10.47 -33.41
CA LYS B 129 32.31 -11.65 -33.65
C LYS B 129 33.67 -11.44 -33.01
N THR B 130 34.35 -12.52 -32.69
CA THR B 130 35.70 -12.47 -32.09
C THR B 130 36.60 -11.63 -33.00
N GLY B 131 37.42 -10.77 -32.41
CA GLY B 131 38.41 -9.91 -33.09
C GLY B 131 37.88 -8.55 -33.53
N GLU B 132 36.58 -8.36 -33.53
CA GLU B 132 35.92 -7.09 -33.90
C GLU B 132 36.36 -5.99 -32.91
N LYS B 133 36.59 -4.77 -33.41
CA LYS B 133 37.05 -3.64 -32.59
C LYS B 133 35.93 -2.61 -32.47
N ILE B 134 35.56 -2.29 -31.25
CA ILE B 134 34.49 -1.29 -30.96
C ILE B 134 34.96 -0.44 -29.80
N ARG B 135 34.10 0.44 -29.31
CA ARG B 135 34.45 1.35 -28.21
C ARG B 135 33.41 1.31 -27.09
N VAL B 136 33.84 1.67 -25.90
CA VAL B 136 32.95 1.76 -24.71
C VAL B 136 33.10 3.18 -24.16
N ALA B 137 32.02 3.94 -24.18
CA ALA B 137 31.98 5.32 -23.67
C ALA B 137 31.89 5.35 -22.14
N THR B 138 32.44 6.37 -21.50
CA THR B 138 32.36 6.55 -20.04
C THR B 138 31.44 7.73 -19.76
N LYS B 139 31.19 8.55 -20.77
CA LYS B 139 30.30 9.71 -20.60
C LYS B 139 28.92 9.22 -20.16
N GLN B 140 28.35 9.79 -19.11
CA GLN B 140 27.02 9.38 -18.61
C GLN B 140 25.91 10.13 -19.33
N GLY B 141 24.69 9.61 -19.30
CA GLY B 141 23.53 10.30 -19.89
C GLY B 141 23.40 10.20 -21.39
N ILE B 142 24.10 9.25 -22.02
CA ILE B 142 24.00 9.10 -23.50
C ILE B 142 23.56 7.68 -23.83
N LYS B 143 23.15 7.47 -25.07
CA LYS B 143 22.72 6.14 -25.53
C LYS B 143 23.85 5.47 -26.31
N SER B 144 23.79 4.15 -26.43
CA SER B 144 24.80 3.38 -27.18
C SER B 144 24.47 3.36 -28.67
N THR B 145 25.47 3.00 -29.44
CA THR B 145 25.35 2.72 -30.88
C THR B 145 26.03 1.38 -31.01
N ARG B 146 25.95 0.75 -32.18
CA ARG B 146 26.60 -0.56 -32.31
C ARG B 146 28.10 -0.40 -32.06
N GLU B 147 28.74 0.64 -32.58
CA GLU B 147 30.21 0.81 -32.48
C GLU B 147 30.68 1.46 -31.17
N VAL B 148 29.79 2.13 -30.44
CA VAL B 148 30.19 2.79 -29.17
C VAL B 148 29.16 2.44 -28.09
N ILE B 149 29.53 1.54 -27.19
CA ILE B 149 28.65 1.08 -26.09
C ILE B 149 28.73 2.06 -24.92
N ALA B 150 27.60 2.61 -24.52
CA ALA B 150 27.54 3.55 -23.39
C ALA B 150 27.09 2.76 -22.16
N LEU B 151 27.51 3.23 -21.00
CA LEU B 151 27.23 2.56 -19.70
C LEU B 151 26.37 3.45 -18.81
N ASN B 152 25.56 2.82 -17.97
CA ASN B 152 24.79 3.50 -16.92
C ASN B 152 25.50 3.07 -15.65
N VAL B 153 26.42 3.88 -15.16
CA VAL B 153 27.18 3.59 -13.92
C VAL B 153 26.38 4.13 -12.73
N ALA B 154 26.20 3.33 -11.69
CA ALA B 154 25.45 3.80 -10.51
C ALA B 154 26.16 5.02 -9.93
N GLY B 155 25.38 6.05 -9.63
CA GLY B 155 25.90 7.32 -9.11
C GLY B 155 26.42 8.21 -10.22
N ALA B 156 26.19 7.83 -11.47
CA ALA B 156 26.66 8.57 -12.66
C ALA B 156 28.17 8.80 -12.58
N LEU B 157 28.93 7.85 -12.06
CA LEU B 157 30.40 7.97 -11.94
C LEU B 157 31.12 7.94 -13.29
N ASP B 158 32.26 8.62 -13.37
CA ASP B 158 33.14 8.58 -14.55
C ASP B 158 34.19 7.54 -14.19
N ILE B 159 34.18 6.41 -14.86
CA ILE B 159 35.12 5.31 -14.52
C ILE B 159 36.36 5.32 -15.42
N TYR B 160 36.54 6.35 -16.24
CA TYR B 160 37.65 6.38 -17.23
C TYR B 160 39.01 6.21 -16.56
N ASP B 161 39.25 6.91 -15.47
CA ASP B 161 40.53 6.86 -14.74
C ASP B 161 40.65 5.58 -13.91
N ASP B 162 39.56 4.85 -13.75
CA ASP B 162 39.59 3.62 -12.93
C ASP B 162 39.90 2.37 -13.76
N VAL B 163 39.85 2.46 -15.07
CA VAL B 163 40.07 1.25 -15.90
C VAL B 163 41.32 1.43 -16.76
N GLU B 164 42.28 0.55 -16.60
CA GLU B 164 43.53 0.61 -17.38
C GLU B 164 43.46 -0.32 -18.59
N VAL B 165 44.36 -0.11 -19.55
CA VAL B 165 44.50 -0.99 -20.73
C VAL B 165 44.86 -2.36 -20.17
N GLY B 166 44.33 -3.41 -20.77
CA GLY B 166 44.53 -4.81 -20.35
C GLY B 166 43.41 -5.34 -19.48
N ARG B 167 42.56 -4.48 -18.93
CA ARG B 167 41.41 -4.94 -18.12
C ARG B 167 40.35 -5.55 -19.05
N GLN B 168 39.53 -6.44 -18.51
CA GLN B 168 38.46 -7.12 -19.26
C GLN B 168 37.11 -6.52 -18.85
N VAL B 169 36.29 -6.22 -19.84
CA VAL B 169 34.91 -5.71 -19.63
C VAL B 169 34.00 -6.84 -20.07
N LEU B 170 33.22 -7.38 -19.15
CA LEU B 170 32.33 -8.53 -19.41
C LEU B 170 30.87 -8.06 -19.43
N VAL B 171 30.10 -8.61 -20.35
CA VAL B 171 28.68 -8.21 -20.55
C VAL B 171 27.79 -9.44 -20.40
N ASP B 172 26.71 -9.27 -19.64
CA ASP B 172 25.65 -10.27 -19.38
C ASP B 172 26.15 -11.57 -18.70
N ASP B 173 26.39 -11.48 -17.40
CA ASP B 173 26.87 -12.63 -16.59
C ASP B 173 28.17 -13.15 -17.21
N GLY B 174 28.92 -12.28 -17.87
CA GLY B 174 30.20 -12.66 -18.47
C GLY B 174 30.04 -13.50 -19.72
N LYS B 175 28.87 -13.47 -20.34
CA LYS B 175 28.69 -14.24 -21.58
C LYS B 175 29.63 -13.67 -22.65
N LEU B 176 29.73 -12.35 -22.76
CA LEU B 176 30.61 -11.70 -23.78
C LEU B 176 31.76 -10.95 -23.10
N GLY B 177 32.98 -11.20 -23.57
CA GLY B 177 34.18 -10.55 -23.04
C GLY B 177 34.77 -9.54 -23.99
N LEU B 178 35.15 -8.38 -23.46
CA LEU B 178 35.77 -7.27 -24.22
C LEU B 178 37.10 -6.94 -23.55
N ARG B 179 38.16 -6.82 -24.34
CA ARG B 179 39.51 -6.52 -23.80
C ARG B 179 39.87 -5.07 -24.14
N VAL B 180 40.25 -4.30 -23.13
CA VAL B 180 40.65 -2.89 -23.38
C VAL B 180 42.06 -2.91 -23.97
N VAL B 181 42.20 -2.40 -25.19
CA VAL B 181 43.48 -2.37 -25.95
C VAL B 181 44.02 -0.93 -26.03
N ALA B 182 43.18 0.08 -25.85
CA ALA B 182 43.69 1.48 -25.83
C ALA B 182 42.68 2.42 -25.16
N LYS B 183 43.14 3.57 -24.71
CA LYS B 183 42.25 4.59 -24.11
C LYS B 183 42.39 5.89 -24.91
N ASP B 184 41.27 6.47 -25.34
CA ASP B 184 41.26 7.73 -26.10
C ASP B 184 40.84 8.86 -25.14
N ASP B 185 41.84 9.61 -24.67
CA ASP B 185 41.69 10.72 -23.70
C ASP B 185 40.76 11.80 -24.24
N ALA B 186 40.74 12.02 -25.55
CA ALA B 186 39.92 13.10 -26.13
C ALA B 186 38.43 12.84 -25.91
N THR B 187 38.00 11.60 -26.03
CA THR B 187 36.56 11.26 -25.88
C THR B 187 36.30 10.48 -24.59
N ARG B 188 37.34 10.16 -23.84
CA ARG B 188 37.21 9.35 -22.60
C ARG B 188 36.53 8.02 -22.95
N GLU B 189 36.98 7.43 -24.06
CA GLU B 189 36.44 6.14 -24.55
C GLU B 189 37.52 5.07 -24.47
N PHE B 190 37.08 3.84 -24.23
CA PHE B 190 37.99 2.69 -24.18
C PHE B 190 37.90 2.01 -25.55
N GLU B 191 39.04 1.68 -26.12
CA GLU B 191 39.07 0.92 -27.39
C GLU B 191 39.16 -0.53 -26.94
N VAL B 192 38.22 -1.36 -27.40
CA VAL B 192 38.13 -2.77 -26.95
C VAL B 192 38.06 -3.72 -28.13
N GLU B 193 38.53 -4.93 -27.90
CA GLU B 193 38.48 -6.02 -28.89
C GLU B 193 37.51 -7.07 -28.32
N VAL B 194 36.59 -7.54 -29.15
CA VAL B 194 35.62 -8.60 -28.79
C VAL B 194 36.43 -9.90 -28.69
N GLU B 195 36.39 -10.57 -27.54
CA GLU B 195 37.15 -11.81 -27.27
C GLU B 195 36.41 -13.09 -27.71
N ASN B 196 35.09 -13.04 -27.83
CA ASN B 196 34.32 -14.24 -28.20
C ASN B 196 33.01 -13.80 -28.87
N ASP B 197 32.41 -14.66 -29.69
CA ASP B 197 31.15 -14.32 -30.38
C ASP B 197 30.08 -14.10 -29.31
N GLY B 198 29.29 -13.05 -29.45
CA GLY B 198 28.30 -12.81 -28.41
C GLY B 198 27.44 -11.61 -28.71
N ILE B 199 26.58 -11.28 -27.78
CA ILE B 199 25.60 -10.18 -27.95
C ILE B 199 25.77 -9.13 -26.86
N ILE B 200 25.47 -7.91 -27.23
CA ILE B 200 25.39 -6.77 -26.29
C ILE B 200 23.98 -6.22 -26.45
N ALA B 201 23.16 -6.46 -25.45
CA ALA B 201 21.76 -5.99 -25.42
C ALA B 201 21.68 -4.86 -24.40
N LYS B 202 20.62 -4.08 -24.47
CA LYS B 202 20.40 -2.93 -23.57
C LYS B 202 20.15 -3.39 -22.13
N GLN B 203 20.59 -2.61 -21.16
CA GLN B 203 20.36 -2.85 -19.70
C GLN B 203 20.96 -4.18 -19.20
N LYS B 204 22.09 -4.60 -19.74
CA LYS B 204 22.73 -5.87 -19.30
C LYS B 204 23.85 -5.54 -18.30
N GLY B 205 24.07 -6.40 -17.34
CA GLY B 205 25.11 -6.18 -16.32
C GLY B 205 26.50 -6.13 -16.92
N VAL B 206 27.35 -5.27 -16.40
CA VAL B 206 28.76 -5.12 -16.87
C VAL B 206 29.70 -5.32 -15.68
N ASN B 207 30.66 -6.22 -15.85
CA ASN B 207 31.66 -6.49 -14.80
C ASN B 207 33.04 -6.13 -15.36
N ILE B 208 33.82 -5.44 -14.55
CA ILE B 208 35.22 -5.08 -14.90
C ILE B 208 36.04 -5.58 -13.72
N PRO B 209 36.43 -6.83 -13.77
CA PRO B 209 37.16 -7.45 -12.67
C PRO B 209 38.50 -6.76 -12.40
N ASN B 210 38.93 -6.79 -11.14
CA ASN B 210 40.20 -6.18 -10.66
C ASN B 210 40.22 -4.66 -10.81
N THR B 211 39.10 -4.01 -10.59
CA THR B 211 39.06 -2.53 -10.58
C THR B 211 38.34 -2.12 -9.31
N LYS B 212 38.46 -0.86 -8.91
CA LYS B 212 37.85 -0.39 -7.65
C LYS B 212 37.03 0.87 -7.88
N ILE B 213 35.94 0.74 -8.60
CA ILE B 213 35.08 1.91 -8.86
C ILE B 213 34.44 2.33 -7.53
N PRO B 214 34.54 3.59 -7.14
CA PRO B 214 34.00 4.02 -5.86
C PRO B 214 32.51 4.34 -5.88
N PHE B 215 31.68 3.31 -5.90
CA PHE B 215 30.23 3.56 -5.94
C PHE B 215 29.74 4.21 -4.64
N PRO B 216 28.67 4.98 -4.72
CA PRO B 216 28.07 5.67 -3.57
C PRO B 216 27.35 4.73 -2.59
N ALA B 217 27.04 5.24 -1.39
CA ALA B 217 26.41 4.48 -0.28
C ALA B 217 25.03 3.93 -0.67
N LEU B 218 24.17 4.75 -1.27
CA LEU B 218 22.86 4.35 -1.80
C LEU B 218 22.59 5.30 -2.96
N ALA B 219 22.56 4.78 -4.18
CA ALA B 219 22.31 5.61 -5.37
C ALA B 219 20.89 6.19 -5.29
N GLU B 220 20.70 7.39 -5.80
CA GLU B 220 19.37 8.06 -5.79
C GLU B 220 18.39 7.23 -6.59
N ARG B 221 18.87 6.61 -7.66
CA ARG B 221 18.03 5.75 -8.52
C ARG B 221 17.45 4.61 -7.68
N ASP B 222 18.27 4.00 -6.83
CA ASP B 222 17.86 2.89 -5.93
C ASP B 222 16.84 3.41 -4.91
N ASN B 223 17.09 4.59 -4.34
CA ASN B 223 16.12 5.17 -3.37
C ASN B 223 14.78 5.33 -4.09
N ASP B 224 14.80 5.85 -5.32
CA ASP B 224 13.55 6.06 -6.09
C ASP B 224 12.85 4.74 -6.43
N ASP B 225 13.58 3.76 -6.95
CA ASP B 225 12.98 2.45 -7.30
C ASP B 225 12.40 1.83 -6.03
N ILE B 226 13.14 1.83 -4.94
CA ILE B 226 12.64 1.19 -3.69
C ILE B 226 11.36 1.88 -3.21
N ARG B 227 11.34 3.20 -3.18
CA ARG B 227 10.14 3.94 -2.74
C ARG B 227 8.99 3.64 -3.71
N PHE B 228 9.26 3.54 -4.99
CA PHE B 228 8.19 3.21 -5.97
C PHE B 228 7.61 1.82 -5.67
N GLY B 229 8.49 0.85 -5.44
CA GLY B 229 8.10 -0.53 -5.12
C GLY B 229 7.35 -0.61 -3.81
N LEU B 230 7.78 0.11 -2.80
CA LEU B 230 7.08 0.10 -1.51
C LEU B 230 5.65 0.60 -1.72
N GLU B 231 5.46 1.63 -2.53
CA GLU B 231 4.13 2.22 -2.83
C GLU B 231 3.22 1.21 -3.51
N GLN B 232 3.74 0.43 -4.46
CA GLN B 232 2.97 -0.61 -5.17
C GLN B 232 2.54 -1.69 -4.16
N GLY B 233 3.41 -2.02 -3.22
CA GLY B 233 3.16 -3.05 -2.21
C GLY B 233 4.00 -4.27 -2.50
N ILE B 234 5.10 -4.43 -1.79
CA ILE B 234 6.01 -5.60 -1.98
C ILE B 234 6.24 -6.24 -0.62
N ASN B 235 6.74 -7.46 -0.62
CA ASN B 235 7.03 -8.19 0.65
C ASN B 235 8.53 -8.36 0.83
N PHE B 236 9.28 -8.31 -0.26
CA PHE B 236 10.73 -8.53 -0.15
C PHE B 236 11.53 -7.60 -1.07
N ILE B 237 12.76 -7.34 -0.67
CA ILE B 237 13.73 -6.60 -1.50
C ILE B 237 15.03 -7.41 -1.53
N ALA B 238 15.51 -7.69 -2.73
CA ALA B 238 16.83 -8.32 -2.87
C ALA B 238 17.75 -7.16 -3.24
N ILE B 239 18.69 -6.86 -2.36
CA ILE B 239 19.63 -5.73 -2.56
C ILE B 239 20.85 -6.22 -3.36
N SER B 240 21.02 -5.72 -4.58
CA SER B 240 22.15 -6.13 -5.44
C SER B 240 23.51 -5.69 -4.90
N PHE B 241 24.52 -6.54 -5.04
CA PHE B 241 25.90 -6.18 -4.67
C PHE B 241 26.01 -5.61 -3.26
N VAL B 242 25.49 -6.28 -2.25
CA VAL B 242 25.68 -5.76 -0.89
C VAL B 242 27.17 -5.93 -0.53
N ARG B 243 27.83 -4.85 -0.15
CA ARG B 243 29.28 -4.85 0.17
C ARG B 243 29.49 -4.94 1.68
N THR B 244 28.61 -4.30 2.45
CA THR B 244 28.67 -4.24 3.93
C THR B 244 27.27 -4.19 4.53
N ALA B 245 27.18 -4.30 5.84
CA ALA B 245 25.90 -4.23 6.57
C ALA B 245 25.25 -2.87 6.31
N LYS B 246 26.06 -1.86 6.04
CA LYS B 246 25.53 -0.49 5.81
C LYS B 246 24.61 -0.49 4.61
N ASP B 247 24.93 -1.29 3.59
CA ASP B 247 24.11 -1.36 2.36
C ASP B 247 22.70 -1.85 2.76
N VAL B 248 22.64 -2.80 3.68
CA VAL B 248 21.34 -3.32 4.15
C VAL B 248 20.60 -2.27 4.99
N ASN B 249 21.30 -1.63 5.91
CA ASN B 249 20.72 -0.64 6.86
C ASN B 249 20.13 0.55 6.11
N GLU B 250 20.77 1.00 5.05
CA GLU B 250 20.23 2.16 4.31
C GLU B 250 18.86 1.78 3.76
N VAL B 251 18.74 0.57 3.22
CA VAL B 251 17.45 0.12 2.65
C VAL B 251 16.42 -0.05 3.78
N ARG B 252 16.88 -0.63 4.90
CA ARG B 252 16.01 -0.89 6.08
C ARG B 252 15.43 0.44 6.57
N ALA B 253 16.23 1.49 6.60
CA ALA B 253 15.75 2.80 7.08
C ALA B 253 14.58 3.28 6.20
N ILE B 254 14.67 3.10 4.89
CA ILE B 254 13.59 3.50 3.95
C ILE B 254 12.31 2.68 4.22
N CYS B 255 12.46 1.37 4.38
CA CYS B 255 11.28 0.52 4.65
C CYS B 255 10.62 0.95 5.96
N GLU B 256 11.41 1.20 6.99
CA GLU B 256 10.87 1.62 8.30
C GLU B 256 10.22 3.01 8.23
N GLU B 257 10.88 3.96 7.61
CA GLU B 257 10.39 5.34 7.54
C GLU B 257 9.02 5.42 6.86
N THR B 258 8.81 4.65 5.80
CA THR B 258 7.58 4.63 4.99
C THR B 258 6.50 3.79 5.65
N GLY B 259 6.78 3.19 6.79
CA GLY B 259 5.77 2.33 7.45
C GLY B 259 5.69 0.94 6.84
N ASN B 260 6.76 0.51 6.18
CA ASN B 260 6.89 -0.81 5.51
C ASN B 260 7.87 -1.68 6.31
N GLY B 261 7.80 -1.62 7.62
CA GLY B 261 8.70 -2.38 8.50
C GLY B 261 8.56 -3.88 8.29
N HIS B 262 7.45 -4.32 7.71
CA HIS B 262 7.18 -5.75 7.44
C HIS B 262 8.04 -6.29 6.28
N VAL B 263 8.57 -5.42 5.44
CA VAL B 263 9.34 -5.86 4.23
C VAL B 263 10.64 -6.54 4.65
N GLN B 264 10.94 -7.66 4.03
CA GLN B 264 12.16 -8.41 4.38
C GLN B 264 13.26 -8.10 3.35
N LEU B 265 14.48 -8.03 3.85
CA LEU B 265 15.64 -7.69 2.99
C LEU B 265 16.54 -8.91 2.80
N PHE B 266 16.71 -9.28 1.56
CA PHE B 266 17.66 -10.37 1.21
C PHE B 266 18.89 -9.69 0.61
N ALA B 267 20.01 -9.80 1.29
CA ALA B 267 21.26 -9.23 0.74
C ALA B 267 21.74 -10.10 -0.43
N LYS B 268 22.04 -9.51 -1.55
CA LYS B 268 22.61 -10.32 -2.64
C LYS B 268 24.14 -10.33 -2.48
N ILE B 269 24.73 -11.50 -2.33
CA ILE B 269 26.21 -11.63 -2.27
C ILE B 269 26.68 -11.94 -3.71
N GLU B 270 27.40 -11.01 -4.33
CA GLU B 270 27.89 -11.21 -5.72
C GLU B 270 29.28 -10.62 -5.93
N ASN B 271 30.05 -10.41 -4.88
CA ASN B 271 31.43 -9.88 -5.02
C ASN B 271 32.25 -10.23 -3.77
N GLN B 272 33.56 -10.04 -3.86
CA GLN B 272 34.49 -10.39 -2.77
C GLN B 272 34.22 -9.59 -1.49
N GLN B 273 33.84 -8.32 -1.61
CA GLN B 273 33.57 -7.50 -0.42
C GLN B 273 32.38 -8.07 0.38
N GLY B 274 31.33 -8.51 -0.31
CA GLY B 274 30.17 -9.11 0.35
C GLY B 274 30.52 -10.41 1.04
N ILE B 275 31.34 -11.23 0.39
CA ILE B 275 31.83 -12.52 0.96
C ILE B 275 32.65 -12.21 2.20
N ASP B 276 33.54 -11.23 2.09
CA ASP B 276 34.44 -10.84 3.19
C ASP B 276 33.61 -10.37 4.39
N ASN B 277 32.49 -9.70 4.15
CA ASN B 277 31.63 -9.12 5.20
C ASN B 277 30.36 -9.95 5.46
N LEU B 278 30.35 -11.21 5.06
CA LEU B 278 29.13 -12.05 5.12
C LEU B 278 28.52 -12.12 6.52
N ASP B 279 29.30 -12.29 7.57
CA ASP B 279 28.68 -12.39 8.91
C ASP B 279 27.90 -11.13 9.30
N GLU B 280 28.46 -9.94 9.10
CA GLU B 280 27.75 -8.70 9.44
C GLU B 280 26.53 -8.51 8.53
N ILE B 281 26.65 -8.92 7.28
CA ILE B 281 25.55 -8.80 6.30
C ILE B 281 24.39 -9.70 6.73
N ILE B 282 24.69 -10.94 7.07
CA ILE B 282 23.66 -11.91 7.51
C ILE B 282 22.94 -11.33 8.74
N GLU B 283 23.69 -10.76 9.66
CA GLU B 283 23.11 -10.21 10.90
C GLU B 283 22.14 -9.06 10.59
N ALA B 284 22.49 -8.17 9.67
CA ALA B 284 21.66 -7.03 9.25
C ALA B 284 20.43 -7.45 8.42
N ALA B 285 20.57 -8.46 7.60
CA ALA B 285 19.53 -8.89 6.66
C ALA B 285 18.55 -9.92 7.24
N ASP B 286 17.45 -10.13 6.52
CA ASP B 286 16.43 -11.17 6.78
C ASP B 286 16.82 -12.45 6.03
N GLY B 287 17.77 -12.35 5.13
CA GLY B 287 18.21 -13.51 4.36
C GLY B 287 19.26 -13.13 3.34
N ILE B 288 19.71 -14.11 2.56
CA ILE B 288 20.75 -13.91 1.52
C ILE B 288 20.30 -14.54 0.21
N MET B 289 20.54 -13.85 -0.89
CA MET B 289 20.32 -14.43 -2.23
C MET B 289 21.71 -14.73 -2.79
N ILE B 290 21.97 -15.98 -3.15
CA ILE B 290 23.32 -16.31 -3.70
C ILE B 290 23.26 -15.94 -5.19
N ALA B 291 23.68 -14.72 -5.50
CA ALA B 291 23.65 -14.18 -6.87
C ALA B 291 24.89 -14.68 -7.62
N ARG B 292 24.81 -15.94 -8.03
CA ARG B 292 25.93 -16.67 -8.69
C ARG B 292 26.39 -16.03 -10.01
N GLY B 293 25.50 -15.38 -10.76
CA GLY B 293 25.92 -14.83 -12.06
C GLY B 293 27.05 -13.83 -11.94
N ASP B 294 26.85 -12.78 -11.14
CA ASP B 294 27.91 -11.79 -10.84
C ASP B 294 29.03 -12.43 -10.00
N MET B 295 28.67 -13.28 -9.03
CA MET B 295 29.69 -13.86 -8.13
C MET B 295 30.73 -14.68 -8.92
N GLY B 296 30.29 -15.44 -9.91
CA GLY B 296 31.11 -16.30 -10.77
C GLY B 296 32.12 -15.51 -11.60
N ILE B 297 31.87 -14.22 -11.77
CA ILE B 297 32.79 -13.31 -12.53
C ILE B 297 33.64 -12.47 -11.56
N GLU B 298 33.05 -12.05 -10.44
CA GLU B 298 33.70 -11.20 -9.41
C GLU B 298 34.70 -12.02 -8.59
N VAL B 299 34.49 -13.33 -8.53
CA VAL B 299 35.39 -14.25 -7.77
C VAL B 299 35.70 -15.44 -8.66
N PRO B 300 36.72 -16.22 -8.34
CA PRO B 300 37.08 -17.37 -9.17
C PRO B 300 35.83 -18.25 -9.27
N PHE B 301 35.45 -18.65 -10.48
CA PHE B 301 34.22 -19.42 -10.73
C PHE B 301 34.22 -20.73 -9.94
N GLU B 302 35.38 -21.34 -9.76
CA GLU B 302 35.53 -22.63 -9.05
C GLU B 302 35.26 -22.50 -7.54
N MET B 303 35.20 -21.29 -7.02
CA MET B 303 34.93 -21.05 -5.58
C MET B 303 33.43 -20.86 -5.30
N VAL B 304 32.61 -20.67 -6.32
CA VAL B 304 31.15 -20.39 -6.09
C VAL B 304 30.50 -21.55 -5.33
N PRO B 305 30.82 -22.81 -5.69
CA PRO B 305 30.26 -23.97 -4.99
C PRO B 305 30.68 -23.96 -3.51
N VAL B 306 31.92 -23.58 -3.23
CA VAL B 306 32.41 -23.52 -1.83
C VAL B 306 31.60 -22.49 -1.05
N TYR B 307 31.47 -21.29 -1.60
CA TYR B 307 30.72 -20.15 -1.00
C TYR B 307 29.24 -20.51 -0.84
N GLN B 308 28.66 -21.16 -1.84
CA GLN B 308 27.23 -21.53 -1.80
C GLN B 308 26.92 -22.46 -0.63
N LYS B 309 27.71 -23.52 -0.44
CA LYS B 309 27.45 -24.49 0.66
C LYS B 309 27.61 -23.76 1.99
N MET B 310 28.64 -22.94 2.09
CA MET B 310 28.94 -22.18 3.31
C MET B 310 27.85 -21.15 3.64
N ILE B 311 27.38 -20.38 2.66
CA ILE B 311 26.33 -19.36 2.89
C ILE B 311 25.04 -20.05 3.36
N ILE B 312 24.68 -21.15 2.72
CA ILE B 312 23.43 -21.87 3.07
C ILE B 312 23.50 -22.35 4.53
N LYS B 313 24.63 -22.93 4.92
CA LYS B 313 24.76 -23.39 6.32
C LYS B 313 24.64 -22.20 7.27
N LYS B 314 25.35 -21.11 6.98
CA LYS B 314 25.36 -19.92 7.86
C LYS B 314 23.98 -19.25 7.96
N VAL B 315 23.30 -19.03 6.84
CA VAL B 315 21.95 -18.39 6.87
C VAL B 315 20.97 -19.28 7.65
N ASN B 316 20.98 -20.57 7.38
CA ASN B 316 20.08 -21.53 8.07
C ASN B 316 20.35 -21.49 9.57
N ALA B 317 21.64 -21.44 9.94
CA ALA B 317 22.06 -21.40 11.36
C ALA B 317 21.52 -20.12 12.03
N ALA B 318 21.40 -19.05 11.26
CA ALA B 318 20.91 -17.76 11.77
C ALA B 318 19.38 -17.73 11.78
N GLY B 319 18.73 -18.82 11.36
CA GLY B 319 17.27 -18.92 11.28
C GLY B 319 16.69 -17.97 10.26
N LYS B 320 17.46 -17.70 9.21
CA LYS B 320 17.10 -16.77 8.12
C LYS B 320 16.87 -17.54 6.81
N VAL B 321 16.49 -16.83 5.78
CA VAL B 321 16.13 -17.43 4.47
C VAL B 321 17.26 -17.34 3.44
N VAL B 322 17.51 -18.41 2.70
CA VAL B 322 18.54 -18.40 1.64
C VAL B 322 17.94 -18.83 0.29
N ILE B 323 18.26 -18.09 -0.76
CA ILE B 323 17.80 -18.32 -2.16
C ILE B 323 19.02 -18.62 -3.05
N THR B 324 19.00 -19.73 -3.78
CA THR B 324 20.09 -20.06 -4.73
C THR B 324 19.64 -19.55 -6.09
N ALA B 325 20.48 -18.80 -6.79
CA ALA B 325 20.01 -18.19 -8.05
C ALA B 325 21.01 -18.28 -9.20
N THR B 326 20.42 -18.23 -10.38
CA THR B 326 21.10 -18.03 -11.68
C THR B 326 21.59 -19.30 -12.38
N ASN B 327 21.09 -19.49 -13.60
CA ASN B 327 21.51 -20.58 -14.51
C ASN B 327 20.97 -21.93 -14.06
N MET B 328 20.09 -21.97 -13.09
CA MET B 328 19.60 -23.26 -12.54
C MET B 328 19.00 -24.16 -13.63
N LEU B 329 18.20 -23.62 -14.54
CA LEU B 329 17.65 -24.40 -15.67
C LEU B 329 17.86 -23.53 -16.92
N GLU B 330 19.08 -23.09 -17.15
CA GLU B 330 19.41 -22.12 -18.21
C GLU B 330 18.95 -22.57 -19.61
N THR B 331 19.15 -23.84 -19.94
CA THR B 331 18.83 -24.36 -21.28
C THR B 331 17.32 -24.27 -21.57
N MET B 332 16.49 -24.22 -20.54
CA MET B 332 15.02 -24.18 -20.70
C MET B 332 14.53 -22.81 -21.20
N THR B 333 15.45 -21.89 -21.38
CA THR B 333 15.15 -20.58 -21.98
C THR B 333 14.77 -20.82 -23.44
N GLU B 334 15.48 -21.73 -24.10
CA GLU B 334 15.27 -22.02 -25.54
C GLU B 334 14.74 -23.44 -25.79
N LYS B 335 14.92 -24.37 -24.86
CA LYS B 335 14.48 -25.77 -25.05
C LYS B 335 13.52 -26.26 -23.95
N PRO B 336 12.70 -27.26 -24.26
CA PRO B 336 11.73 -27.82 -23.32
C PRO B 336 12.29 -28.70 -22.19
N ARG B 337 13.55 -29.13 -22.30
CA ARG B 337 14.19 -29.98 -21.27
C ARG B 337 15.54 -29.38 -20.87
N ALA B 338 15.87 -29.46 -19.59
CA ALA B 338 17.16 -28.95 -19.04
C ALA B 338 18.28 -29.96 -19.27
N THR B 339 19.51 -29.51 -19.18
CA THR B 339 20.71 -30.38 -19.29
C THR B 339 20.85 -31.22 -18.01
N ARG B 340 21.69 -32.24 -18.07
CA ARG B 340 21.96 -33.10 -16.89
C ARG B 340 22.61 -32.23 -15.81
N SER B 341 23.52 -31.34 -16.18
CA SER B 341 24.20 -30.46 -15.22
C SER B 341 23.20 -29.51 -14.53
N GLU B 342 22.23 -28.98 -15.27
CA GLU B 342 21.22 -28.06 -14.70
C GLU B 342 20.35 -28.81 -13.69
N VAL B 343 19.89 -29.99 -14.04
CA VAL B 343 19.07 -30.78 -13.08
C VAL B 343 19.91 -31.08 -11.84
N SER B 344 21.18 -31.38 -12.03
CA SER B 344 22.12 -31.68 -10.91
C SER B 344 22.24 -30.46 -9.99
N ASP B 345 22.40 -29.28 -10.59
CA ASP B 345 22.54 -28.02 -9.84
C ASP B 345 21.29 -27.79 -8.98
N VAL B 346 20.09 -27.94 -9.54
CA VAL B 346 18.88 -27.70 -8.72
C VAL B 346 18.79 -28.75 -7.60
N PHE B 347 19.03 -30.01 -7.91
CA PHE B 347 18.95 -31.07 -6.87
C PHE B 347 19.97 -30.81 -5.76
N ASN B 348 21.21 -30.50 -6.10
CA ASN B 348 22.28 -30.26 -5.09
C ASN B 348 21.97 -29.03 -4.22
N ALA B 349 21.34 -28.01 -4.79
CA ALA B 349 20.97 -26.80 -4.03
C ALA B 349 20.00 -27.21 -2.91
N VAL B 350 19.02 -28.04 -3.26
CA VAL B 350 18.07 -28.54 -2.22
C VAL B 350 18.85 -29.34 -1.16
N ILE B 351 19.72 -30.25 -1.59
CA ILE B 351 20.54 -31.10 -0.68
C ILE B 351 21.42 -30.19 0.21
N ASP B 352 21.98 -29.13 -0.34
CA ASP B 352 22.85 -28.21 0.42
C ASP B 352 22.06 -27.60 1.60
N GLY B 353 20.73 -27.51 1.49
CA GLY B 353 19.87 -26.88 2.50
C GLY B 353 19.18 -25.59 2.05
N THR B 354 19.10 -25.29 0.75
CA THR B 354 18.47 -24.04 0.29
C THR B 354 17.00 -23.96 0.68
N ASP B 355 16.56 -22.81 1.17
CA ASP B 355 15.13 -22.56 1.44
C ASP B 355 14.44 -22.43 0.09
N ALA B 356 15.09 -21.82 -0.88
CA ALA B 356 14.43 -21.54 -2.17
C ALA B 356 15.39 -21.59 -3.36
N THR B 357 14.85 -21.94 -4.53
CA THR B 357 15.59 -21.97 -5.81
C THR B 357 14.96 -20.91 -6.73
N MET B 358 15.72 -20.38 -7.67
CA MET B 358 15.27 -19.25 -8.51
C MET B 358 15.41 -19.50 -10.01
N LEU B 359 14.49 -18.89 -10.75
CA LEU B 359 14.45 -18.84 -12.21
C LEU B 359 14.60 -17.37 -12.59
N SER B 360 15.44 -17.09 -13.56
CA SER B 360 15.70 -15.72 -14.02
C SER B 360 15.22 -15.60 -15.47
N GLY B 361 16.14 -15.74 -16.42
CA GLY B 361 15.80 -15.68 -17.85
C GLY B 361 14.78 -16.74 -18.19
N GLU B 362 14.85 -17.89 -17.52
CA GLU B 362 13.95 -19.04 -17.80
C GLU B 362 12.49 -18.64 -17.65
N SER B 363 12.16 -17.83 -16.65
CA SER B 363 10.77 -17.39 -16.45
C SER B 363 10.51 -15.99 -17.03
N ALA B 364 11.52 -15.13 -17.06
CA ALA B 364 11.27 -13.76 -17.54
C ALA B 364 11.45 -13.57 -19.05
N ASN B 365 12.43 -14.25 -19.63
CA ASN B 365 12.91 -14.06 -21.01
C ASN B 365 12.76 -15.28 -21.93
N GLY B 366 12.28 -16.42 -21.46
CA GLY B 366 12.28 -17.65 -22.27
C GLY B 366 11.01 -18.02 -23.02
N LYS B 367 11.10 -19.15 -23.74
CA LYS B 367 9.98 -19.74 -24.50
C LYS B 367 9.17 -20.69 -23.59
N TYR B 368 9.75 -21.11 -22.46
CA TYR B 368 9.11 -22.12 -21.57
C TYR B 368 9.01 -21.66 -20.12
N PRO B 369 8.40 -20.50 -19.87
CA PRO B 369 8.26 -20.05 -18.48
C PRO B 369 7.44 -20.99 -17.57
N LEU B 370 6.27 -21.42 -18.01
CA LEU B 370 5.48 -22.37 -17.20
C LEU B 370 6.22 -23.70 -17.03
N GLU B 371 6.82 -24.20 -18.10
CA GLU B 371 7.53 -25.51 -18.10
C GLU B 371 8.72 -25.44 -17.15
N SER B 372 9.41 -24.29 -17.14
CA SER B 372 10.56 -24.05 -16.25
C SER B 372 10.11 -24.13 -14.79
N VAL B 373 8.99 -23.51 -14.42
CA VAL B 373 8.49 -23.58 -13.02
C VAL B 373 8.13 -25.05 -12.71
N THR B 374 7.40 -25.69 -13.62
CA THR B 374 6.98 -27.10 -13.41
C THR B 374 8.22 -28.01 -13.29
N THR B 375 9.22 -27.84 -14.14
CA THR B 375 10.44 -28.67 -14.08
C THR B 375 11.18 -28.43 -12.76
N MET B 376 11.34 -27.19 -12.37
CA MET B 376 12.01 -26.89 -11.09
C MET B 376 11.20 -27.51 -9.94
N ALA B 377 9.88 -27.43 -10.00
CA ALA B 377 9.04 -27.98 -8.91
C ALA B 377 9.27 -29.48 -8.76
N THR B 378 9.29 -30.18 -9.89
CA THR B 378 9.50 -31.63 -9.93
C THR B 378 10.88 -31.96 -9.35
N ILE B 379 11.92 -31.25 -9.75
CA ILE B 379 13.26 -31.55 -9.18
C ILE B 379 13.27 -31.28 -7.67
N ASP B 380 12.75 -30.14 -7.23
CA ASP B 380 12.75 -29.77 -5.80
C ASP B 380 11.97 -30.81 -4.97
N LYS B 381 10.80 -31.22 -5.44
CA LYS B 381 10.00 -32.22 -4.70
C LYS B 381 10.75 -33.56 -4.58
N ASN B 382 11.43 -34.00 -5.63
CA ASN B 382 12.21 -35.27 -5.59
C ASN B 382 13.39 -35.13 -4.63
N ALA B 383 14.10 -34.02 -4.70
CA ALA B 383 15.26 -33.74 -3.83
C ALA B 383 14.87 -33.72 -2.35
N GLN B 384 13.70 -33.18 -2.01
CA GLN B 384 13.26 -33.08 -0.60
C GLN B 384 13.19 -34.46 0.03
N ALA B 385 12.83 -35.45 -0.76
CA ALA B 385 12.72 -36.85 -0.32
C ALA B 385 14.09 -37.42 0.07
N LEU B 386 15.18 -36.82 -0.37
CA LEU B 386 16.54 -37.33 -0.05
C LEU B 386 17.25 -36.52 1.02
N LEU B 387 16.58 -35.55 1.60
CA LEU B 387 17.23 -34.75 2.67
C LEU B 387 17.65 -35.65 3.83
N ASN B 388 16.85 -36.64 4.18
CA ASN B 388 17.20 -37.53 5.30
C ASN B 388 18.50 -38.26 5.01
N GLU B 389 18.61 -38.84 3.83
CA GLU B 389 19.84 -39.56 3.47
C GLU B 389 21.05 -38.65 3.21
N TYR B 390 20.88 -37.55 2.47
CA TYR B 390 22.03 -36.73 2.01
C TYR B 390 22.06 -35.28 2.50
N GLY B 391 21.06 -34.80 3.23
CA GLY B 391 21.04 -33.39 3.63
C GLY B 391 22.28 -32.94 4.40
N ARG B 392 22.88 -31.84 3.97
CA ARG B 392 24.07 -31.20 4.59
C ARG B 392 23.73 -30.53 5.93
N LEU B 393 22.55 -29.94 6.05
CA LEU B 393 22.16 -29.20 7.29
C LEU B 393 22.11 -30.15 8.50
N ASP B 394 22.54 -29.67 9.65
CA ASP B 394 22.55 -30.48 10.90
C ASP B 394 21.95 -29.67 12.05
N SER B 395 20.65 -29.79 12.30
CA SER B 395 19.96 -29.04 13.38
C SER B 395 20.46 -29.45 14.77
N ASP B 396 21.04 -30.64 14.87
CA ASP B 396 21.58 -31.18 16.14
C ASP B 396 22.69 -30.27 16.70
N SER B 397 23.49 -29.62 15.86
CA SER B 397 24.61 -28.78 16.35
C SER B 397 24.16 -27.38 16.84
N PHE B 398 22.92 -26.99 16.61
CA PHE B 398 22.48 -25.63 16.99
C PHE B 398 22.31 -25.44 18.49
N GLU B 399 22.61 -24.22 18.91
CA GLU B 399 22.27 -23.80 20.27
C GLU B 399 20.80 -23.37 20.21
N ARG B 400 20.00 -23.86 21.13
CA ARG B 400 18.58 -23.44 21.22
C ARG B 400 18.64 -22.19 22.09
N ASN B 401 18.56 -21.03 21.47
CA ASN B 401 18.81 -19.76 22.20
C ASN B 401 17.57 -19.13 22.82
N SER B 402 16.39 -19.71 22.68
CA SER B 402 15.17 -19.12 23.26
C SER B 402 14.10 -20.19 23.47
N LYS B 403 13.08 -19.88 24.23
CA LYS B 403 11.99 -20.84 24.52
C LYS B 403 11.26 -21.25 23.24
N THR B 404 11.00 -20.34 22.31
CA THR B 404 10.35 -20.72 21.03
C THR B 404 11.30 -21.66 20.26
N GLU B 405 12.60 -21.41 20.31
CA GLU B 405 13.59 -22.28 19.62
C GLU B 405 13.59 -23.68 20.25
N VAL B 406 13.49 -23.75 21.57
CA VAL B 406 13.45 -25.07 22.27
C VAL B 406 12.20 -25.82 21.76
N MET B 407 11.07 -25.13 21.63
CA MET B 407 9.84 -25.76 21.12
C MET B 407 10.05 -26.21 19.65
N ALA B 408 10.76 -25.41 18.85
CA ALA B 408 11.04 -25.82 17.47
C ALA B 408 11.85 -27.12 17.48
N SER B 409 12.83 -27.23 18.37
CA SER B 409 13.68 -28.44 18.51
C SER B 409 12.79 -29.63 18.92
N ALA B 410 11.88 -29.42 19.86
CA ALA B 410 10.95 -30.47 20.33
C ALA B 410 10.02 -30.94 19.19
N VAL B 411 9.52 -30.02 18.37
CA VAL B 411 8.65 -30.38 17.23
C VAL B 411 9.44 -31.27 16.27
N LYS B 412 10.68 -30.90 15.98
CA LYS B 412 11.52 -31.71 15.07
C LYS B 412 11.71 -33.10 15.69
N ASP B 413 11.91 -33.15 16.99
CA ASP B 413 12.08 -34.46 17.67
C ASP B 413 10.80 -35.29 17.47
N ALA B 414 9.63 -34.69 17.60
CA ALA B 414 8.36 -35.40 17.43
C ALA B 414 8.28 -35.98 16.00
N THR B 415 8.64 -35.19 14.99
CA THR B 415 8.66 -35.61 13.57
C THR B 415 9.67 -36.74 13.33
N SER B 416 10.77 -36.82 14.08
CA SER B 416 11.78 -37.89 13.97
C SER B 416 11.29 -39.19 14.66
N SER B 417 10.57 -39.02 15.75
CA SER B 417 10.01 -40.09 16.60
C SER B 417 8.89 -40.88 15.92
N MET B 418 8.04 -40.24 15.13
CA MET B 418 6.88 -40.93 14.53
C MET B 418 6.47 -40.26 13.23
N ASP B 419 5.57 -40.89 12.50
CA ASP B 419 5.11 -40.38 11.20
C ASP B 419 4.17 -39.20 11.47
N ILE B 420 4.67 -37.98 11.34
CA ILE B 420 3.83 -36.76 11.52
C ILE B 420 3.52 -36.17 10.13
N LYS B 421 2.25 -36.18 9.77
CA LYS B 421 1.78 -35.66 8.47
C LYS B 421 1.97 -34.15 8.36
N LEU B 422 1.70 -33.42 9.42
CA LEU B 422 1.78 -31.95 9.33
C LEU B 422 2.14 -31.31 10.66
N VAL B 423 2.86 -30.20 10.60
CA VAL B 423 3.14 -29.38 11.79
C VAL B 423 2.30 -28.09 11.62
N VAL B 424 1.49 -27.76 12.62
CA VAL B 424 0.66 -26.52 12.53
C VAL B 424 1.11 -25.56 13.62
N THR B 425 1.37 -24.30 13.25
CA THR B 425 1.74 -23.27 14.23
C THR B 425 0.75 -22.11 14.15
N LEU B 426 0.24 -21.66 15.28
CA LEU B 426 -0.60 -20.44 15.27
C LEU B 426 0.37 -19.30 15.56
N THR B 427 0.74 -18.52 14.55
CA THR B 427 1.79 -17.49 14.68
C THR B 427 1.29 -16.08 14.29
N LYS B 428 1.41 -15.13 15.21
CA LYS B 428 1.00 -13.73 14.94
C LYS B 428 1.95 -13.07 13.93
N THR B 429 3.26 -13.20 14.14
CA THR B 429 4.33 -12.57 13.32
C THR B 429 5.09 -13.55 12.40
N GLY B 430 4.88 -14.85 12.54
CA GLY B 430 5.61 -15.88 11.78
C GLY B 430 6.90 -16.34 12.45
N HIS B 431 7.22 -15.83 13.64
CA HIS B 431 8.48 -16.17 14.35
C HIS B 431 8.57 -17.67 14.64
N THR B 432 7.50 -18.25 15.16
CA THR B 432 7.46 -19.69 15.46
C THR B 432 7.64 -20.51 14.17
N ALA B 433 7.01 -20.07 13.09
CA ALA B 433 7.10 -20.75 11.78
C ALA B 433 8.54 -20.72 11.25
N ARG B 434 9.21 -19.59 11.43
CA ARG B 434 10.59 -19.43 10.98
C ARG B 434 11.48 -20.39 11.79
N LEU B 435 11.25 -20.45 13.10
CA LEU B 435 12.06 -21.33 13.96
C LEU B 435 11.82 -22.81 13.62
N ILE B 436 10.57 -23.18 13.39
CA ILE B 436 10.27 -24.58 13.02
C ILE B 436 10.95 -24.91 11.68
N SER B 437 10.85 -23.99 10.71
CA SER B 437 11.43 -24.13 9.35
C SER B 437 12.97 -24.26 9.45
N LYS B 438 13.57 -23.52 10.38
CA LYS B 438 15.03 -23.54 10.55
C LYS B 438 15.44 -24.98 10.85
N TYR B 439 14.65 -25.66 11.66
CA TYR B 439 14.88 -27.05 12.13
C TYR B 439 14.69 -28.12 11.05
N ARG B 440 14.10 -27.79 9.91
CA ARG B 440 13.92 -28.76 8.80
C ARG B 440 13.22 -30.03 9.29
N PRO B 441 11.99 -29.91 9.81
CA PRO B 441 11.27 -31.10 10.27
C PRO B 441 10.83 -32.01 9.10
N ASN B 442 10.64 -33.30 9.37
CA ASN B 442 10.16 -34.24 8.33
C ASN B 442 8.64 -34.14 8.27
N ALA B 443 8.17 -32.96 7.88
CA ALA B 443 6.73 -32.69 7.74
C ALA B 443 6.54 -31.29 7.16
N ASP B 444 5.40 -31.09 6.52
CA ASP B 444 5.03 -29.75 6.04
C ASP B 444 4.68 -28.90 7.28
N ILE B 445 4.79 -27.59 7.16
CA ILE B 445 4.50 -26.66 8.27
C ILE B 445 3.36 -25.74 7.83
N LEU B 446 2.19 -25.91 8.43
CA LEU B 446 1.07 -25.02 8.12
C LEU B 446 1.16 -23.87 9.12
N ALA B 447 1.41 -22.67 8.62
CA ALA B 447 1.51 -21.48 9.48
C ALA B 447 0.18 -20.72 9.41
N LEU B 448 -0.59 -20.81 10.47
CA LEU B 448 -1.87 -20.08 10.60
C LEU B 448 -1.56 -18.69 11.16
N THR B 449 -1.73 -17.68 10.32
CA THR B 449 -1.47 -16.27 10.67
C THR B 449 -2.73 -15.44 10.44
N PHE B 450 -2.77 -14.25 11.01
CA PHE B 450 -4.00 -13.42 11.07
C PHE B 450 -3.96 -12.15 10.19
N ASP B 451 -2.94 -12.01 9.36
CA ASP B 451 -2.83 -10.86 8.44
C ASP B 451 -2.05 -11.28 7.20
N GLU B 452 -2.40 -10.69 6.06
CA GLU B 452 -1.83 -10.97 4.72
C GLU B 452 -0.35 -10.64 4.63
N LEU B 453 0.11 -9.64 5.37
CA LEU B 453 1.55 -9.26 5.31
C LEU B 453 2.38 -10.38 5.93
N THR B 454 1.96 -10.89 7.08
CA THR B 454 2.68 -12.01 7.71
C THR B 454 2.60 -13.22 6.78
N GLU B 455 1.43 -13.46 6.19
CA GLU B 455 1.19 -14.62 5.30
C GLU B 455 2.13 -14.59 4.09
N ARG B 456 2.15 -13.51 3.33
CA ARG B 456 3.04 -13.39 2.16
C ARG B 456 4.50 -13.44 2.63
N GLY B 457 4.78 -12.91 3.81
CA GLY B 457 6.14 -12.81 4.37
C GLY B 457 6.82 -14.15 4.64
N LEU B 458 6.06 -15.23 4.76
CA LEU B 458 6.60 -16.57 5.08
C LEU B 458 6.71 -17.42 3.80
N MET B 459 6.38 -16.87 2.66
CA MET B 459 6.32 -17.66 1.41
C MET B 459 7.66 -18.20 0.92
N LEU B 460 8.79 -17.69 1.42
CA LEU B 460 10.11 -18.19 0.98
C LEU B 460 10.78 -19.06 2.04
N ASN B 461 10.12 -19.26 3.18
CA ASN B 461 10.65 -20.12 4.25
C ASN B 461 10.46 -21.60 3.87
N TRP B 462 11.48 -22.42 4.06
CA TRP B 462 11.41 -23.86 3.71
C TRP B 462 10.24 -24.57 4.41
N GLY B 463 9.45 -25.30 3.63
CA GLY B 463 8.35 -26.14 4.11
C GLY B 463 7.16 -25.38 4.70
N VAL B 464 7.16 -24.06 4.65
CA VAL B 464 6.03 -23.34 5.27
C VAL B 464 4.88 -23.12 4.29
N ILE B 465 3.70 -23.55 4.70
CA ILE B 465 2.46 -23.31 3.95
C ILE B 465 1.71 -22.23 4.74
N PRO B 466 1.84 -20.99 4.34
CA PRO B 466 1.14 -19.92 5.06
C PRO B 466 -0.37 -19.94 4.78
N MET B 467 -1.18 -19.70 5.79
CA MET B 467 -2.65 -19.68 5.61
C MET B 467 -3.27 -18.64 6.54
N LEU B 468 -4.12 -17.79 5.98
CA LEU B 468 -4.81 -16.71 6.73
C LEU B 468 -5.98 -17.26 7.53
N THR B 469 -6.13 -16.82 8.78
CA THR B 469 -7.25 -17.25 9.65
C THR B 469 -7.55 -16.12 10.62
N ASP B 470 -8.71 -16.15 11.26
CA ASP B 470 -9.08 -15.08 12.24
C ASP B 470 -8.20 -15.21 13.47
N ALA B 471 -7.84 -14.09 14.08
CA ALA B 471 -7.04 -14.18 15.30
C ALA B 471 -7.90 -14.87 16.34
N PRO B 472 -7.39 -15.92 16.97
CA PRO B 472 -8.19 -16.64 17.93
C PRO B 472 -8.49 -15.80 19.18
N SER B 473 -9.69 -15.96 19.70
CA SER B 473 -10.14 -15.31 20.96
C SER B 473 -9.68 -16.16 22.13
N SER B 474 -9.81 -15.66 23.35
CA SER B 474 -9.36 -16.39 24.56
C SER B 474 -10.28 -17.59 24.83
N THR B 475 -11.47 -17.63 24.23
CA THR B 475 -12.43 -18.74 24.43
C THR B 475 -12.42 -19.74 23.27
N ASP B 476 -11.57 -19.53 22.27
CA ASP B 476 -11.51 -20.47 21.12
C ASP B 476 -10.63 -21.67 21.45
N ASP B 477 -10.89 -22.79 20.80
CA ASP B 477 -10.03 -23.98 20.96
C ASP B 477 -9.08 -23.92 19.76
N MET B 478 -7.87 -23.46 19.98
CA MET B 478 -6.85 -23.31 18.91
C MET B 478 -6.47 -24.67 18.32
N PHE B 479 -6.53 -25.73 19.11
CA PHE B 479 -6.19 -27.08 18.61
C PHE B 479 -7.25 -27.54 17.61
N GLU B 480 -8.51 -27.25 17.92
CA GLU B 480 -9.64 -27.59 17.04
C GLU B 480 -9.52 -26.80 15.74
N ILE B 481 -9.19 -25.52 15.84
CA ILE B 481 -9.06 -24.67 14.62
C ILE B 481 -7.93 -25.23 13.76
N ALA B 482 -6.81 -25.62 14.38
CA ALA B 482 -5.66 -26.09 13.61
C ALA B 482 -6.07 -27.29 12.77
N GLU B 483 -6.78 -28.23 13.38
CA GLU B 483 -7.23 -29.43 12.66
C GLU B 483 -8.22 -29.06 11.54
N ARG B 484 -9.18 -28.22 11.85
CA ARG B 484 -10.19 -27.83 10.84
C ARG B 484 -9.50 -27.16 9.65
N LYS B 485 -8.58 -26.24 9.89
CA LYS B 485 -7.90 -25.53 8.79
C LYS B 485 -7.08 -26.51 7.96
N ALA B 486 -6.38 -27.44 8.59
CA ALA B 486 -5.56 -28.44 7.89
C ALA B 486 -6.46 -29.32 7.02
N VAL B 487 -7.61 -29.70 7.55
CA VAL B 487 -8.60 -30.54 6.82
C VAL B 487 -9.19 -29.79 5.61
N GLU B 488 -9.61 -28.55 5.82
CA GLU B 488 -10.16 -27.70 4.74
C GLU B 488 -9.07 -27.48 3.69
N ALA B 489 -7.82 -27.36 4.13
CA ALA B 489 -6.68 -27.15 3.23
C ALA B 489 -6.43 -28.41 2.41
N GLY B 490 -7.04 -29.53 2.79
CA GLY B 490 -6.82 -30.79 2.08
C GLY B 490 -5.45 -31.37 2.38
N LEU B 491 -4.83 -30.94 3.47
CA LEU B 491 -3.45 -31.39 3.81
C LEU B 491 -3.44 -32.65 4.66
N VAL B 492 -4.53 -32.90 5.39
CA VAL B 492 -4.61 -34.08 6.30
C VAL B 492 -5.99 -34.71 6.19
N GLU B 493 -6.08 -36.00 6.54
CA GLU B 493 -7.34 -36.78 6.53
C GLU B 493 -7.44 -37.59 7.81
N SER B 494 -8.60 -38.18 8.05
CA SER B 494 -8.86 -38.92 9.31
C SER B 494 -7.76 -39.92 9.58
N GLY B 495 -7.28 -39.95 10.83
CA GLY B 495 -6.22 -40.88 11.25
C GLY B 495 -4.81 -40.34 11.10
N ASP B 496 -4.63 -39.22 10.40
CA ASP B 496 -3.30 -38.61 10.29
C ASP B 496 -2.91 -38.04 11.66
N ASP B 497 -1.63 -38.04 11.97
CA ASP B 497 -1.09 -37.48 13.24
C ASP B 497 -0.44 -36.13 12.89
N ILE B 498 -0.76 -35.12 13.68
CA ILE B 498 -0.24 -33.74 13.48
C ILE B 498 0.33 -33.22 14.78
N VAL B 499 1.29 -32.32 14.66
CA VAL B 499 1.86 -31.63 15.84
C VAL B 499 1.35 -30.19 15.76
N ILE B 500 0.74 -29.70 16.81
CA ILE B 500 0.23 -28.31 16.83
C ILE B 500 0.94 -27.53 17.95
N VAL B 501 1.41 -26.32 17.65
CA VAL B 501 2.06 -25.42 18.65
C VAL B 501 1.29 -24.10 18.69
N ALA B 502 1.20 -23.49 19.87
CA ALA B 502 0.49 -22.21 20.09
C ALA B 502 0.93 -21.59 21.40
N GLY B 503 0.61 -20.32 21.54
CA GLY B 503 0.87 -19.60 22.79
C GLY B 503 -0.44 -19.66 23.53
N VAL B 504 -0.51 -20.47 24.58
CA VAL B 504 -1.83 -20.57 25.27
C VAL B 504 -1.69 -20.17 26.74
N PRO B 505 -2.71 -19.49 27.26
CA PRO B 505 -3.88 -19.09 26.49
C PRO B 505 -3.69 -17.73 25.83
N VAL B 506 -4.49 -17.40 24.84
CA VAL B 506 -4.36 -16.07 24.20
C VAL B 506 -4.62 -15.00 25.25
N GLY B 507 -3.73 -14.01 25.31
CA GLY B 507 -3.82 -12.89 26.25
C GLY B 507 -3.00 -13.10 27.49
N GLU B 508 -2.53 -14.32 27.72
CA GLU B 508 -1.66 -14.52 28.90
C GLU B 508 -0.30 -14.99 28.41
N ALA B 509 -0.29 -15.80 27.36
CA ALA B 509 0.97 -16.35 26.82
C ALA B 509 1.83 -15.23 26.26
N VAL B 510 3.10 -15.23 26.59
CA VAL B 510 4.06 -14.24 26.02
C VAL B 510 4.71 -14.85 24.77
N ARG B 511 4.55 -16.15 24.53
CA ARG B 511 5.16 -16.80 23.34
C ARG B 511 4.55 -18.19 23.12
N THR B 512 4.90 -18.83 22.01
CA THR B 512 4.50 -20.22 21.76
C THR B 512 5.10 -21.02 22.92
N ASN B 513 4.25 -21.65 23.70
CA ASN B 513 4.64 -22.39 24.92
C ASN B 513 4.03 -23.79 24.97
N THR B 514 3.22 -24.14 23.98
CA THR B 514 2.47 -25.42 24.00
C THR B 514 2.61 -26.22 22.71
N MET B 515 2.84 -27.52 22.85
CA MET B 515 2.90 -28.51 21.75
C MET B 515 1.85 -29.59 22.03
N ARG B 516 1.03 -29.90 21.06
CA ARG B 516 -0.03 -30.92 21.21
C ARG B 516 0.15 -31.94 20.08
N ILE B 517 0.08 -33.22 20.40
CA ILE B 517 0.11 -34.29 19.37
C ILE B 517 -1.37 -34.71 19.22
N ARG B 518 -1.93 -34.56 18.02
CA ARG B 518 -3.38 -34.82 17.83
C ARG B 518 -3.67 -35.71 16.62
N THR B 519 -4.65 -36.59 16.76
CA THR B 519 -5.03 -37.45 15.61
C THR B 519 -6.27 -36.84 14.95
N VAL B 520 -6.19 -36.63 13.64
CA VAL B 520 -7.31 -36.04 12.87
C VAL B 520 -8.54 -36.96 12.92
N ARG B 521 -9.69 -36.40 13.28
CA ARG B 521 -10.98 -37.15 13.34
C ARG B 521 -11.31 -37.74 11.98
N MET C 21 48.63 -28.07 -6.75
CA MET C 21 48.90 -29.48 -6.39
C MET C 21 48.62 -30.36 -7.61
N ASN C 22 48.53 -31.67 -7.41
CA ASN C 22 48.30 -32.66 -8.50
C ASN C 22 46.80 -32.95 -8.57
N LYS C 23 46.25 -33.09 -9.76
CA LYS C 23 44.80 -33.30 -9.90
C LYS C 23 44.45 -34.77 -9.68
N ARG C 24 43.80 -35.06 -8.57
CA ARG C 24 43.39 -36.44 -8.19
C ARG C 24 42.22 -36.95 -9.05
N VAL C 25 41.25 -36.08 -9.36
CA VAL C 25 40.09 -36.53 -10.17
C VAL C 25 40.53 -36.58 -11.63
N LYS C 26 40.37 -37.73 -12.27
CA LYS C 26 40.80 -37.97 -13.66
C LYS C 26 39.85 -37.36 -14.69
N ILE C 27 40.38 -36.97 -15.83
CA ILE C 27 39.52 -36.39 -16.91
C ILE C 27 39.54 -37.30 -18.13
N VAL C 28 38.35 -37.64 -18.60
CA VAL C 28 38.14 -38.37 -19.87
C VAL C 28 37.72 -37.30 -20.89
N ALA C 29 38.50 -37.12 -21.94
CA ALA C 29 38.20 -36.11 -22.96
C ALA C 29 37.84 -36.80 -24.28
N THR C 30 36.64 -36.55 -24.78
CA THR C 30 36.22 -37.15 -26.06
C THR C 30 36.95 -36.42 -27.20
N LEU C 31 37.54 -37.17 -28.12
CA LEU C 31 38.27 -36.53 -29.24
C LEU C 31 37.36 -36.41 -30.46
N GLY C 32 37.77 -35.58 -31.41
CA GLY C 32 36.95 -35.33 -32.60
C GLY C 32 37.54 -34.27 -33.50
N PRO C 33 36.77 -33.79 -34.45
CA PRO C 33 37.28 -32.78 -35.38
C PRO C 33 37.73 -31.45 -34.75
N ALA C 34 37.21 -31.11 -33.56
CA ALA C 34 37.55 -29.80 -32.94
C ALA C 34 39.06 -29.64 -32.78
N VAL C 35 39.78 -30.68 -32.44
CA VAL C 35 41.25 -30.51 -32.31
C VAL C 35 41.93 -30.91 -33.63
N GLU C 36 41.18 -31.47 -34.57
CA GLU C 36 41.75 -32.01 -35.83
C GLU C 36 41.83 -30.97 -36.97
N ILE C 37 43.04 -30.76 -37.46
CA ILE C 37 43.27 -29.86 -38.61
C ILE C 37 43.37 -30.73 -39.87
N ARG C 38 42.62 -30.39 -40.92
CA ARG C 38 42.69 -31.15 -42.20
C ARG C 38 43.03 -30.17 -43.34
N GLY C 39 44.17 -30.39 -43.99
CA GLY C 39 44.56 -29.50 -45.10
C GLY C 39 44.84 -28.11 -44.58
N GLY C 40 45.14 -27.99 -43.29
CA GLY C 40 45.44 -26.67 -42.73
C GLY C 40 44.18 -25.90 -42.36
N LYS C 41 43.02 -26.53 -42.48
CA LYS C 41 41.74 -25.85 -42.15
C LYS C 41 41.11 -26.45 -40.88
N LYS C 42 40.54 -25.56 -40.06
CA LYS C 42 39.92 -25.91 -38.77
C LYS C 42 38.51 -26.44 -39.00
N PHE C 43 37.96 -27.05 -37.97
CA PHE C 43 36.60 -27.62 -38.01
C PHE C 43 35.59 -26.47 -38.29
N GLY C 44 34.61 -26.72 -39.15
CA GLY C 44 33.57 -25.74 -39.53
C GLY C 44 33.90 -25.01 -40.83
N GLU C 45 35.15 -25.09 -41.29
CA GLU C 45 35.65 -24.45 -42.53
C GLU C 45 35.10 -25.19 -43.77
N ASP C 46 34.87 -24.43 -44.85
CA ASP C 46 34.38 -25.00 -46.14
C ASP C 46 35.46 -25.93 -46.68
N GLY C 47 35.08 -27.13 -47.14
CA GLY C 47 36.04 -28.10 -47.71
C GLY C 47 36.91 -28.78 -46.66
N TYR C 48 36.51 -28.72 -45.39
CA TYR C 48 37.32 -29.35 -44.31
C TYR C 48 37.38 -30.85 -44.49
N TRP C 49 36.21 -31.46 -44.63
CA TRP C 49 36.01 -32.93 -44.74
C TRP C 49 36.65 -33.50 -46.00
N GLY C 50 36.69 -32.71 -47.08
CA GLY C 50 37.30 -33.12 -48.34
C GLY C 50 38.82 -33.15 -48.22
N GLU C 51 39.35 -32.48 -47.21
CA GLU C 51 40.83 -32.41 -47.05
C GLU C 51 41.38 -33.60 -46.26
N LYS C 52 42.71 -33.76 -46.27
CA LYS C 52 43.39 -34.85 -45.54
C LYS C 52 43.82 -34.31 -44.18
N LEU C 53 43.63 -35.11 -43.14
CA LEU C 53 43.99 -34.66 -41.78
C LEU C 53 45.48 -34.39 -41.70
N ASP C 54 45.86 -33.29 -41.04
CA ASP C 54 47.28 -32.95 -40.80
C ASP C 54 47.66 -33.54 -39.44
N VAL C 55 48.34 -34.68 -39.45
CA VAL C 55 48.65 -35.43 -38.20
C VAL C 55 49.52 -34.67 -37.21
N GLU C 56 50.65 -34.11 -37.63
CA GLU C 56 51.53 -33.47 -36.62
C GLU C 56 50.89 -32.25 -35.97
N ALA C 57 50.22 -31.41 -36.74
CA ALA C 57 49.58 -30.20 -36.17
C ALA C 57 48.46 -30.61 -35.23
N SER C 58 47.65 -31.59 -35.65
CA SER C 58 46.52 -32.13 -34.87
C SER C 58 47.10 -32.72 -33.58
N ALA C 59 48.29 -33.32 -33.69
CA ALA C 59 49.02 -33.97 -32.58
C ALA C 59 49.43 -32.95 -31.52
N LYS C 60 49.94 -31.80 -31.95
CA LYS C 60 50.36 -30.71 -31.04
C LYS C 60 49.15 -30.19 -30.26
N ASN C 61 47.99 -30.09 -30.91
CA ASN C 61 46.79 -29.61 -30.22
C ASN C 61 46.44 -30.59 -29.10
N ILE C 62 46.42 -31.87 -29.44
CA ILE C 62 46.06 -32.96 -28.48
C ILE C 62 47.05 -32.94 -27.31
N ALA C 63 48.32 -32.71 -27.59
CA ALA C 63 49.34 -32.69 -26.54
C ALA C 63 48.99 -31.59 -25.54
N LYS C 64 48.46 -30.46 -26.00
CA LYS C 64 48.08 -29.37 -25.05
C LYS C 64 46.98 -29.90 -24.14
N LEU C 65 46.04 -30.67 -24.68
CA LEU C 65 44.95 -31.24 -23.87
C LEU C 65 45.53 -32.18 -22.81
N ILE C 66 46.57 -32.95 -23.18
CA ILE C 66 47.25 -33.90 -22.26
C ILE C 66 47.87 -33.09 -21.12
N GLU C 67 48.57 -32.02 -21.46
CA GLU C 67 49.22 -31.11 -20.50
C GLU C 67 48.18 -30.45 -19.58
N ALA C 68 47.00 -30.14 -20.11
CA ALA C 68 45.87 -29.48 -19.39
C ALA C 68 45.27 -30.41 -18.32
N GLY C 69 45.48 -31.72 -18.44
CA GLY C 69 44.94 -32.67 -17.45
C GLY C 69 44.09 -33.81 -18.01
N ALA C 70 43.99 -33.97 -19.32
CA ALA C 70 43.21 -35.12 -19.81
C ALA C 70 44.01 -36.40 -19.51
N ASN C 71 43.42 -37.38 -18.85
CA ASN C 71 44.09 -38.64 -18.48
C ASN C 71 43.71 -39.79 -19.42
N THR C 72 42.66 -39.60 -20.21
CA THR C 72 42.18 -40.62 -21.16
C THR C 72 41.40 -39.92 -22.26
N PHE C 73 41.50 -40.44 -23.48
CA PHE C 73 40.76 -39.94 -24.66
C PHE C 73 39.73 -40.99 -25.04
N ARG C 74 38.51 -40.53 -25.26
CA ARG C 74 37.35 -41.36 -25.64
C ARG C 74 37.15 -41.23 -27.14
N PHE C 75 37.03 -42.36 -27.83
CA PHE C 75 36.79 -42.42 -29.30
C PHE C 75 35.39 -42.97 -29.46
N ASN C 76 34.44 -42.14 -29.87
CA ASN C 76 33.03 -42.60 -29.95
C ASN C 76 32.81 -43.22 -31.34
N PHE C 77 32.60 -44.53 -31.36
CA PHE C 77 32.41 -45.35 -32.59
C PHE C 77 30.99 -45.18 -33.12
N SER C 78 30.20 -44.37 -32.43
CA SER C 78 28.81 -44.04 -32.84
C SER C 78 28.88 -43.11 -34.05
N HIS C 79 30.00 -42.42 -34.23
CA HIS C 79 30.13 -41.41 -35.29
C HIS C 79 31.09 -41.82 -36.40
N GLY C 80 32.38 -41.58 -36.22
CA GLY C 80 33.36 -41.85 -37.26
C GLY C 80 33.55 -43.31 -37.63
N ASP C 81 33.89 -43.53 -38.90
CA ASP C 81 34.20 -44.85 -39.50
C ASP C 81 35.56 -45.32 -39.00
N HIS C 82 35.96 -46.56 -39.30
CA HIS C 82 37.23 -47.13 -38.80
C HIS C 82 38.44 -46.32 -39.27
N GLN C 83 38.43 -45.78 -40.50
CA GLN C 83 39.60 -45.01 -40.95
C GLN C 83 39.77 -43.77 -40.08
N GLU C 84 38.68 -43.07 -39.81
CA GLU C 84 38.76 -41.85 -38.96
C GLU C 84 39.22 -42.21 -37.54
N GLN C 85 38.59 -43.19 -36.92
CA GLN C 85 38.97 -43.57 -35.54
C GLN C 85 40.44 -43.98 -35.50
N GLY C 86 40.88 -44.81 -36.44
CA GLY C 86 42.27 -45.28 -36.49
C GLY C 86 43.26 -44.17 -36.68
N GLU C 87 42.96 -43.22 -37.54
CA GLU C 87 43.92 -42.11 -37.76
C GLU C 87 44.01 -41.22 -36.51
N ARG C 88 42.87 -40.95 -35.88
CA ARG C 88 42.82 -40.13 -34.64
C ARG C 88 43.62 -40.85 -33.56
N MET C 89 43.44 -42.16 -33.43
CA MET C 89 44.19 -42.96 -32.43
C MET C 89 45.70 -42.87 -32.69
N ALA C 90 46.10 -42.91 -33.96
CA ALA C 90 47.52 -42.79 -34.34
C ALA C 90 48.07 -41.42 -33.93
N THR C 91 47.26 -40.37 -34.10
CA THR C 91 47.63 -38.97 -33.77
C THR C 91 47.89 -38.81 -32.27
N VAL C 92 47.04 -39.41 -31.45
CA VAL C 92 47.19 -39.37 -29.96
C VAL C 92 48.53 -40.01 -29.57
N LYS C 93 48.97 -41.05 -30.27
CA LYS C 93 50.27 -41.67 -29.93
C LYS C 93 51.40 -40.67 -30.17
N LEU C 94 51.31 -39.88 -31.24
CA LEU C 94 52.36 -38.87 -31.46
C LEU C 94 52.25 -37.79 -30.38
N ALA C 95 51.02 -37.45 -30.00
CA ALA C 95 50.73 -36.41 -28.99
C ALA C 95 51.39 -36.80 -27.66
N GLU C 96 51.32 -38.08 -27.32
CA GLU C 96 51.94 -38.56 -26.08
C GLU C 96 53.43 -38.27 -26.15
N LYS C 97 54.08 -38.53 -27.29
CA LYS C 97 55.53 -38.25 -27.48
C LYS C 97 55.81 -36.75 -27.41
N ILE C 98 54.99 -35.94 -28.06
CA ILE C 98 55.21 -34.47 -28.02
C ILE C 98 55.09 -34.02 -26.56
N ALA C 99 54.02 -34.44 -25.87
CA ALA C 99 53.74 -34.12 -24.47
C ALA C 99 54.77 -34.74 -23.52
N GLY C 100 55.25 -35.94 -23.80
CA GLY C 100 56.18 -36.61 -22.87
C GLY C 100 55.37 -37.23 -21.74
N LYS C 101 54.06 -37.37 -21.97
CA LYS C 101 53.10 -37.93 -21.00
C LYS C 101 52.17 -38.90 -21.74
N LYS C 102 51.91 -40.05 -21.13
CA LYS C 102 51.00 -41.12 -21.64
C LYS C 102 49.58 -40.89 -21.14
N VAL C 103 48.61 -41.37 -21.91
CA VAL C 103 47.16 -41.25 -21.59
C VAL C 103 46.49 -42.59 -21.88
N GLY C 104 45.32 -42.78 -21.31
CA GLY C 104 44.50 -43.96 -21.58
C GLY C 104 43.76 -43.83 -22.90
N PHE C 105 43.46 -44.95 -23.55
CA PHE C 105 42.71 -44.98 -24.83
C PHE C 105 41.40 -45.71 -24.53
N LEU C 106 40.29 -45.02 -24.69
CA LEU C 106 38.96 -45.59 -24.37
C LEU C 106 38.07 -45.62 -25.62
N LEU C 107 37.45 -46.76 -25.86
CA LEU C 107 36.55 -46.96 -27.01
C LEU C 107 35.11 -47.02 -26.50
N ASP C 108 34.26 -46.16 -27.03
CA ASP C 108 32.84 -46.15 -26.63
C ASP C 108 32.06 -46.78 -27.80
N THR C 109 31.24 -47.77 -27.51
CA THR C 109 30.47 -48.52 -28.54
C THR C 109 29.21 -47.78 -28.95
N LYS C 110 28.41 -48.37 -29.85
CA LYS C 110 27.11 -47.83 -30.31
C LYS C 110 26.05 -48.47 -29.42
N GLY C 111 26.07 -49.79 -29.32
CA GLY C 111 25.15 -50.48 -28.40
C GLY C 111 23.73 -50.61 -28.92
N PRO C 112 22.86 -51.18 -28.10
CA PRO C 112 21.49 -51.46 -28.51
C PRO C 112 20.74 -50.12 -28.51
N GLU C 113 21.05 -49.34 -29.52
CA GLU C 113 20.50 -47.98 -29.70
C GLU C 113 19.78 -47.82 -31.03
N ILE C 114 19.20 -46.63 -31.22
CA ILE C 114 18.55 -46.15 -32.48
C ILE C 114 19.25 -44.83 -32.74
N ARG C 115 19.63 -44.59 -33.95
CA ARG C 115 20.28 -43.31 -34.25
C ARG C 115 19.55 -42.94 -35.53
N THR C 116 19.45 -41.67 -35.86
CA THR C 116 18.77 -41.30 -37.12
C THR C 116 19.72 -41.65 -38.26
N GLU C 117 19.21 -41.80 -39.47
CA GLU C 117 20.04 -42.16 -40.66
C GLU C 117 20.62 -40.90 -41.29
N LEU C 118 21.29 -41.05 -42.44
CA LEU C 118 21.79 -39.96 -43.33
C LEU C 118 20.54 -39.49 -44.10
N PHE C 119 20.49 -38.29 -44.71
CA PHE C 119 19.33 -37.57 -45.32
C PHE C 119 19.16 -37.53 -46.87
N GLU C 120 18.33 -36.57 -47.40
CA GLU C 120 17.90 -36.49 -48.83
C GLU C 120 17.91 -35.09 -49.47
N GLY C 121 18.16 -35.06 -50.79
CA GLY C 121 18.33 -33.85 -51.60
C GLY C 121 19.63 -33.17 -51.19
N GLU C 122 19.66 -31.85 -51.13
CA GLU C 122 20.88 -31.17 -50.63
C GLU C 122 20.64 -30.73 -49.18
N ALA C 123 19.48 -31.12 -48.64
CA ALA C 123 19.03 -30.79 -47.26
C ALA C 123 19.86 -31.47 -46.15
N LYS C 124 20.03 -30.75 -45.04
CA LYS C 124 20.67 -31.31 -43.81
C LYS C 124 19.75 -31.16 -42.57
N GLU C 125 18.67 -30.41 -42.69
CA GLU C 125 17.68 -30.31 -41.60
C GLU C 125 16.44 -29.62 -42.15
N TYR C 126 15.36 -29.68 -41.39
CA TYR C 126 14.15 -28.89 -41.75
C TYR C 126 13.86 -28.05 -40.51
N SER C 127 13.45 -26.83 -40.75
CA SER C 127 13.25 -25.96 -39.58
C SER C 127 12.03 -26.61 -38.99
N TYR C 128 12.38 -27.60 -38.19
CA TYR C 128 11.26 -28.30 -37.57
C TYR C 128 10.85 -27.32 -36.52
N LYS C 129 9.65 -26.81 -36.75
CA LYS C 129 8.96 -25.85 -35.88
C LYS C 129 7.77 -26.63 -35.36
N THR C 130 7.35 -26.30 -34.16
CA THR C 130 6.28 -26.94 -33.35
C THR C 130 4.98 -26.98 -34.15
N GLY C 131 4.07 -27.90 -33.76
CA GLY C 131 2.63 -28.13 -34.06
C GLY C 131 2.26 -29.00 -35.26
N GLU C 132 3.20 -29.18 -36.17
CA GLU C 132 3.02 -29.93 -37.42
C GLU C 132 2.71 -31.40 -37.21
N LYS C 133 2.09 -32.03 -38.22
CA LYS C 133 1.88 -33.49 -38.22
C LYS C 133 2.75 -34.00 -39.37
N ILE C 134 3.64 -34.96 -39.10
CA ILE C 134 4.62 -35.54 -40.09
C ILE C 134 4.88 -37.04 -39.80
N ARG C 135 5.80 -37.67 -40.51
CA ARG C 135 5.96 -39.13 -40.34
C ARG C 135 7.39 -39.59 -40.05
N VAL C 136 7.51 -40.75 -39.38
CA VAL C 136 8.83 -41.42 -39.18
C VAL C 136 8.72 -42.86 -39.68
N ALA C 137 9.59 -43.19 -40.62
CA ALA C 137 9.66 -44.52 -41.26
C ALA C 137 10.38 -45.52 -40.36
N THR C 138 9.95 -46.77 -40.43
CA THR C 138 10.60 -47.89 -39.70
C THR C 138 11.38 -48.73 -40.73
N LYS C 139 11.11 -48.53 -42.02
CA LYS C 139 11.80 -49.33 -43.07
C LYS C 139 13.29 -49.08 -42.93
N GLN C 140 14.05 -50.16 -42.77
CA GLN C 140 15.52 -50.16 -42.54
C GLN C 140 16.36 -50.03 -43.81
N GLY C 141 17.60 -49.60 -43.64
CA GLY C 141 18.53 -49.38 -44.76
C GLY C 141 18.10 -48.29 -45.75
N ILE C 142 17.22 -47.39 -45.38
CA ILE C 142 16.89 -46.31 -46.34
C ILE C 142 17.53 -45.07 -45.75
N LYS C 143 17.23 -43.92 -46.32
CA LYS C 143 17.80 -42.66 -45.81
C LYS C 143 16.57 -41.83 -45.54
N SER C 144 16.64 -40.92 -44.56
CA SER C 144 15.55 -40.08 -44.02
C SER C 144 15.18 -38.94 -44.97
N THR C 145 14.22 -38.07 -44.59
CA THR C 145 13.74 -36.87 -45.33
C THR C 145 12.88 -35.93 -44.46
N ARG C 146 11.94 -35.14 -45.06
CA ARG C 146 11.20 -34.01 -44.42
C ARG C 146 9.77 -34.25 -43.93
N GLU C 147 8.90 -34.76 -44.79
CA GLU C 147 7.54 -34.99 -44.25
C GLU C 147 7.61 -36.37 -43.61
N VAL C 148 8.69 -37.10 -43.90
CA VAL C 148 8.92 -38.48 -43.43
C VAL C 148 10.38 -38.66 -43.02
N ILE C 149 10.64 -38.86 -41.74
CA ILE C 149 12.01 -39.07 -41.17
C ILE C 149 12.35 -40.56 -41.08
N ALA C 150 13.53 -40.95 -41.56
CA ALA C 150 13.96 -42.35 -41.54
C ALA C 150 14.90 -42.60 -40.38
N LEU C 151 14.70 -43.71 -39.69
CA LEU C 151 15.49 -44.16 -38.52
C LEU C 151 16.55 -45.14 -38.98
N ASN C 152 17.57 -45.34 -38.18
CA ASN C 152 18.69 -46.21 -38.55
C ASN C 152 18.90 -47.08 -37.34
N VAL C 153 17.98 -48.00 -37.14
CA VAL C 153 18.11 -48.84 -35.94
C VAL C 153 19.42 -49.56 -36.17
N ALA C 154 20.26 -49.60 -35.12
CA ALA C 154 21.58 -50.23 -35.21
C ALA C 154 21.26 -51.63 -35.68
N GLY C 155 22.17 -52.25 -36.43
CA GLY C 155 21.86 -53.56 -37.02
C GLY C 155 20.68 -53.26 -37.91
N ALA C 156 19.60 -54.05 -37.87
CA ALA C 156 18.45 -53.57 -38.68
C ALA C 156 17.12 -54.05 -38.11
N LEU C 157 16.81 -53.72 -36.88
CA LEU C 157 15.52 -54.19 -36.32
C LEU C 157 14.33 -53.41 -36.92
N ASP C 158 13.17 -54.06 -36.92
CA ASP C 158 11.93 -53.42 -37.40
C ASP C 158 11.16 -53.12 -36.13
N ILE C 159 11.11 -51.85 -35.73
CA ILE C 159 10.48 -51.47 -34.44
C ILE C 159 9.04 -51.02 -34.61
N TYR C 160 8.45 -51.23 -35.77
CA TYR C 160 7.08 -50.70 -36.00
C TYR C 160 6.10 -51.26 -34.97
N ASP C 161 6.18 -52.56 -34.70
CA ASP C 161 5.27 -53.24 -33.75
C ASP C 161 5.59 -52.87 -32.30
N ASP C 162 6.84 -52.51 -32.00
CA ASP C 162 7.29 -52.15 -30.63
C ASP C 162 6.77 -50.79 -30.16
N VAL C 163 6.35 -49.92 -31.06
CA VAL C 163 5.93 -48.56 -30.65
C VAL C 163 4.44 -48.33 -30.83
N GLU C 164 3.75 -48.02 -29.74
CA GLU C 164 2.29 -47.76 -29.76
C GLU C 164 2.04 -46.26 -29.90
N VAL C 165 0.81 -45.90 -30.20
CA VAL C 165 0.35 -44.49 -30.32
C VAL C 165 0.48 -43.88 -28.92
N GLY C 166 0.83 -42.60 -28.83
CA GLY C 166 1.02 -41.94 -27.52
C GLY C 166 2.46 -41.99 -27.04
N ARG C 167 3.29 -42.79 -27.70
CA ARG C 167 4.72 -42.85 -27.34
C ARG C 167 5.40 -41.58 -27.85
N GLN C 168 6.52 -41.22 -27.26
CA GLN C 168 7.27 -40.01 -27.66
C GLN C 168 8.57 -40.42 -28.33
N VAL C 169 8.87 -39.80 -29.47
CA VAL C 169 10.14 -40.05 -30.18
C VAL C 169 10.99 -38.79 -29.99
N LEU C 170 12.10 -38.90 -29.28
CA LEU C 170 12.98 -37.72 -29.03
C LEU C 170 14.27 -37.78 -29.86
N VAL C 171 14.70 -36.64 -30.39
CA VAL C 171 15.93 -36.54 -31.23
C VAL C 171 16.96 -35.61 -30.58
N ASP C 172 18.23 -36.04 -30.52
CA ASP C 172 19.41 -35.26 -30.01
C ASP C 172 19.37 -35.01 -28.50
N ASP C 173 19.46 -36.05 -27.67
CA ASP C 173 19.43 -35.96 -26.18
C ASP C 173 18.11 -35.28 -25.73
N GLY C 174 17.07 -35.29 -26.56
CA GLY C 174 15.75 -34.74 -26.20
C GLY C 174 15.51 -33.34 -26.67
N LYS C 175 16.37 -32.81 -27.52
CA LYS C 175 16.17 -31.42 -27.97
C LYS C 175 14.85 -31.28 -28.72
N LEU C 176 14.47 -32.27 -29.52
CA LEU C 176 13.21 -32.15 -30.28
C LEU C 176 12.31 -33.35 -29.95
N GLY C 177 11.03 -33.12 -29.72
CA GLY C 177 10.11 -34.20 -29.36
C GLY C 177 9.04 -34.41 -30.39
N LEU C 178 8.76 -35.66 -30.73
CA LEU C 178 7.73 -36.07 -31.71
C LEU C 178 6.72 -36.98 -30.99
N ARG C 179 5.44 -36.66 -31.04
CA ARG C 179 4.42 -37.51 -30.37
C ARG C 179 3.77 -38.42 -31.41
N VAL C 180 3.78 -39.74 -31.20
CA VAL C 180 3.15 -40.66 -32.19
C VAL C 180 1.62 -40.50 -32.01
N VAL C 181 0.97 -39.91 -33.02
CA VAL C 181 -0.50 -39.68 -32.99
C VAL C 181 -1.25 -40.79 -33.76
N ALA C 182 -0.56 -41.49 -34.65
CA ALA C 182 -1.19 -42.61 -35.41
C ALA C 182 -0.12 -43.51 -36.04
N LYS C 183 -0.52 -44.71 -36.49
CA LYS C 183 0.36 -45.68 -37.18
C LYS C 183 -0.23 -46.08 -38.53
N ASP C 184 0.57 -45.97 -39.58
CA ASP C 184 0.13 -46.35 -40.94
C ASP C 184 0.69 -47.75 -41.28
N ASP C 185 -0.17 -48.76 -41.27
CA ASP C 185 0.21 -50.17 -41.55
C ASP C 185 0.72 -50.33 -42.98
N ALA C 186 0.15 -49.59 -43.93
CA ALA C 186 0.51 -49.69 -45.35
C ALA C 186 1.99 -49.37 -45.57
N THR C 187 2.50 -48.37 -44.88
CA THR C 187 3.92 -47.97 -45.05
C THR C 187 4.77 -48.34 -43.83
N ARG C 188 4.14 -48.78 -42.75
CA ARG C 188 4.84 -49.09 -41.48
C ARG C 188 5.49 -47.80 -40.99
N GLU C 189 4.73 -46.71 -41.05
CA GLU C 189 5.22 -45.38 -40.63
C GLU C 189 4.42 -44.89 -39.43
N PHE C 190 5.09 -44.12 -38.58
CA PHE C 190 4.45 -43.49 -37.41
C PHE C 190 4.03 -42.10 -37.88
N GLU C 191 2.83 -41.68 -37.50
CA GLU C 191 2.39 -40.31 -37.80
C GLU C 191 2.68 -39.54 -36.50
N VAL C 192 3.59 -38.58 -36.57
CA VAL C 192 4.02 -37.83 -35.36
C VAL C 192 3.75 -36.33 -35.50
N GLU C 193 3.49 -35.65 -34.38
CA GLU C 193 3.34 -34.18 -34.40
C GLU C 193 4.52 -33.58 -33.62
N VAL C 194 5.22 -32.61 -34.21
CA VAL C 194 6.39 -31.95 -33.61
C VAL C 194 5.90 -31.24 -32.33
N GLU C 195 6.54 -31.51 -31.21
CA GLU C 195 6.14 -30.93 -29.91
C GLU C 195 6.81 -29.58 -29.65
N ASN C 196 7.96 -29.30 -30.27
CA ASN C 196 8.74 -28.05 -30.05
C ASN C 196 9.76 -27.84 -31.20
N ASP C 197 10.33 -26.65 -31.35
CA ASP C 197 11.30 -26.29 -32.43
C ASP C 197 12.64 -27.00 -32.29
N GLY C 198 13.15 -27.56 -33.39
CA GLY C 198 14.41 -28.30 -33.26
C GLY C 198 15.04 -28.74 -34.57
N ILE C 199 16.11 -29.52 -34.41
CA ILE C 199 16.99 -29.98 -35.52
C ILE C 199 17.09 -31.51 -35.56
N ILE C 200 16.86 -32.08 -36.74
CA ILE C 200 17.00 -33.54 -36.94
C ILE C 200 18.29 -33.76 -37.73
N ALA C 201 19.28 -34.39 -37.11
CA ALA C 201 20.59 -34.55 -37.72
C ALA C 201 21.05 -36.01 -37.74
N LYS C 202 21.91 -36.35 -38.68
CA LYS C 202 22.38 -37.76 -38.81
C LYS C 202 23.06 -38.26 -37.53
N GLN C 203 23.07 -39.58 -37.37
CA GLN C 203 23.78 -40.29 -36.27
C GLN C 203 23.43 -39.66 -34.92
N LYS C 204 22.21 -39.14 -34.83
CA LYS C 204 21.67 -38.48 -33.61
C LYS C 204 20.85 -39.52 -32.88
N GLY C 205 21.13 -39.68 -31.60
CA GLY C 205 20.45 -40.70 -30.80
C GLY C 205 18.95 -40.46 -30.88
N VAL C 206 18.21 -41.54 -30.83
CA VAL C 206 16.76 -41.36 -30.85
C VAL C 206 16.33 -42.15 -29.65
N ASN C 207 15.58 -41.52 -28.81
CA ASN C 207 15.09 -42.24 -27.63
C ASN C 207 13.60 -42.41 -27.85
N ILE C 208 13.08 -43.55 -27.49
CA ILE C 208 11.62 -43.83 -27.51
C ILE C 208 11.34 -44.48 -26.16
N PRO C 209 11.11 -43.66 -25.14
CA PRO C 209 10.91 -44.17 -23.79
C PRO C 209 9.70 -45.07 -23.55
N ASN C 210 9.82 -45.96 -22.56
CA ASN C 210 8.76 -46.92 -22.17
C ASN C 210 8.50 -47.87 -23.34
N THR C 211 9.56 -48.25 -24.03
CA THR C 211 9.41 -49.10 -25.23
C THR C 211 10.36 -50.30 -25.13
N LYS C 212 9.83 -51.50 -25.35
CA LYS C 212 10.72 -52.67 -25.26
C LYS C 212 11.13 -53.14 -26.65
N ILE C 213 12.31 -52.74 -27.10
CA ILE C 213 12.80 -53.21 -28.41
C ILE C 213 13.79 -54.30 -28.08
N PRO C 214 13.64 -55.49 -28.66
CA PRO C 214 14.54 -56.60 -28.36
C PRO C 214 15.86 -56.52 -29.14
N PHE C 215 16.73 -55.61 -28.72
CA PHE C 215 18.05 -55.47 -29.38
C PHE C 215 18.92 -56.64 -28.94
N PRO C 216 19.98 -56.97 -29.69
CA PRO C 216 20.86 -58.09 -29.35
C PRO C 216 21.82 -57.85 -28.19
N ALA C 217 22.31 -58.92 -27.56
CA ALA C 217 23.26 -58.75 -26.43
C ALA C 217 24.51 -58.07 -26.97
N LEU C 218 24.90 -58.43 -28.19
CA LEU C 218 26.06 -57.76 -28.82
C LEU C 218 25.86 -57.71 -30.34
N ALA C 219 25.62 -56.52 -30.88
CA ALA C 219 25.41 -56.33 -32.33
C ALA C 219 26.71 -56.61 -33.07
N GLU C 220 26.62 -57.01 -34.34
CA GLU C 220 27.83 -57.30 -35.15
C GLU C 220 28.64 -56.03 -35.34
N ARG C 221 27.97 -54.89 -35.45
CA ARG C 221 28.71 -53.62 -35.64
C ARG C 221 29.60 -53.39 -34.41
N ASP C 222 29.06 -53.64 -33.23
CA ASP C 222 29.83 -53.47 -31.99
C ASP C 222 30.96 -54.49 -31.97
N ASN C 223 30.66 -55.73 -32.36
CA ASN C 223 31.71 -56.78 -32.34
C ASN C 223 32.83 -56.36 -33.27
N ASP C 224 32.50 -55.91 -34.48
CA ASP C 224 33.53 -55.47 -35.45
C ASP C 224 34.29 -54.25 -34.95
N ASP C 225 33.60 -53.28 -34.37
CA ASP C 225 34.24 -52.03 -33.88
C ASP C 225 35.21 -52.34 -32.73
N ILE C 226 34.78 -53.19 -31.81
CA ILE C 226 35.65 -53.58 -30.66
C ILE C 226 36.88 -54.33 -31.18
N ARG C 227 36.71 -55.26 -32.12
CA ARG C 227 37.88 -55.99 -32.66
C ARG C 227 38.81 -54.98 -33.33
N PHE C 228 38.23 -54.02 -34.04
CA PHE C 228 39.07 -53.02 -34.71
C PHE C 228 39.84 -52.22 -33.66
N GLY C 229 39.16 -51.78 -32.60
CA GLY C 229 39.80 -51.00 -31.53
C GLY C 229 40.86 -51.83 -30.84
N LEU C 230 40.56 -53.09 -30.61
CA LEU C 230 41.52 -54.00 -29.97
C LEU C 230 42.79 -54.11 -30.81
N GLU C 231 42.68 -54.16 -32.15
CA GLU C 231 43.86 -54.24 -33.04
C GLU C 231 44.72 -52.99 -32.96
N GLN C 232 44.10 -51.81 -32.91
CA GLN C 232 44.83 -50.51 -32.81
C GLN C 232 45.55 -50.43 -31.46
N GLY C 233 44.93 -50.97 -30.42
CA GLY C 233 45.48 -50.94 -29.07
C GLY C 233 44.71 -49.96 -28.19
N ILE C 234 43.85 -50.48 -27.34
CA ILE C 234 43.03 -49.65 -26.41
C ILE C 234 43.20 -50.19 -24.99
N ASN C 235 42.84 -49.39 -24.00
CA ASN C 235 42.99 -49.82 -22.59
C ASN C 235 41.63 -50.00 -21.94
N PHE C 236 40.62 -49.33 -22.49
CA PHE C 236 39.27 -49.39 -21.88
C PHE C 236 38.19 -49.46 -22.97
N ILE C 237 37.09 -50.09 -22.66
CA ILE C 237 35.92 -50.06 -23.56
C ILE C 237 34.73 -49.60 -22.73
N ALA C 238 34.04 -48.58 -23.22
CA ALA C 238 32.80 -48.13 -22.56
C ALA C 238 31.69 -48.74 -23.40
N ILE C 239 30.85 -49.57 -22.81
CA ILE C 239 29.80 -50.29 -23.55
C ILE C 239 28.48 -49.55 -23.37
N SER C 240 28.01 -48.95 -24.47
CA SER C 240 26.73 -48.20 -24.41
C SER C 240 25.57 -49.12 -24.09
N PHE C 241 24.65 -48.63 -23.27
CA PHE C 241 23.38 -49.29 -22.90
C PHE C 241 23.52 -50.69 -22.31
N VAL C 242 24.36 -50.89 -21.29
CA VAL C 242 24.44 -52.24 -20.69
C VAL C 242 23.12 -52.44 -19.93
N ARG C 243 22.40 -53.52 -20.26
CA ARG C 243 21.10 -53.83 -19.61
C ARG C 243 21.26 -54.95 -18.59
N THR C 244 22.27 -55.81 -18.77
CA THR C 244 22.53 -56.98 -17.89
C THR C 244 24.02 -57.32 -17.87
N ALA C 245 24.41 -58.18 -16.94
CA ALA C 245 25.82 -58.62 -16.81
C ALA C 245 26.23 -59.28 -18.12
N LYS C 246 25.27 -59.86 -18.83
CA LYS C 246 25.56 -60.55 -20.11
C LYS C 246 26.16 -59.59 -21.14
N ASP C 247 25.69 -58.35 -21.18
CA ASP C 247 26.21 -57.39 -22.17
C ASP C 247 27.72 -57.22 -21.91
N VAL C 248 28.10 -57.20 -20.64
CA VAL C 248 29.55 -57.07 -20.28
C VAL C 248 30.29 -58.38 -20.62
N ASN C 249 29.69 -59.49 -20.27
CA ASN C 249 30.35 -60.80 -20.45
C ASN C 249 30.66 -61.02 -21.92
N GLU C 250 29.76 -60.65 -22.84
CA GLU C 250 30.02 -60.87 -24.29
C GLU C 250 31.25 -60.09 -24.73
N VAL C 251 31.40 -58.85 -24.28
CA VAL C 251 32.60 -58.06 -24.66
C VAL C 251 33.85 -58.67 -24.01
N ARG C 252 33.71 -59.14 -22.78
CA ARG C 252 34.83 -59.71 -22.01
C ARG C 252 35.38 -60.92 -22.76
N ALA C 253 34.49 -61.73 -23.31
CA ALA C 253 34.88 -62.92 -24.08
C ALA C 253 35.72 -62.50 -25.29
N ILE C 254 35.32 -61.43 -25.97
CA ILE C 254 36.10 -60.98 -27.15
C ILE C 254 37.49 -60.53 -26.70
N CYS C 255 37.57 -59.83 -25.58
CA CYS C 255 38.89 -59.32 -25.12
C CYS C 255 39.83 -60.47 -24.80
N GLU C 256 39.32 -61.45 -24.07
CA GLU C 256 40.08 -62.65 -23.64
C GLU C 256 40.49 -63.49 -24.85
N GLU C 257 39.58 -63.71 -25.80
CA GLU C 257 39.86 -64.51 -27.01
C GLU C 257 41.00 -63.88 -27.81
N THR C 258 41.06 -62.56 -27.87
CA THR C 258 42.08 -61.85 -28.68
C THR C 258 43.39 -61.68 -27.93
N GLY C 259 43.48 -62.13 -26.69
CA GLY C 259 44.74 -61.93 -25.94
C GLY C 259 44.85 -60.53 -25.35
N ASN C 260 43.72 -59.85 -25.18
CA ASN C 260 43.63 -58.46 -24.68
C ASN C 260 42.94 -58.46 -23.31
N GLY C 261 43.25 -59.45 -22.49
CA GLY C 261 42.61 -59.64 -21.18
C GLY C 261 42.82 -58.44 -20.26
N HIS C 262 43.85 -57.66 -20.54
CA HIS C 262 44.22 -56.45 -19.77
C HIS C 262 43.20 -55.33 -19.95
N VAL C 263 42.35 -55.40 -20.97
CA VAL C 263 41.37 -54.32 -21.24
C VAL C 263 40.30 -54.27 -20.14
N GLN C 264 39.96 -53.07 -19.71
CA GLN C 264 38.92 -52.91 -18.65
C GLN C 264 37.61 -52.47 -19.29
N LEU C 265 36.52 -52.97 -18.79
CA LEU C 265 35.22 -52.64 -19.38
C LEU C 265 34.43 -51.76 -18.43
N PHE C 266 33.99 -50.62 -18.93
CA PHE C 266 33.11 -49.75 -18.14
C PHE C 266 31.70 -49.89 -18.73
N ALA C 267 30.77 -50.35 -17.92
CA ALA C 267 29.39 -50.47 -18.39
C ALA C 267 28.78 -49.07 -18.39
N LYS C 268 28.10 -48.73 -19.47
CA LYS C 268 27.39 -47.42 -19.54
C LYS C 268 25.98 -47.69 -19.06
N ILE C 269 25.60 -47.10 -17.95
CA ILE C 269 24.25 -47.28 -17.37
C ILE C 269 23.40 -46.13 -17.92
N GLU C 270 22.52 -46.39 -18.89
CA GLU C 270 21.67 -45.32 -19.49
C GLU C 270 20.19 -45.68 -19.63
N ASN C 271 19.66 -46.65 -18.87
CA ASN C 271 18.23 -47.02 -18.95
C ASN C 271 17.78 -47.72 -17.68
N GLN C 272 16.48 -47.90 -17.50
CA GLN C 272 15.96 -48.51 -16.26
C GLN C 272 16.51 -49.92 -16.06
N GLN C 273 16.68 -50.68 -17.14
CA GLN C 273 17.16 -52.07 -17.05
C GLN C 273 18.59 -52.07 -16.50
N GLY C 274 19.46 -51.21 -17.00
CA GLY C 274 20.82 -51.13 -16.48
C GLY C 274 20.82 -50.80 -14.99
N ILE C 275 19.93 -49.90 -14.55
CA ILE C 275 19.80 -49.49 -13.13
C ILE C 275 19.27 -50.64 -12.28
N ASP C 276 18.27 -51.35 -12.79
CA ASP C 276 17.63 -52.47 -12.09
C ASP C 276 18.64 -53.59 -11.84
N ASN C 277 19.54 -53.81 -12.79
CA ASN C 277 20.57 -54.89 -12.76
C ASN C 277 21.94 -54.32 -12.41
N LEU C 278 21.99 -53.21 -11.68
CA LEU C 278 23.28 -52.54 -11.40
C LEU C 278 24.25 -53.43 -10.61
N ASP C 279 23.83 -54.13 -9.58
CA ASP C 279 24.76 -54.95 -8.76
C ASP C 279 25.45 -56.02 -9.60
N GLU C 280 24.70 -56.72 -10.44
CA GLU C 280 25.28 -57.76 -11.34
C GLU C 280 26.21 -57.09 -12.35
N ILE C 281 25.85 -55.91 -12.87
CA ILE C 281 26.69 -55.24 -13.89
C ILE C 281 28.01 -54.80 -13.24
N ILE C 282 27.93 -54.28 -12.03
CA ILE C 282 29.16 -53.83 -11.33
C ILE C 282 30.09 -55.03 -11.14
N GLU C 283 29.54 -56.16 -10.73
CA GLU C 283 30.36 -57.37 -10.50
C GLU C 283 31.06 -57.80 -11.79
N ALA C 284 30.37 -57.82 -12.92
CA ALA C 284 30.95 -58.24 -14.22
C ALA C 284 31.97 -57.26 -14.79
N ALA C 285 31.74 -55.97 -14.57
CA ALA C 285 32.54 -54.91 -15.20
C ALA C 285 33.71 -54.44 -14.31
N ASP C 286 34.63 -53.66 -14.87
CA ASP C 286 35.76 -53.04 -14.15
C ASP C 286 35.36 -51.64 -13.65
N GLY C 287 34.21 -51.14 -14.06
CA GLY C 287 33.75 -49.80 -13.66
C GLY C 287 32.44 -49.43 -14.33
N ILE C 288 31.91 -48.27 -13.98
CA ILE C 288 30.62 -47.79 -14.54
C ILE C 288 30.81 -46.39 -15.11
N MET C 289 30.24 -46.13 -16.27
CA MET C 289 30.24 -44.76 -16.80
C MET C 289 28.79 -44.28 -16.64
N ILE C 290 28.57 -43.21 -15.89
CA ILE C 290 27.20 -42.72 -15.67
C ILE C 290 26.88 -41.89 -16.92
N ALA C 291 26.19 -42.52 -17.86
CA ALA C 291 25.83 -41.93 -19.17
C ALA C 291 24.55 -41.14 -18.98
N ARG C 292 24.69 -39.96 -18.39
CA ARG C 292 23.54 -39.13 -18.01
C ARG C 292 22.70 -38.68 -19.21
N GLY C 293 23.29 -38.47 -20.39
CA GLY C 293 22.47 -37.95 -21.49
C GLY C 293 21.31 -38.81 -21.88
N ASP C 294 21.55 -40.09 -22.19
CA ASP C 294 20.47 -41.06 -22.48
C ASP C 294 19.66 -41.37 -21.21
N MET C 295 20.31 -41.48 -20.06
CA MET C 295 19.65 -41.87 -18.79
C MET C 295 18.55 -40.89 -18.41
N GLY C 296 18.79 -39.60 -18.61
CA GLY C 296 17.87 -38.51 -18.26
C GLY C 296 16.63 -38.50 -19.14
N ILE C 297 16.68 -39.24 -20.25
CA ILE C 297 15.56 -39.34 -21.23
C ILE C 297 14.82 -40.66 -21.00
N GLU C 298 15.59 -41.74 -20.82
CA GLU C 298 15.11 -43.12 -20.58
C GLU C 298 14.45 -43.26 -19.21
N VAL C 299 14.88 -42.47 -18.23
CA VAL C 299 14.32 -42.49 -16.85
C VAL C 299 13.97 -41.05 -16.49
N PRO C 300 13.15 -40.82 -15.47
CA PRO C 300 12.80 -39.44 -15.13
C PRO C 300 14.07 -38.62 -14.88
N PHE C 301 14.13 -37.43 -15.47
CA PHE C 301 15.33 -36.57 -15.39
C PHE C 301 15.65 -36.26 -13.92
N GLU C 302 14.63 -36.09 -13.10
CA GLU C 302 14.81 -35.72 -11.67
C GLU C 302 15.41 -36.86 -10.83
N MET C 303 15.47 -38.07 -11.37
CA MET C 303 16.00 -39.25 -10.66
C MET C 303 17.49 -39.47 -10.97
N VAL C 304 18.03 -38.83 -11.99
CA VAL C 304 19.45 -39.04 -12.36
C VAL C 304 20.37 -38.65 -11.19
N PRO C 305 20.11 -37.53 -10.50
CA PRO C 305 21.00 -37.15 -9.39
C PRO C 305 21.01 -38.23 -8.29
N VAL C 306 19.85 -38.83 -8.05
CA VAL C 306 19.73 -39.89 -7.02
C VAL C 306 20.57 -41.10 -7.44
N TYR C 307 20.43 -41.54 -8.69
CA TYR C 307 21.15 -42.69 -9.25
C TYR C 307 22.65 -42.41 -9.25
N GLN C 308 23.03 -41.18 -9.60
CA GLN C 308 24.45 -40.79 -9.69
C GLN C 308 25.14 -40.94 -8.33
N LYS C 309 24.54 -40.46 -7.25
CA LYS C 309 25.16 -40.58 -5.91
C LYS C 309 25.25 -42.07 -5.53
N MET C 310 24.17 -42.80 -5.77
CA MET C 310 24.08 -44.23 -5.46
C MET C 310 25.11 -45.06 -6.26
N ILE C 311 25.24 -44.81 -7.55
CA ILE C 311 26.21 -45.57 -8.39
C ILE C 311 27.64 -45.28 -7.91
N ILE C 312 27.94 -44.03 -7.61
CA ILE C 312 29.32 -43.67 -7.18
C ILE C 312 29.66 -44.42 -5.89
N LYS C 313 28.75 -44.42 -4.92
CA LYS C 313 29.04 -45.11 -3.64
C LYS C 313 29.25 -46.60 -3.88
N LYS C 314 28.39 -47.21 -4.69
CA LYS C 314 28.48 -48.67 -4.95
C LYS C 314 29.76 -49.02 -5.70
N VAL C 315 30.09 -48.30 -6.75
CA VAL C 315 31.31 -48.63 -7.54
C VAL C 315 32.55 -48.48 -6.65
N ASN C 316 32.62 -47.42 -5.86
CA ASN C 316 33.76 -47.18 -4.95
C ASN C 316 33.88 -48.33 -3.94
N ALA C 317 32.75 -48.77 -3.41
CA ALA C 317 32.66 -49.83 -2.39
C ALA C 317 33.23 -51.12 -2.99
N ALA C 318 33.13 -51.27 -4.31
CA ALA C 318 33.59 -52.46 -5.04
C ALA C 318 35.03 -52.26 -5.52
N GLY C 319 35.66 -51.16 -5.14
CA GLY C 319 37.05 -50.90 -5.56
C GLY C 319 37.17 -50.78 -7.06
N LYS C 320 36.14 -50.24 -7.71
CA LYS C 320 36.12 -50.10 -9.18
C LYS C 320 36.10 -48.62 -9.58
N VAL C 321 36.21 -48.36 -10.88
CA VAL C 321 36.29 -46.97 -11.40
C VAL C 321 34.91 -46.41 -11.77
N VAL C 322 34.62 -45.18 -11.41
CA VAL C 322 33.32 -44.58 -11.84
C VAL C 322 33.60 -43.26 -12.59
N ILE C 323 32.94 -43.09 -13.73
CA ILE C 323 33.09 -41.88 -14.57
C ILE C 323 31.74 -41.15 -14.63
N THR C 324 31.68 -39.87 -14.29
CA THR C 324 30.44 -39.08 -14.40
C THR C 324 30.48 -38.38 -15.76
N ALA C 325 29.42 -38.47 -16.55
CA ALA C 325 29.52 -37.89 -17.91
C ALA C 325 28.29 -37.14 -18.38
N THR C 326 28.54 -36.29 -19.37
CA THR C 326 27.53 -35.59 -20.21
C THR C 326 27.06 -34.24 -19.67
N ASN C 327 27.21 -33.20 -20.49
CA ASN C 327 26.71 -31.83 -20.21
C ASN C 327 27.46 -31.15 -19.05
N MET C 328 28.60 -31.68 -18.61
CA MET C 328 29.33 -31.14 -17.44
C MET C 328 29.75 -29.67 -17.64
N LEU C 329 30.28 -29.32 -18.81
CA LEU C 329 30.63 -27.93 -19.16
C LEU C 329 30.00 -27.66 -20.54
N GLU C 330 28.74 -27.98 -20.69
CA GLU C 330 28.07 -27.93 -22.01
C GLU C 330 28.17 -26.57 -22.70
N THR C 331 27.99 -25.47 -21.98
CA THR C 331 28.00 -24.12 -22.58
C THR C 331 29.35 -23.82 -23.24
N MET C 332 30.40 -24.46 -22.78
CA MET C 332 31.78 -24.25 -23.29
C MET C 332 31.94 -24.78 -24.73
N THR C 333 30.92 -25.42 -25.28
CA THR C 333 30.92 -25.80 -26.70
C THR C 333 30.88 -24.49 -27.53
N GLU C 334 30.14 -23.48 -27.06
CA GLU C 334 29.97 -22.18 -27.77
C GLU C 334 30.58 -20.96 -27.07
N LYS C 335 30.83 -21.01 -25.76
CA LYS C 335 31.36 -19.83 -25.04
C LYS C 335 32.62 -20.15 -24.25
N PRO C 336 33.47 -19.17 -23.94
CA PRO C 336 34.70 -19.45 -23.20
C PRO C 336 34.53 -19.74 -21.70
N ARG C 337 33.35 -19.44 -21.16
CA ARG C 337 33.06 -19.62 -19.71
C ARG C 337 31.81 -20.47 -19.51
N ALA C 338 31.88 -21.42 -18.57
CA ALA C 338 30.76 -22.30 -18.20
C ALA C 338 29.73 -21.55 -17.33
N THR C 339 28.51 -22.03 -17.32
CA THR C 339 27.42 -21.48 -16.50
C THR C 339 27.64 -21.86 -15.04
N ARG C 340 26.89 -21.22 -14.15
CA ARG C 340 27.01 -21.49 -12.69
C ARG C 340 26.56 -22.94 -12.42
N SER C 341 25.53 -23.41 -13.09
CA SER C 341 25.02 -24.79 -12.91
C SER C 341 26.09 -25.81 -13.37
N GLU C 342 26.80 -25.53 -14.45
CA GLU C 342 27.85 -26.45 -14.97
C GLU C 342 28.99 -26.57 -13.97
N VAL C 343 29.46 -25.46 -13.42
CA VAL C 343 30.57 -25.50 -12.43
C VAL C 343 30.11 -26.29 -11.19
N SER C 344 28.87 -26.04 -10.78
CA SER C 344 28.27 -26.73 -9.61
C SER C 344 28.24 -28.25 -9.87
N ASP C 345 27.79 -28.67 -11.05
CA ASP C 345 27.69 -30.09 -11.42
C ASP C 345 29.09 -30.72 -11.38
N VAL C 346 30.09 -30.11 -11.99
CA VAL C 346 31.44 -30.72 -11.93
C VAL C 346 31.90 -30.76 -10.46
N PHE C 347 31.71 -29.69 -9.71
CA PHE C 347 32.17 -29.68 -8.30
C PHE C 347 31.49 -30.79 -7.50
N ASN C 348 30.17 -30.92 -7.63
CA ASN C 348 29.39 -31.91 -6.86
C ASN C 348 29.76 -33.35 -7.25
N ALA C 349 30.09 -33.58 -8.52
CA ALA C 349 30.46 -34.95 -8.97
C ALA C 349 31.70 -35.39 -8.19
N VAL C 350 32.67 -34.50 -8.06
CA VAL C 350 33.89 -34.77 -7.28
C VAL C 350 33.53 -35.02 -5.81
N ILE C 351 32.67 -34.19 -5.24
CA ILE C 351 32.22 -34.34 -3.82
C ILE C 351 31.49 -35.66 -3.64
N ASP C 352 30.68 -36.06 -4.61
CA ASP C 352 29.94 -37.35 -4.56
C ASP C 352 30.95 -38.50 -4.47
N GLY C 353 32.19 -38.32 -4.95
CA GLY C 353 33.23 -39.37 -4.92
C GLY C 353 33.64 -39.91 -6.28
N THR C 354 33.34 -39.20 -7.36
CA THR C 354 33.68 -39.70 -8.71
C THR C 354 35.21 -39.87 -8.87
N ASP C 355 35.60 -40.94 -9.54
CA ASP C 355 37.03 -41.17 -9.90
C ASP C 355 37.41 -40.21 -11.01
N ALA C 356 36.48 -40.01 -11.94
CA ALA C 356 36.71 -39.20 -13.15
C ALA C 356 35.47 -38.44 -13.61
N THR C 357 35.70 -37.33 -14.30
CA THR C 357 34.66 -36.45 -14.89
C THR C 357 34.91 -36.47 -16.40
N MET C 358 33.87 -36.28 -17.20
CA MET C 358 34.07 -36.43 -18.67
C MET C 358 33.55 -35.24 -19.47
N LEU C 359 34.17 -35.03 -20.63
CA LEU C 359 33.83 -34.01 -21.64
C LEU C 359 33.47 -34.75 -22.94
N SER C 360 32.39 -34.35 -23.55
CA SER C 360 31.97 -34.98 -24.82
C SER C 360 32.09 -33.95 -25.95
N GLY C 361 31.00 -33.28 -26.29
CA GLY C 361 31.02 -32.27 -27.34
C GLY C 361 31.99 -31.16 -26.99
N GLU C 362 32.16 -30.86 -25.70
CA GLU C 362 33.05 -29.76 -25.29
C GLU C 362 34.46 -30.00 -25.83
N SER C 363 34.95 -31.23 -25.78
CA SER C 363 36.29 -31.50 -26.34
C SER C 363 36.23 -31.99 -27.80
N ALA C 364 35.23 -32.77 -28.15
CA ALA C 364 35.14 -33.36 -29.51
C ALA C 364 34.75 -32.42 -30.63
N ASN C 365 33.66 -31.68 -30.41
CA ASN C 365 32.89 -30.84 -31.38
C ASN C 365 32.92 -29.33 -31.14
N GLY C 366 33.38 -28.85 -29.99
CA GLY C 366 33.32 -27.43 -29.59
C GLY C 366 34.40 -26.48 -30.05
N LYS C 367 34.15 -25.19 -29.82
CA LYS C 367 35.06 -24.08 -30.14
C LYS C 367 36.18 -23.94 -29.10
N TYR C 368 36.00 -24.47 -27.89
CA TYR C 368 37.02 -24.28 -26.84
C TYR C 368 37.43 -25.62 -26.22
N PRO C 369 37.97 -26.53 -27.04
CA PRO C 369 38.34 -27.82 -26.49
C PRO C 369 39.42 -27.74 -25.39
N LEU C 370 40.51 -27.04 -25.63
CA LEU C 370 41.55 -26.93 -24.60
C LEU C 370 41.03 -26.21 -23.34
N GLU C 371 40.27 -25.14 -23.51
CA GLU C 371 39.70 -24.33 -22.40
C GLU C 371 38.77 -25.22 -21.57
N SER C 372 38.02 -26.09 -22.22
CA SER C 372 37.09 -26.98 -21.50
C SER C 372 37.88 -27.91 -20.54
N VAL C 373 38.99 -28.49 -21.02
CA VAL C 373 39.84 -29.39 -20.20
C VAL C 373 40.46 -28.59 -19.05
N THR C 374 41.01 -27.42 -19.35
CA THR C 374 41.60 -26.57 -18.29
C THR C 374 40.51 -26.19 -17.26
N THR C 375 39.32 -25.82 -17.71
CA THR C 375 38.25 -25.41 -16.77
C THR C 375 37.87 -26.59 -15.88
N MET C 376 37.68 -27.76 -16.45
CA MET C 376 37.34 -28.96 -15.66
C MET C 376 38.49 -29.24 -14.69
N ALA C 377 39.73 -29.07 -15.13
CA ALA C 377 40.90 -29.34 -14.26
C ALA C 377 40.87 -28.41 -13.03
N THR C 378 40.58 -27.14 -13.25
CA THR C 378 40.53 -26.15 -12.16
C THR C 378 39.41 -26.50 -11.17
N ILE C 379 38.22 -26.79 -11.65
CA ILE C 379 37.12 -27.13 -10.72
C ILE C 379 37.46 -28.41 -9.96
N ASP C 380 37.94 -29.44 -10.67
CA ASP C 380 38.27 -30.76 -10.05
C ASP C 380 39.32 -30.55 -8.95
N LYS C 381 40.35 -29.77 -9.24
CA LYS C 381 41.41 -29.49 -8.24
C LYS C 381 40.83 -28.73 -7.06
N ASN C 382 39.95 -27.77 -7.30
CA ASN C 382 39.35 -27.01 -6.18
C ASN C 382 38.50 -27.93 -5.30
N ALA C 383 37.67 -28.76 -5.92
CA ALA C 383 36.75 -29.68 -5.21
C ALA C 383 37.51 -30.72 -4.36
N GLN C 384 38.66 -31.21 -4.83
CA GLN C 384 39.44 -32.22 -4.10
C GLN C 384 39.82 -31.65 -2.74
N ALA C 385 40.09 -30.36 -2.68
CA ALA C 385 40.45 -29.69 -1.42
C ALA C 385 39.31 -29.78 -0.39
N LEU C 386 38.09 -29.98 -0.84
CA LEU C 386 36.94 -30.00 0.10
C LEU C 386 36.40 -31.39 0.42
N LEU C 387 37.12 -32.43 0.01
CA LEU C 387 36.66 -33.82 0.26
C LEU C 387 36.63 -34.15 1.75
N ASN C 388 37.61 -33.69 2.51
CA ASN C 388 37.62 -33.96 3.97
C ASN C 388 36.38 -33.34 4.60
N GLU C 389 36.05 -32.12 4.21
CA GLU C 389 34.88 -31.41 4.77
C GLU C 389 33.52 -31.93 4.27
N TYR C 390 33.35 -32.06 2.96
CA TYR C 390 32.03 -32.40 2.38
C TYR C 390 31.95 -33.77 1.70
N GLY C 391 33.05 -34.51 1.56
CA GLY C 391 33.06 -35.77 0.80
C GLY C 391 32.00 -36.79 1.23
N ARG C 392 31.25 -37.32 0.27
CA ARG C 392 30.19 -38.35 0.50
C ARG C 392 30.77 -39.74 0.85
N LEU C 393 31.83 -40.16 0.19
CA LEU C 393 32.40 -41.52 0.40
C LEU C 393 32.86 -41.72 1.85
N ASP C 394 32.66 -42.92 2.38
CA ASP C 394 33.02 -43.27 3.77
C ASP C 394 33.81 -44.59 3.82
N SER C 395 35.15 -44.53 3.76
CA SER C 395 36.03 -45.73 3.79
C SER C 395 35.88 -46.52 5.08
N ASP C 396 35.55 -45.82 6.17
CA ASP C 396 35.40 -46.40 7.53
C ASP C 396 34.37 -47.53 7.55
N SER C 397 33.34 -47.45 6.75
CA SER C 397 32.27 -48.48 6.73
C SER C 397 32.63 -49.73 5.91
N PHE C 398 33.71 -49.71 5.14
CA PHE C 398 34.09 -50.90 4.32
C PHE C 398 34.63 -52.06 5.16
N GLU C 399 34.32 -53.27 4.72
CA GLU C 399 34.90 -54.49 5.31
C GLU C 399 36.25 -54.63 4.59
N ARG C 400 37.34 -54.88 5.33
CA ARG C 400 38.64 -55.08 4.64
C ARG C 400 38.66 -56.58 4.37
N ASN C 401 38.48 -56.94 3.11
CA ASN C 401 38.29 -58.34 2.70
C ASN C 401 39.56 -59.09 2.30
N SER C 402 40.72 -58.48 2.41
CA SER C 402 41.97 -59.16 2.03
C SER C 402 43.14 -58.44 2.68
N LYS C 403 44.29 -59.09 2.76
CA LYS C 403 45.52 -58.53 3.37
C LYS C 403 45.95 -57.29 2.61
N THR C 404 45.84 -57.27 1.28
CA THR C 404 46.22 -56.03 0.54
C THR C 404 45.26 -54.90 0.96
N GLU C 405 43.98 -55.21 1.11
CA GLU C 405 42.98 -54.19 1.51
C GLU C 405 43.29 -53.70 2.94
N VAL C 406 43.72 -54.61 3.81
CA VAL C 406 44.09 -54.22 5.19
C VAL C 406 45.24 -53.20 5.09
N MET C 407 46.20 -53.46 4.21
CA MET C 407 47.33 -52.52 4.03
C MET C 407 46.79 -51.17 3.52
N ALA C 408 45.84 -51.18 2.58
CA ALA C 408 45.26 -49.94 2.03
C ALA C 408 44.58 -49.16 3.15
N SER C 409 43.89 -49.84 4.07
CA SER C 409 43.25 -49.15 5.21
C SER C 409 44.35 -48.51 6.09
N ALA C 410 45.44 -49.23 6.33
CA ALA C 410 46.58 -48.76 7.12
C ALA C 410 47.23 -47.53 6.47
N VAL C 411 47.38 -47.55 5.16
CA VAL C 411 47.99 -46.40 4.42
C VAL C 411 47.07 -45.18 4.64
N LYS C 412 45.77 -45.36 4.51
CA LYS C 412 44.78 -44.26 4.69
C LYS C 412 44.91 -43.71 6.13
N ASP C 413 45.05 -44.59 7.10
CA ASP C 413 45.22 -44.17 8.51
C ASP C 413 46.50 -43.33 8.67
N ALA C 414 47.59 -43.72 8.02
CA ALA C 414 48.86 -42.99 8.12
C ALA C 414 48.66 -41.57 7.56
N THR C 415 47.98 -41.44 6.43
CA THR C 415 47.67 -40.15 5.77
C THR C 415 46.75 -39.29 6.62
N SER C 416 45.98 -39.89 7.54
CA SER C 416 45.05 -39.16 8.44
C SER C 416 45.77 -38.70 9.72
N SER C 417 46.74 -39.50 10.16
CA SER C 417 47.58 -39.29 11.35
C SER C 417 48.60 -38.15 11.20
N MET C 418 49.16 -37.95 10.01
CA MET C 418 50.21 -36.94 9.79
C MET C 418 50.18 -36.43 8.35
N ASP C 419 50.98 -35.43 8.03
CA ASP C 419 50.99 -34.86 6.67
C ASP C 419 51.85 -35.75 5.77
N ILE C 420 51.17 -36.54 4.93
CA ILE C 420 51.88 -37.44 3.98
C ILE C 420 51.84 -36.78 2.60
N LYS C 421 53.00 -36.41 2.07
CA LYS C 421 53.08 -35.78 0.74
C LYS C 421 52.71 -36.77 -0.36
N LEU C 422 53.15 -38.02 -0.25
CA LEU C 422 52.88 -38.99 -1.33
C LEU C 422 52.81 -40.42 -0.80
N VAL C 423 51.98 -41.24 -1.42
CA VAL C 423 51.92 -42.69 -1.14
C VAL C 423 52.53 -43.36 -2.37
N VAL C 424 53.52 -44.22 -2.20
CA VAL C 424 54.14 -44.92 -3.35
C VAL C 424 53.86 -46.42 -3.26
N THR C 425 53.34 -47.02 -4.33
CA THR C 425 53.11 -48.48 -4.34
C THR C 425 53.90 -49.11 -5.48
N LEU C 426 54.62 -50.18 -5.23
CA LEU C 426 55.29 -50.92 -6.33
C LEU C 426 54.30 -52.04 -6.64
N THR C 427 53.57 -51.93 -7.74
CA THR C 427 52.48 -52.86 -8.07
C THR C 427 52.70 -53.55 -9.43
N LYS C 428 52.68 -54.87 -9.45
CA LYS C 428 52.85 -55.63 -10.70
C LYS C 428 51.61 -55.51 -11.60
N THR C 429 50.43 -55.70 -11.05
CA THR C 429 49.16 -55.63 -11.82
C THR C 429 48.31 -54.37 -11.54
N GLY C 430 48.69 -53.56 -10.56
CA GLY C 430 47.92 -52.36 -10.18
C GLY C 430 46.88 -52.62 -9.10
N HIS C 431 46.82 -53.85 -8.60
CA HIS C 431 45.81 -54.24 -7.58
C HIS C 431 45.97 -53.38 -6.31
N THR C 432 47.19 -53.24 -5.82
CA THR C 432 47.46 -52.45 -4.60
C THR C 432 47.06 -50.98 -4.82
N ALA C 433 47.38 -50.43 -5.99
CA ALA C 433 47.04 -49.04 -6.32
C ALA C 433 45.52 -48.85 -6.36
N ARG C 434 44.80 -49.81 -6.91
CA ARG C 434 43.33 -49.72 -6.98
C ARG C 434 42.75 -49.69 -5.56
N LEU C 435 43.23 -50.57 -4.70
CA LEU C 435 42.70 -50.62 -3.30
C LEU C 435 43.06 -49.35 -2.53
N ILE C 436 44.28 -48.83 -2.72
CA ILE C 436 44.68 -47.58 -2.03
C ILE C 436 43.80 -46.44 -2.54
N SER C 437 43.56 -46.40 -3.85
CA SER C 437 42.69 -45.38 -4.48
C SER C 437 41.27 -45.52 -3.93
N LYS C 438 40.82 -46.75 -3.75
CA LYS C 438 39.46 -47.01 -3.25
C LYS C 438 39.29 -46.31 -1.91
N TYR C 439 40.35 -46.30 -1.09
CA TYR C 439 40.33 -45.69 0.27
C TYR C 439 40.35 -44.17 0.27
N ARG C 440 40.65 -43.51 -0.85
CA ARG C 440 40.66 -42.03 -0.93
C ARG C 440 41.60 -41.43 0.13
N PRO C 441 42.88 -41.76 0.10
CA PRO C 441 43.81 -41.21 1.10
C PRO C 441 44.06 -39.70 0.91
N ASN C 442 44.49 -39.01 1.96
CA ASN C 442 44.80 -37.57 1.81
C ASN C 442 46.24 -37.45 1.28
N ALA C 443 46.48 -37.99 0.09
CA ALA C 443 47.78 -37.95 -0.59
C ALA C 443 47.63 -38.37 -2.05
N ASP C 444 48.57 -37.96 -2.88
CA ASP C 444 48.64 -38.45 -4.27
C ASP C 444 49.20 -39.88 -4.19
N ILE C 445 48.88 -40.73 -5.16
CA ILE C 445 49.34 -42.13 -5.14
C ILE C 445 50.20 -42.38 -6.39
N LEU C 446 51.49 -42.53 -6.20
CA LEU C 446 52.42 -42.83 -7.31
C LEU C 446 52.46 -44.34 -7.47
N ALA C 447 51.99 -44.83 -8.58
CA ALA C 447 51.99 -46.28 -8.85
C ALA C 447 53.17 -46.64 -9.76
N LEU C 448 54.16 -47.31 -9.18
CA LEU C 448 55.34 -47.75 -9.93
C LEU C 448 55.03 -49.15 -10.45
N THR C 449 54.87 -49.27 -11.76
CA THR C 449 54.52 -50.54 -12.43
C THR C 449 55.58 -50.90 -13.48
N PHE C 450 55.59 -52.16 -13.91
CA PHE C 450 56.67 -52.74 -14.76
C PHE C 450 56.30 -52.95 -16.25
N ASP C 451 55.09 -52.58 -16.66
CA ASP C 451 54.67 -52.69 -18.08
C ASP C 451 53.66 -51.57 -18.41
N GLU C 452 53.66 -51.15 -19.67
CA GLU C 452 52.82 -50.06 -20.19
C GLU C 452 51.34 -50.35 -20.06
N LEU C 453 50.92 -51.60 -20.22
CA LEU C 453 49.48 -51.93 -20.12
C LEU C 453 48.98 -51.65 -18.71
N THR C 454 49.72 -52.07 -17.69
CA THR C 454 49.31 -51.80 -16.30
C THR C 454 49.30 -50.28 -16.06
N GLU C 455 50.32 -49.60 -16.56
CA GLU C 455 50.48 -48.14 -16.37
C GLU C 455 49.27 -47.39 -16.97
N ARG C 456 48.95 -47.63 -18.24
CA ARG C 456 47.81 -46.96 -18.92
C ARG C 456 46.49 -47.38 -18.25
N GLY C 457 46.41 -48.62 -17.81
CA GLY C 457 45.23 -49.18 -17.16
C GLY C 457 44.86 -48.49 -15.85
N LEU C 458 45.78 -47.79 -15.21
CA LEU C 458 45.54 -47.12 -13.90
C LEU C 458 45.19 -45.64 -14.08
N MET C 459 45.09 -45.17 -15.31
CA MET C 459 44.89 -43.73 -15.56
C MET C 459 43.55 -43.12 -15.16
N LEU C 460 42.53 -43.93 -14.89
CA LEU C 460 41.21 -43.38 -14.50
C LEU C 460 40.93 -43.62 -13.01
N ASN C 461 41.90 -44.19 -12.29
CA ASN C 461 41.73 -44.42 -10.84
C ASN C 461 41.99 -43.11 -10.09
N TRP C 462 41.11 -42.78 -9.16
CA TRP C 462 41.24 -41.53 -8.38
C TRP C 462 42.61 -41.43 -7.71
N GLY C 463 43.27 -40.31 -7.93
CA GLY C 463 44.55 -39.91 -7.33
C GLY C 463 45.76 -40.72 -7.77
N VAL C 464 45.62 -41.59 -8.76
CA VAL C 464 46.78 -42.44 -9.15
C VAL C 464 47.65 -41.83 -10.26
N ILE C 465 48.93 -41.72 -9.97
CA ILE C 465 49.93 -41.24 -10.95
C ILE C 465 50.74 -42.47 -11.38
N PRO C 466 50.37 -43.09 -12.48
CA PRO C 466 51.07 -44.28 -12.93
C PRO C 466 52.45 -43.88 -13.48
N MET C 467 53.46 -44.68 -13.20
CA MET C 467 54.84 -44.42 -13.67
C MET C 467 55.54 -45.74 -14.01
N LEU C 468 56.05 -45.85 -15.23
CA LEU C 468 56.77 -47.09 -15.66
C LEU C 468 58.15 -47.16 -15.02
N THR C 469 58.55 -48.32 -14.54
CA THR C 469 59.87 -48.55 -13.91
C THR C 469 60.33 -49.99 -14.17
N ASP C 470 61.63 -50.24 -14.12
CA ASP C 470 62.17 -51.60 -14.36
C ASP C 470 61.68 -52.56 -13.28
N ALA C 471 61.36 -53.79 -13.66
CA ALA C 471 60.90 -54.77 -12.66
C ALA C 471 62.01 -54.95 -11.63
N PRO C 472 61.66 -54.94 -10.36
CA PRO C 472 62.70 -55.05 -9.34
C PRO C 472 63.27 -56.45 -9.25
N SER C 473 64.57 -56.52 -8.97
CA SER C 473 65.27 -57.81 -8.76
C SER C 473 65.41 -58.07 -7.27
N SER C 474 65.80 -59.27 -6.90
CA SER C 474 65.97 -59.70 -5.50
C SER C 474 66.99 -58.85 -4.75
N THR C 475 67.94 -58.27 -5.46
CA THR C 475 68.99 -57.47 -4.77
C THR C 475 68.63 -56.00 -4.60
N ASP C 476 67.59 -55.50 -5.25
CA ASP C 476 67.23 -54.06 -5.17
C ASP C 476 66.58 -53.69 -3.84
N ASP C 477 66.70 -52.41 -3.49
CA ASP C 477 66.02 -51.81 -2.33
C ASP C 477 64.85 -51.04 -2.93
N MET C 478 63.65 -51.61 -2.82
CA MET C 478 62.41 -51.03 -3.36
C MET C 478 62.09 -49.69 -2.71
N PHE C 479 62.43 -49.51 -1.44
CA PHE C 479 62.22 -48.23 -0.73
C PHE C 479 63.10 -47.14 -1.36
N GLU C 480 64.36 -47.46 -1.65
CA GLU C 480 65.30 -46.54 -2.31
C GLU C 480 64.77 -46.19 -3.71
N ILE C 481 64.25 -47.18 -4.43
CA ILE C 481 63.71 -46.97 -5.80
C ILE C 481 62.48 -46.06 -5.70
N ALA C 482 61.62 -46.28 -4.71
CA ALA C 482 60.40 -45.46 -4.55
C ALA C 482 60.78 -44.00 -4.32
N GLU C 483 61.71 -43.72 -3.43
CA GLU C 483 62.11 -42.31 -3.20
C GLU C 483 62.72 -41.72 -4.47
N ARG C 484 63.60 -42.46 -5.13
CA ARG C 484 64.29 -41.96 -6.35
C ARG C 484 63.27 -41.65 -7.43
N LYS C 485 62.33 -42.56 -7.65
CA LYS C 485 61.30 -42.34 -8.69
C LYS C 485 60.43 -41.13 -8.30
N ALA C 486 60.01 -41.02 -7.04
CA ALA C 486 59.17 -39.88 -6.64
C ALA C 486 59.97 -38.59 -6.81
N VAL C 487 61.23 -38.59 -6.43
CA VAL C 487 62.10 -37.39 -6.60
C VAL C 487 62.26 -37.08 -8.10
N GLU C 488 62.49 -38.09 -8.94
CA GLU C 488 62.65 -37.86 -10.39
C GLU C 488 61.38 -37.26 -10.98
N ALA C 489 60.22 -37.71 -10.51
CA ALA C 489 58.92 -37.25 -11.04
C ALA C 489 58.62 -35.82 -10.59
N GLY C 490 59.43 -35.25 -9.71
CA GLY C 490 59.16 -33.90 -9.20
C GLY C 490 58.00 -33.89 -8.21
N LEU C 491 57.67 -35.02 -7.62
CA LEU C 491 56.51 -35.06 -6.68
C LEU C 491 56.89 -34.82 -5.22
N VAL C 492 58.16 -34.89 -4.89
CA VAL C 492 58.56 -34.70 -3.48
C VAL C 492 59.92 -34.00 -3.42
N GLU C 493 60.21 -33.42 -2.26
CA GLU C 493 61.48 -32.71 -1.98
C GLU C 493 61.98 -33.12 -0.61
N SER C 494 63.23 -32.81 -0.30
CA SER C 494 63.83 -33.19 1.00
C SER C 494 62.94 -32.71 2.13
N GLY C 495 62.82 -33.54 3.15
CA GLY C 495 62.02 -33.25 4.37
C GLY C 495 60.60 -33.69 4.24
N ASP C 496 60.15 -34.01 3.03
CA ASP C 496 58.78 -34.52 2.80
C ASP C 496 58.67 -35.95 3.37
N ASP C 497 57.52 -36.27 3.93
CA ASP C 497 57.25 -37.63 4.46
C ASP C 497 56.37 -38.36 3.44
N ILE C 498 56.76 -39.57 3.10
CA ILE C 498 56.01 -40.41 2.12
C ILE C 498 55.74 -41.77 2.76
N VAL C 499 54.69 -42.43 2.31
CA VAL C 499 54.35 -43.80 2.75
C VAL C 499 54.65 -44.70 1.55
N ILE C 500 55.44 -45.74 1.73
CA ILE C 500 55.78 -46.68 0.62
C ILE C 500 55.31 -48.08 0.99
N VAL C 501 54.61 -48.75 0.08
CA VAL C 501 54.15 -50.15 0.23
C VAL C 501 54.68 -51.01 -0.92
N ALA C 502 54.99 -52.27 -0.63
CA ALA C 502 55.53 -53.25 -1.59
C ALA C 502 55.41 -54.68 -1.01
N GLY C 503 55.61 -55.67 -1.86
CA GLY C 503 55.67 -57.08 -1.44
C GLY C 503 57.13 -57.42 -1.24
N VAL C 504 57.56 -57.50 0.01
CA VAL C 504 58.99 -57.77 0.34
C VAL C 504 59.13 -59.18 0.93
N PRO C 505 60.13 -59.93 0.46
CA PRO C 505 61.03 -59.51 -0.60
C PRO C 505 60.49 -59.99 -1.95
N VAL C 506 60.94 -59.38 -3.04
CA VAL C 506 60.51 -59.69 -4.42
C VAL C 506 60.75 -61.17 -4.74
N GLY C 507 59.73 -61.83 -5.27
CA GLY C 507 59.85 -63.23 -5.68
C GLY C 507 59.61 -64.19 -4.53
N GLU C 508 59.37 -63.66 -3.34
CA GLU C 508 59.02 -64.48 -2.17
C GLU C 508 57.69 -63.96 -1.61
N ALA C 509 57.47 -62.65 -1.71
CA ALA C 509 56.20 -62.10 -1.21
C ALA C 509 55.08 -62.54 -2.14
N VAL C 510 53.96 -62.90 -1.55
CA VAL C 510 52.72 -63.31 -2.25
C VAL C 510 51.92 -62.07 -2.64
N ARG C 511 52.09 -60.99 -1.90
CA ARG C 511 51.30 -59.76 -2.13
C ARG C 511 51.96 -58.59 -1.41
N THR C 512 51.39 -57.40 -1.57
CA THR C 512 51.87 -56.22 -0.82
C THR C 512 51.73 -56.58 0.67
N ASN C 513 52.85 -56.56 1.37
CA ASN C 513 52.89 -56.96 2.80
C ASN C 513 53.64 -55.95 3.65
N THR C 514 54.24 -54.93 3.05
CA THR C 514 55.09 -53.98 3.81
C THR C 514 54.71 -52.51 3.62
N MET C 515 54.70 -51.75 4.72
CA MET C 515 54.44 -50.28 4.77
C MET C 515 55.63 -49.62 5.46
N ARG C 516 56.17 -48.60 4.84
CA ARG C 516 57.33 -47.90 5.41
C ARG C 516 57.04 -46.40 5.39
N ILE C 517 57.39 -45.71 6.46
CA ILE C 517 57.24 -44.24 6.50
C ILE C 517 58.66 -43.72 6.35
N ARG C 518 58.87 -42.91 5.32
CA ARG C 518 60.22 -42.43 4.96
C ARG C 518 60.25 -40.92 4.73
N THR C 519 61.31 -40.29 5.20
CA THR C 519 61.54 -38.84 5.00
C THR C 519 62.51 -38.74 3.82
N VAL C 520 62.14 -37.99 2.80
CA VAL C 520 62.97 -37.83 1.59
C VAL C 520 64.30 -37.16 1.95
N ARG C 521 65.42 -37.76 1.53
CA ARG C 521 66.77 -37.21 1.78
C ARG C 521 66.76 -35.71 1.49
N MET D 21 -44.57 23.34 27.75
CA MET D 21 -43.40 24.22 27.58
C MET D 21 -43.90 25.57 27.07
N ASN D 22 -43.61 26.65 27.81
CA ASN D 22 -43.89 28.04 27.40
C ASN D 22 -42.54 28.52 26.85
N LYS D 23 -42.53 29.21 25.73
CA LYS D 23 -41.26 29.62 25.11
C LYS D 23 -40.70 30.88 25.77
N ARG D 24 -39.64 30.71 26.55
CA ARG D 24 -38.98 31.82 27.27
C ARG D 24 -38.24 32.77 26.32
N VAL D 25 -37.58 32.24 25.29
CA VAL D 25 -36.84 33.11 24.35
C VAL D 25 -37.83 33.77 23.39
N LYS D 26 -37.83 35.09 23.35
CA LYS D 26 -38.77 35.86 22.50
C LYS D 26 -38.36 35.86 21.02
N ILE D 27 -39.35 35.95 20.14
CA ILE D 27 -39.08 35.96 18.69
C ILE D 27 -39.54 37.29 18.08
N VAL D 28 -38.62 37.93 17.38
CA VAL D 28 -38.89 39.16 16.58
C VAL D 28 -39.04 38.69 15.12
N ALA D 29 -40.21 38.91 14.55
CA ALA D 29 -40.48 38.48 13.17
C ALA D 29 -40.65 39.69 12.26
N THR D 30 -39.77 39.83 11.27
CA THR D 30 -39.87 40.95 10.32
C THR D 30 -41.04 40.71 9.37
N LEU D 31 -41.97 41.66 9.26
CA LEU D 31 -43.14 41.51 8.37
C LEU D 31 -42.83 42.07 6.97
N GLY D 32 -43.65 41.72 6.00
CA GLY D 32 -43.41 42.13 4.63
C GLY D 32 -44.41 41.53 3.69
N PRO D 33 -44.16 41.57 2.40
CA PRO D 33 -45.11 41.01 1.43
C PRO D 33 -45.38 39.51 1.54
N ALA D 34 -44.45 38.74 2.11
CA ALA D 34 -44.61 37.27 2.14
C ALA D 34 -45.91 36.86 2.81
N VAL D 35 -46.33 37.53 3.87
CA VAL D 35 -47.62 37.11 4.50
C VAL D 35 -48.75 38.00 3.95
N GLU D 36 -48.43 38.98 3.11
CA GLU D 36 -49.42 39.98 2.61
C GLU D 36 -50.06 39.59 1.27
N ILE D 37 -51.38 39.41 1.30
CA ILE D 37 -52.16 39.12 0.07
C ILE D 37 -52.71 40.45 -0.47
N ARG D 38 -52.49 40.71 -1.77
CA ARG D 38 -53.01 41.94 -2.40
C ARG D 38 -53.90 41.54 -3.58
N GLY D 39 -55.18 41.89 -3.53
CA GLY D 39 -56.06 41.54 -4.67
C GLY D 39 -56.14 40.05 -4.83
N GLY D 40 -55.95 39.30 -3.75
CA GLY D 40 -56.03 37.83 -3.79
C GLY D 40 -54.77 37.23 -4.37
N LYS D 41 -53.81 38.06 -4.76
CA LYS D 41 -52.53 37.63 -5.36
C LYS D 41 -51.45 37.51 -4.27
N LYS D 42 -50.70 36.42 -4.31
CA LYS D 42 -49.62 36.14 -3.35
C LYS D 42 -48.35 36.84 -3.80
N PHE D 43 -47.39 36.95 -2.89
CA PHE D 43 -46.11 37.59 -3.21
C PHE D 43 -45.44 36.78 -4.33
N GLY D 44 -44.92 37.47 -5.35
CA GLY D 44 -44.23 36.85 -6.51
C GLY D 44 -45.12 36.72 -7.74
N GLU D 45 -46.44 36.74 -7.51
CA GLU D 45 -47.46 36.65 -8.59
C GLU D 45 -47.37 37.92 -9.44
N ASP D 46 -47.61 37.79 -10.75
CA ASP D 46 -47.53 38.93 -11.70
C ASP D 46 -48.67 39.91 -11.42
N GLY D 47 -48.35 41.20 -11.36
CA GLY D 47 -49.35 42.26 -11.13
C GLY D 47 -49.72 42.43 -9.66
N TYR D 48 -48.98 41.78 -8.77
CA TYR D 48 -49.27 41.78 -7.31
C TYR D 48 -49.21 43.19 -6.72
N TRP D 49 -48.12 43.90 -7.00
CA TRP D 49 -47.85 45.26 -6.47
C TRP D 49 -48.91 46.25 -6.93
N GLY D 50 -49.47 46.04 -8.12
CA GLY D 50 -50.52 46.89 -8.70
C GLY D 50 -51.83 46.76 -7.93
N GLU D 51 -52.01 45.65 -7.23
CA GLU D 51 -53.28 45.42 -6.51
C GLU D 51 -53.29 46.16 -5.18
N LYS D 52 -54.47 46.19 -4.54
CA LYS D 52 -54.64 46.79 -3.20
C LYS D 52 -54.54 45.66 -2.19
N LEU D 53 -53.95 45.93 -1.04
CA LEU D 53 -53.78 44.87 -0.01
C LEU D 53 -55.13 44.36 0.50
N ASP D 54 -55.23 43.06 0.76
CA ASP D 54 -56.41 42.41 1.36
C ASP D 54 -56.15 42.34 2.86
N VAL D 55 -56.71 43.27 3.63
CA VAL D 55 -56.42 43.35 5.09
C VAL D 55 -56.87 42.14 5.90
N GLU D 56 -58.12 41.70 5.79
CA GLU D 56 -58.55 40.59 6.67
C GLU D 56 -57.81 39.29 6.39
N ALA D 57 -57.63 38.95 5.11
CA ALA D 57 -56.92 37.69 4.78
C ALA D 57 -55.47 37.79 5.23
N SER D 58 -54.84 38.93 4.98
CA SER D 58 -53.43 39.21 5.36
C SER D 58 -53.32 39.14 6.89
N ALA D 59 -54.36 39.59 7.60
CA ALA D 59 -54.45 39.62 9.07
C ALA D 59 -54.48 38.21 9.65
N LYS D 60 -55.21 37.32 8.99
CA LYS D 60 -55.34 35.90 9.40
C LYS D 60 -53.97 35.23 9.31
N ASN D 61 -53.20 35.53 8.27
CA ASN D 61 -51.84 34.95 8.08
C ASN D 61 -50.96 35.40 9.25
N ILE D 62 -51.00 36.68 9.57
CA ILE D 62 -50.20 37.29 10.67
C ILE D 62 -50.60 36.66 12.00
N ALA D 63 -51.89 36.37 12.19
CA ALA D 63 -52.38 35.79 13.44
C ALA D 63 -51.77 34.40 13.65
N LYS D 64 -51.56 33.66 12.57
CA LYS D 64 -50.94 32.31 12.67
C LYS D 64 -49.51 32.50 13.19
N LEU D 65 -48.82 33.52 12.70
CA LEU D 65 -47.45 33.78 13.14
C LEU D 65 -47.46 34.11 14.63
N ILE D 66 -48.45 34.87 15.09
CA ILE D 66 -48.58 35.25 16.52
C ILE D 66 -48.74 33.97 17.33
N GLU D 67 -49.66 33.11 16.92
CA GLU D 67 -49.93 31.82 17.59
C GLU D 67 -48.68 30.93 17.56
N ALA D 68 -47.86 31.03 16.53
CA ALA D 68 -46.63 30.23 16.33
C ALA D 68 -45.52 30.65 17.31
N GLY D 69 -45.62 31.85 17.90
CA GLY D 69 -44.59 32.31 18.84
C GLY D 69 -43.97 33.68 18.57
N ALA D 70 -44.41 34.41 17.54
CA ALA D 70 -43.84 35.76 17.33
C ALA D 70 -44.30 36.66 18.49
N ASN D 71 -43.38 37.31 19.17
CA ASN D 71 -43.69 38.19 20.32
C ASN D 71 -43.63 39.68 19.93
N THR D 72 -43.00 39.97 18.80
CA THR D 72 -42.89 41.35 18.29
C THR D 72 -42.71 41.30 16.78
N PHE D 73 -43.28 42.29 16.08
CA PHE D 73 -43.12 42.39 14.62
C PHE D 73 -42.24 43.59 14.31
N ARG D 74 -41.31 43.40 13.41
CA ARG D 74 -40.32 44.43 12.99
C ARG D 74 -40.76 44.98 11.63
N PHE D 75 -40.84 46.31 11.52
CA PHE D 75 -41.22 47.02 10.27
C PHE D 75 -39.95 47.70 9.78
N ASN D 76 -39.35 47.21 8.70
CA ASN D 76 -38.07 47.79 8.21
C ASN D 76 -38.37 48.98 7.29
N PHE D 77 -38.09 50.19 7.76
CA PHE D 77 -38.36 51.48 7.08
C PHE D 77 -37.30 51.72 6.00
N SER D 78 -36.37 50.77 5.90
CA SER D 78 -35.31 50.80 4.88
C SER D 78 -35.93 50.51 3.51
N HIS D 79 -37.08 49.83 3.52
CA HIS D 79 -37.72 49.38 2.28
C HIS D 79 -39.00 50.14 1.96
N GLY D 80 -40.12 49.71 2.53
CA GLY D 80 -41.42 50.31 2.22
C GLY D 80 -41.59 51.76 2.63
N ASP D 81 -42.43 52.47 1.88
CA ASP D 81 -42.79 53.89 2.13
C ASP D 81 -43.79 53.95 3.29
N HIS D 82 -44.16 55.15 3.75
CA HIS D 82 -45.08 55.31 4.90
C HIS D 82 -46.44 54.66 4.64
N GLN D 83 -47.00 54.76 3.43
CA GLN D 83 -48.33 54.13 3.23
C GLN D 83 -48.20 52.61 3.41
N GLU D 84 -47.14 52.02 2.89
CA GLU D 84 -46.96 50.54 3.03
C GLU D 84 -46.80 50.16 4.50
N GLN D 85 -45.89 50.82 5.20
CA GLN D 85 -45.63 50.52 6.63
C GLN D 85 -46.90 50.75 7.46
N GLY D 86 -47.60 51.86 7.23
CA GLY D 86 -48.83 52.18 7.99
C GLY D 86 -49.93 51.18 7.80
N GLU D 87 -50.15 50.72 6.58
CA GLU D 87 -51.22 49.72 6.35
C GLU D 87 -50.85 48.37 7.00
N ARG D 88 -49.59 47.99 6.90
CA ARG D 88 -49.08 46.73 7.49
C ARG D 88 -49.26 46.82 9.01
N MET D 89 -48.92 47.97 9.59
CA MET D 89 -49.08 48.17 11.05
C MET D 89 -50.56 48.03 11.43
N ALA D 90 -51.46 48.58 10.62
CA ALA D 90 -52.91 48.48 10.88
C ALA D 90 -53.37 47.04 10.82
N THR D 91 -52.82 46.26 9.88
CA THR D 91 -53.15 44.83 9.69
C THR D 91 -52.74 44.02 10.92
N VAL D 92 -51.57 44.31 11.48
CA VAL D 92 -51.11 43.58 12.69
C VAL D 92 -52.12 43.81 13.82
N LYS D 93 -52.71 45.01 13.89
CA LYS D 93 -53.72 45.31 14.93
C LYS D 93 -54.91 44.38 14.78
N LEU D 94 -55.38 44.15 13.56
CA LEU D 94 -56.52 43.21 13.40
C LEU D 94 -56.04 41.79 13.78
N ALA D 95 -54.81 41.47 13.43
CA ALA D 95 -54.22 40.12 13.69
C ALA D 95 -54.23 39.85 15.19
N GLU D 96 -53.90 40.87 15.98
CA GLU D 96 -53.91 40.69 17.44
C GLU D 96 -55.33 40.32 17.86
N LYS D 97 -56.33 41.01 17.32
CA LYS D 97 -57.74 40.72 17.66
C LYS D 97 -58.12 39.31 17.20
N ILE D 98 -57.73 38.93 15.99
CA ILE D 98 -58.05 37.57 15.47
C ILE D 98 -57.36 36.53 16.37
N ALA D 99 -56.05 36.70 16.62
CA ALA D 99 -55.24 35.79 17.45
C ALA D 99 -55.72 35.80 18.92
N GLY D 100 -56.19 36.93 19.40
CA GLY D 100 -56.58 37.02 20.82
C GLY D 100 -55.33 37.21 21.67
N LYS D 101 -54.23 37.58 21.02
CA LYS D 101 -52.93 37.80 21.69
C LYS D 101 -52.28 39.06 21.14
N LYS D 102 -51.73 39.89 22.02
CA LYS D 102 -50.99 41.13 21.71
C LYS D 102 -49.51 40.84 21.41
N VAL D 103 -48.92 41.65 20.56
CA VAL D 103 -47.48 41.57 20.19
C VAL D 103 -46.90 42.97 20.23
N GLY D 104 -45.59 43.07 20.29
CA GLY D 104 -44.88 44.34 20.25
C GLY D 104 -44.77 44.85 18.81
N PHE D 105 -44.62 46.17 18.66
CA PHE D 105 -44.43 46.83 17.35
C PHE D 105 -43.05 47.47 17.41
N LEU D 106 -42.15 47.03 16.53
CA LEU D 106 -40.77 47.54 16.50
C LEU D 106 -40.48 48.19 15.16
N LEU D 107 -39.90 49.38 15.20
CA LEU D 107 -39.55 50.15 14.00
C LEU D 107 -38.03 50.12 13.85
N ASP D 108 -37.58 49.71 12.66
CA ASP D 108 -36.14 49.65 12.35
C ASP D 108 -35.87 50.78 11.36
N THR D 109 -34.91 51.64 11.66
CA THR D 109 -34.54 52.85 10.86
C THR D 109 -33.49 52.52 9.80
N LYS D 110 -33.31 53.43 8.82
CA LYS D 110 -32.27 53.32 7.76
C LYS D 110 -30.89 53.61 8.35
N GLY D 111 -30.73 54.72 9.04
CA GLY D 111 -29.45 55.00 9.71
C GLY D 111 -28.35 55.51 8.80
N PRO D 112 -27.17 55.80 9.36
CA PRO D 112 -26.06 56.41 8.61
C PRO D 112 -25.45 55.31 7.76
N GLU D 113 -26.18 54.99 6.70
CA GLU D 113 -25.84 53.88 5.79
C GLU D 113 -25.81 54.35 4.35
N ILE D 114 -25.36 53.44 3.49
CA ILE D 114 -25.37 53.59 2.01
C ILE D 114 -26.27 52.45 1.54
N ARG D 115 -27.17 52.71 0.60
CA ARG D 115 -28.08 51.72 -0.08
C ARG D 115 -28.01 52.01 -1.60
N THR D 116 -28.38 51.10 -2.53
CA THR D 116 -28.25 51.17 -4.04
C THR D 116 -29.36 51.86 -4.88
N GLU D 117 -29.37 51.73 -6.25
CA GLU D 117 -30.23 52.46 -7.27
C GLU D 117 -30.92 51.69 -8.42
N LEU D 118 -31.92 52.32 -9.07
CA LEU D 118 -32.74 51.75 -10.20
C LEU D 118 -31.97 51.68 -11.53
N PHE D 119 -32.40 50.82 -12.43
CA PHE D 119 -31.73 50.72 -13.76
C PHE D 119 -32.55 51.38 -14.87
N GLU D 120 -31.83 51.84 -15.89
CA GLU D 120 -32.48 52.48 -17.04
C GLU D 120 -33.14 51.38 -17.89
N GLY D 121 -34.21 51.73 -18.60
CA GLY D 121 -34.92 50.89 -19.58
C GLY D 121 -35.53 49.55 -19.20
N GLU D 122 -36.22 49.41 -18.06
CA GLU D 122 -36.92 48.11 -17.78
C GLU D 122 -36.03 47.01 -17.20
N ALA D 123 -34.72 47.25 -17.06
CA ALA D 123 -33.77 46.29 -16.46
C ALA D 123 -33.94 46.24 -14.94
N LYS D 124 -33.75 45.07 -14.32
CA LYS D 124 -33.77 45.00 -12.84
C LYS D 124 -32.45 44.47 -12.25
N GLU D 125 -31.57 43.93 -13.07
CA GLU D 125 -30.23 43.47 -12.63
C GLU D 125 -29.40 43.20 -13.87
N TYR D 126 -28.09 43.07 -13.73
CA TYR D 126 -27.25 42.62 -14.86
C TYR D 126 -26.53 41.36 -14.38
N SER D 127 -26.34 40.43 -15.30
CA SER D 127 -25.72 39.18 -14.86
C SER D 127 -24.33 39.64 -14.55
N TYR D 128 -24.26 40.15 -13.35
CA TYR D 128 -22.94 40.61 -12.95
C TYR D 128 -22.25 39.30 -12.69
N LYS D 129 -21.35 39.03 -13.63
CA LYS D 129 -20.46 37.86 -13.68
C LYS D 129 -19.07 38.43 -13.42
N THR D 130 -18.22 37.62 -12.80
CA THR D 130 -16.87 37.96 -12.32
C THR D 130 -16.02 38.50 -13.46
N GLY D 131 -14.98 39.29 -13.12
CA GLY D 131 -13.77 39.78 -13.83
C GLY D 131 -13.81 41.09 -14.63
N GLU D 132 -15.00 41.56 -14.97
CA GLU D 132 -15.18 42.79 -15.76
C GLU D 132 -14.73 44.05 -15.01
N LYS D 133 -14.46 45.12 -15.76
CA LYS D 133 -14.16 46.42 -15.14
C LYS D 133 -15.40 47.26 -15.43
N ILE D 134 -16.04 47.84 -14.41
CA ILE D 134 -17.27 48.68 -14.50
C ILE D 134 -17.22 49.90 -13.56
N ARG D 135 -18.31 50.66 -13.45
CA ARG D 135 -18.28 51.92 -12.67
C ARG D 135 -19.40 52.07 -11.64
N VAL D 136 -19.10 52.78 -10.56
CA VAL D 136 -20.12 53.17 -9.56
C VAL D 136 -20.07 54.70 -9.41
N ALA D 137 -21.19 55.33 -9.67
CA ALA D 137 -21.34 56.79 -9.59
C ALA D 137 -21.53 57.25 -8.14
N THR D 138 -21.02 58.42 -7.82
CA THR D 138 -21.20 59.02 -6.48
C THR D 138 -22.23 60.15 -6.61
N LYS D 139 -22.57 60.54 -7.84
CA LYS D 139 -23.54 61.64 -8.03
C LYS D 139 -24.86 61.24 -7.40
N GLN D 140 -25.37 62.07 -6.51
CA GLN D 140 -26.61 61.81 -5.73
C GLN D 140 -27.89 62.25 -6.44
N GLY D 141 -28.98 61.62 -6.07
CA GLY D 141 -30.29 61.78 -6.74
C GLY D 141 -30.39 61.22 -8.17
N ILE D 142 -29.60 60.23 -8.63
CA ILE D 142 -29.69 59.66 -10.04
C ILE D 142 -30.04 58.15 -10.12
N LYS D 143 -29.71 57.44 -11.23
CA LYS D 143 -30.04 55.99 -11.50
C LYS D 143 -28.99 55.25 -12.39
N SER D 144 -29.02 53.89 -12.49
CA SER D 144 -27.93 53.06 -13.09
C SER D 144 -28.03 52.47 -14.50
N THR D 145 -26.86 52.20 -15.09
CA THR D 145 -26.66 51.46 -16.37
C THR D 145 -25.77 50.23 -16.09
N ARG D 146 -25.79 49.25 -16.98
CA ARG D 146 -25.00 48.03 -16.72
C ARG D 146 -23.53 48.42 -16.48
N GLU D 147 -23.02 49.41 -17.21
CA GLU D 147 -21.60 49.74 -16.98
C GLU D 147 -21.40 50.73 -15.83
N VAL D 148 -22.46 51.33 -15.28
CA VAL D 148 -22.34 52.37 -14.21
C VAL D 148 -23.48 52.27 -13.20
N ILE D 149 -23.19 51.98 -11.92
CA ILE D 149 -24.20 51.79 -10.83
C ILE D 149 -24.25 53.02 -9.92
N ALA D 150 -25.44 53.48 -9.57
CA ALA D 150 -25.67 54.67 -8.73
C ALA D 150 -26.00 54.26 -7.31
N LEU D 151 -25.43 55.00 -6.38
CA LEU D 151 -25.60 54.73 -4.97
C LEU D 151 -26.60 55.73 -4.48
N ASN D 152 -27.70 55.23 -3.95
CA ASN D 152 -28.65 56.16 -3.37
C ASN D 152 -28.12 56.26 -1.96
N VAL D 153 -27.20 57.16 -1.70
CA VAL D 153 -26.64 57.31 -0.33
C VAL D 153 -27.73 57.97 0.49
N ALA D 154 -27.97 57.47 1.71
CA ALA D 154 -29.04 58.02 2.57
C ALA D 154 -28.79 59.52 2.67
N GLY D 155 -29.88 60.29 2.66
CA GLY D 155 -29.81 61.75 2.57
C GLY D 155 -29.13 61.96 1.23
N ALA D 156 -28.13 62.82 1.11
CA ALA D 156 -27.44 62.83 -0.20
C ALA D 156 -25.97 63.22 -0.03
N LEU D 157 -25.21 62.43 0.71
CA LEU D 157 -23.79 62.78 0.85
C LEU D 157 -23.00 62.40 -0.41
N ASP D 158 -21.91 63.12 -0.62
CA ASP D 158 -20.95 62.87 -1.72
C ASP D 158 -19.77 62.13 -1.11
N ILE D 159 -19.67 60.83 -1.36
CA ILE D 159 -18.61 60.00 -0.73
C ILE D 159 -17.41 59.81 -1.65
N TYR D 160 -17.36 60.54 -2.76
CA TYR D 160 -16.27 60.31 -3.74
C TYR D 160 -14.89 60.45 -3.12
N ASP D 161 -14.71 61.46 -2.27
CA ASP D 161 -13.40 61.74 -1.64
C ASP D 161 -13.11 60.84 -0.44
N ASP D 162 -14.15 60.17 0.09
CA ASP D 162 -14.01 59.26 1.26
C ASP D 162 -13.50 57.88 0.86
N VAL D 163 -13.60 57.51 -0.40
CA VAL D 163 -13.22 56.16 -0.85
C VAL D 163 -11.97 56.18 -1.71
N GLU D 164 -10.93 55.47 -1.28
CA GLU D 164 -9.64 55.40 -1.99
C GLU D 164 -9.60 54.15 -2.87
N VAL D 165 -8.65 54.12 -3.80
CA VAL D 165 -8.44 52.97 -4.71
C VAL D 165 -8.03 51.80 -3.81
N GLY D 166 -8.41 50.58 -4.17
CA GLY D 166 -8.09 49.40 -3.32
C GLY D 166 -9.18 49.11 -2.31
N ARG D 167 -10.15 50.00 -2.17
CA ARG D 167 -11.27 49.74 -1.24
C ARG D 167 -12.24 48.75 -1.91
N GLN D 168 -13.08 48.13 -1.12
CA GLN D 168 -14.05 47.14 -1.63
C GLN D 168 -15.46 47.69 -1.48
N VAL D 169 -16.26 47.56 -2.52
CA VAL D 169 -17.68 47.98 -2.48
C VAL D 169 -18.46 46.67 -2.53
N LEU D 170 -19.21 46.34 -1.48
CA LEU D 170 -20.00 45.08 -1.43
C LEU D 170 -21.51 45.36 -1.53
N VAL D 171 -22.21 44.54 -2.30
CA VAL D 171 -23.66 44.69 -2.62
C VAL D 171 -24.46 43.47 -2.15
N ASP D 172 -25.54 43.69 -1.39
CA ASP D 172 -26.52 42.66 -0.88
C ASP D 172 -25.89 41.74 0.17
N ASP D 173 -25.66 42.24 1.39
CA ASP D 173 -25.05 41.55 2.57
C ASP D 173 -23.67 40.96 2.19
N GLY D 174 -23.01 41.54 1.18
CA GLY D 174 -21.68 41.07 0.75
C GLY D 174 -21.78 40.00 -0.29
N LYS D 175 -22.98 39.78 -0.81
CA LYS D 175 -23.14 38.73 -1.82
C LYS D 175 -22.28 39.03 -3.04
N LEU D 176 -22.13 40.29 -3.42
CA LEU D 176 -21.30 40.58 -4.62
C LEU D 176 -20.23 41.62 -4.26
N GLY D 177 -18.99 41.40 -4.71
CA GLY D 177 -17.89 42.29 -4.38
C GLY D 177 -17.35 43.05 -5.57
N LEU D 178 -17.04 44.33 -5.37
CA LEU D 178 -16.49 45.26 -6.39
C LEU D 178 -15.19 45.86 -5.84
N ARG D 179 -14.08 45.73 -6.56
CA ARG D 179 -12.80 46.30 -6.08
C ARG D 179 -12.58 47.66 -6.78
N VAL D 180 -12.32 48.73 -6.03
CA VAL D 180 -12.11 50.06 -6.68
C VAL D 180 -10.69 50.03 -7.28
N VAL D 181 -10.61 49.96 -8.60
CA VAL D 181 -9.29 49.89 -9.29
C VAL D 181 -8.79 51.29 -9.71
N ALA D 182 -9.71 52.25 -9.85
CA ALA D 182 -9.30 53.63 -10.21
C ALA D 182 -10.42 54.63 -9.89
N LYS D 183 -10.09 55.93 -9.85
CA LYS D 183 -11.09 57.01 -9.61
C LYS D 183 -11.04 58.02 -10.77
N ASP D 184 -12.20 58.32 -11.34
CA ASP D 184 -12.33 59.29 -12.45
C ASP D 184 -12.86 60.61 -11.91
N ASP D 185 -11.99 61.61 -11.79
CA ASP D 185 -12.32 62.95 -11.23
C ASP D 185 -13.36 63.67 -12.09
N ALA D 186 -13.33 63.46 -13.39
CA ALA D 186 -14.23 64.10 -14.36
C ALA D 186 -15.70 63.74 -14.07
N THR D 187 -15.97 62.51 -13.67
CA THR D 187 -17.38 62.09 -13.44
C THR D 187 -17.64 61.81 -11.96
N ARG D 188 -16.59 61.79 -11.14
CA ARG D 188 -16.70 61.45 -9.71
C ARG D 188 -17.21 60.01 -9.64
N GLU D 189 -16.69 59.17 -10.54
CA GLU D 189 -17.06 57.74 -10.62
C GLU D 189 -15.89 56.86 -10.16
N PHE D 190 -16.22 55.74 -9.55
CA PHE D 190 -15.24 54.73 -9.16
C PHE D 190 -15.19 53.72 -10.31
N GLU D 191 -14.00 53.32 -10.74
CA GLU D 191 -13.93 52.26 -11.76
C GLU D 191 -13.64 51.01 -10.93
N VAL D 192 -14.50 50.01 -11.05
CA VAL D 192 -14.37 48.80 -10.19
C VAL D 192 -14.32 47.55 -11.06
N GLU D 193 -13.79 46.45 -10.49
CA GLU D 193 -13.83 45.17 -11.22
C GLU D 193 -14.67 44.17 -10.39
N VAL D 194 -15.61 43.49 -11.05
CA VAL D 194 -16.50 42.51 -10.36
C VAL D 194 -15.58 41.41 -9.83
N GLU D 195 -15.65 41.12 -8.53
CA GLU D 195 -14.81 40.08 -7.92
C GLU D 195 -15.50 38.70 -8.02
N ASN D 196 -16.82 38.66 -8.16
CA ASN D 196 -17.57 37.38 -8.19
C ASN D 196 -19.01 37.58 -8.73
N ASP D 197 -19.71 36.48 -9.08
CA ASP D 197 -21.06 36.46 -9.67
C ASP D 197 -22.16 36.89 -8.72
N GLY D 198 -23.04 37.80 -9.16
CA GLY D 198 -24.09 38.28 -8.26
C GLY D 198 -25.10 39.22 -8.88
N ILE D 199 -25.93 39.78 -7.99
CA ILE D 199 -27.10 40.64 -8.35
C ILE D 199 -27.03 42.01 -7.69
N ILE D 200 -27.24 43.04 -8.51
CA ILE D 200 -27.32 44.44 -8.02
C ILE D 200 -28.81 44.79 -8.00
N ALA D 201 -29.33 45.08 -6.82
CA ALA D 201 -30.77 45.30 -6.61
C ALA D 201 -30.99 46.58 -5.81
N LYS D 202 -32.15 47.19 -6.01
CA LYS D 202 -32.44 48.46 -5.31
C LYS D 202 -32.52 48.29 -3.78
N GLN D 203 -32.36 49.41 -3.08
CA GLN D 203 -32.51 49.54 -1.61
C GLN D 203 -31.71 48.43 -0.93
N LYS D 204 -30.58 48.07 -1.54
CA LYS D 204 -29.68 47.01 -1.03
C LYS D 204 -28.56 47.66 -0.27
N GLY D 205 -28.23 47.09 0.87
CA GLY D 205 -27.14 47.68 1.63
C GLY D 205 -25.91 47.65 0.76
N VAL D 206 -25.11 48.68 0.90
CA VAL D 206 -23.83 48.69 0.17
C VAL D 206 -22.87 48.90 1.31
N ASN D 207 -21.87 48.07 1.40
CA ASN D 207 -20.91 48.25 2.49
C ASN D 207 -19.60 48.65 1.82
N ILE D 208 -18.92 49.60 2.42
CA ILE D 208 -17.58 50.01 1.95
C ILE D 208 -16.71 50.03 3.18
N PRO D 209 -16.16 48.86 3.52
CA PRO D 209 -15.37 48.71 4.73
C PRO D 209 -14.11 49.59 4.82
N ASN D 210 -13.74 49.93 6.06
CA ASN D 210 -12.56 50.77 6.36
C ASN D 210 -12.74 52.13 5.69
N THR D 211 -13.95 52.67 5.78
CA THR D 211 -14.23 53.96 5.12
C THR D 211 -14.87 54.90 6.15
N LYS D 212 -14.31 56.10 6.32
CA LYS D 212 -14.86 57.05 7.31
C LYS D 212 -15.84 58.04 6.66
N ILE D 213 -17.03 57.60 6.30
CA ILE D 213 -18.00 58.57 5.73
C ILE D 213 -18.62 59.31 6.92
N PRO D 214 -18.61 60.63 6.93
CA PRO D 214 -19.20 61.35 8.06
C PRO D 214 -20.70 61.55 7.89
N PHE D 215 -21.50 60.53 8.21
CA PHE D 215 -22.98 60.65 8.12
C PHE D 215 -23.48 61.39 9.37
N PRO D 216 -24.70 61.94 9.33
CA PRO D 216 -25.26 62.68 10.47
C PRO D 216 -25.69 61.84 11.68
N ALA D 217 -25.68 62.42 12.88
CA ALA D 217 -26.11 61.63 14.05
C ALA D 217 -27.56 61.23 13.84
N LEU D 218 -28.37 62.09 13.24
CA LEU D 218 -29.75 61.68 12.93
C LEU D 218 -30.17 62.31 11.60
N ALA D 219 -30.33 61.50 10.55
CA ALA D 219 -30.75 61.99 9.23
C ALA D 219 -32.21 62.40 9.29
N GLU D 220 -32.63 63.33 8.41
CA GLU D 220 -34.03 63.82 8.37
C GLU D 220 -34.97 62.67 7.98
N ARG D 221 -34.51 61.77 7.12
CA ARG D 221 -35.36 60.63 6.71
C ARG D 221 -35.67 59.80 7.95
N ASP D 222 -34.66 59.58 8.79
CA ASP D 222 -34.86 58.78 10.02
C ASP D 222 -35.79 59.57 10.95
N ASN D 223 -35.55 60.86 11.10
CA ASN D 223 -36.38 61.69 12.02
C ASN D 223 -37.83 61.57 11.58
N ASP D 224 -38.09 61.75 10.29
CA ASP D 224 -39.46 61.68 9.75
C ASP D 224 -40.05 60.28 9.89
N ASP D 225 -39.27 59.24 9.60
CA ASP D 225 -39.78 57.85 9.69
C ASP D 225 -40.15 57.56 11.15
N ILE D 226 -39.30 57.95 12.09
CA ILE D 226 -39.57 57.71 13.52
C ILE D 226 -40.84 58.45 13.93
N ARG D 227 -40.99 59.71 13.52
CA ARG D 227 -42.21 60.48 13.90
C ARG D 227 -43.42 59.77 13.32
N PHE D 228 -43.30 59.27 12.08
CA PHE D 228 -44.45 58.58 11.47
C PHE D 228 -44.79 57.35 12.30
N GLY D 229 -43.77 56.59 12.68
CA GLY D 229 -43.98 55.36 13.49
C GLY D 229 -44.58 55.70 14.82
N LEU D 230 -44.08 56.75 15.45
CA LEU D 230 -44.63 57.19 16.76
C LEU D 230 -46.12 57.55 16.61
N GLU D 231 -46.52 58.23 15.54
CA GLU D 231 -47.95 58.59 15.34
C GLU D 231 -48.80 57.33 15.21
N GLN D 232 -48.28 56.30 14.56
CA GLN D 232 -49.01 55.01 14.35
C GLN D 232 -49.18 54.28 15.69
N GLY D 233 -48.16 54.35 16.52
CA GLY D 233 -48.14 53.65 17.82
C GLY D 233 -47.19 52.48 17.75
N ILE D 234 -46.00 52.64 18.30
CA ILE D 234 -44.95 51.59 18.33
C ILE D 234 -44.45 51.46 19.77
N ASN D 235 -43.79 50.34 20.05
CA ASN D 235 -43.28 50.08 21.42
C ASN D 235 -41.77 50.09 21.44
N PHE D 236 -41.14 49.81 20.32
CA PHE D 236 -39.67 49.76 20.24
C PHE D 236 -39.14 50.40 18.96
N ILE D 237 -37.94 50.95 19.02
CA ILE D 237 -37.24 51.45 17.82
C ILE D 237 -35.87 50.79 17.80
N ALA D 238 -35.55 50.15 16.69
CA ALA D 238 -34.21 49.57 16.48
C ALA D 238 -33.47 50.60 15.63
N ILE D 239 -32.39 51.17 16.15
CA ILE D 239 -31.66 52.26 15.44
C ILE D 239 -30.47 51.66 14.69
N SER D 240 -30.56 51.67 13.38
CA SER D 240 -29.46 51.10 12.55
C SER D 240 -28.17 51.88 12.76
N PHE D 241 -27.05 51.17 12.79
CA PHE D 241 -25.68 51.70 12.85
C PHE D 241 -25.43 52.71 13.98
N VAL D 242 -25.74 52.37 15.23
CA VAL D 242 -25.42 53.31 16.33
C VAL D 242 -23.91 53.30 16.51
N ARG D 243 -23.28 54.47 16.41
CA ARG D 243 -21.80 54.58 16.53
C ARG D 243 -21.41 55.15 17.90
N THR D 244 -22.32 55.86 18.55
CA THR D 244 -22.06 56.52 19.85
C THR D 244 -23.37 56.69 20.64
N ALA D 245 -23.25 57.07 21.90
CA ALA D 245 -24.43 57.26 22.77
C ALA D 245 -25.32 58.37 22.19
N LYS D 246 -24.70 59.27 21.44
CA LYS D 246 -25.40 60.42 20.83
C LYS D 246 -26.47 59.93 19.86
N ASP D 247 -26.16 58.89 19.07
CA ASP D 247 -27.15 58.39 18.10
C ASP D 247 -28.40 57.95 18.87
N VAL D 248 -28.22 57.34 20.03
CA VAL D 248 -29.39 56.93 20.85
C VAL D 248 -30.10 58.15 21.44
N ASN D 249 -29.33 59.07 21.97
CA ASN D 249 -29.88 60.26 22.66
C ASN D 249 -30.73 61.08 21.71
N GLU D 250 -30.31 61.20 20.45
CA GLU D 250 -31.12 62.02 19.51
C GLU D 250 -32.52 61.42 19.36
N VAL D 251 -32.60 60.10 19.24
CA VAL D 251 -33.92 59.43 19.10
C VAL D 251 -34.72 59.56 20.39
N ARG D 252 -34.03 59.47 21.52
CA ARG D 252 -34.68 59.54 22.86
C ARG D 252 -35.38 60.89 22.98
N ALA D 253 -34.73 61.94 22.51
CA ALA D 253 -35.26 63.31 22.55
C ALA D 253 -36.57 63.36 21.77
N ILE D 254 -36.62 62.74 20.59
CA ILE D 254 -37.86 62.77 19.78
C ILE D 254 -38.98 62.03 20.52
N CYS D 255 -38.64 60.90 21.16
CA CYS D 255 -39.68 60.12 21.86
C CYS D 255 -40.27 60.92 23.02
N GLU D 256 -39.40 61.55 23.80
CA GLU D 256 -39.80 62.36 24.98
C GLU D 256 -40.58 63.61 24.54
N GLU D 257 -40.12 64.30 23.51
CA GLU D 257 -40.78 65.53 23.02
C GLU D 257 -42.20 65.20 22.55
N THR D 258 -42.42 64.04 21.94
CA THR D 258 -43.76 63.70 21.40
C THR D 258 -44.67 63.04 22.44
N GLY D 259 -44.23 62.90 23.68
CA GLY D 259 -45.06 62.24 24.70
C GLY D 259 -45.02 60.72 24.60
N ASN D 260 -43.97 60.19 23.98
CA ASN D 260 -43.81 58.73 23.76
C ASN D 260 -42.63 58.22 24.56
N GLY D 261 -42.52 58.66 25.81
CA GLY D 261 -41.41 58.32 26.71
C GLY D 261 -41.34 56.83 26.99
N HIS D 262 -42.46 56.13 26.83
CA HIS D 262 -42.56 54.67 27.06
C HIS D 262 -41.78 53.88 26.00
N VAL D 263 -41.47 54.48 24.87
CA VAL D 263 -40.79 53.73 23.77
C VAL D 263 -39.38 53.31 24.18
N GLN D 264 -39.03 52.06 23.92
CA GLN D 264 -37.68 51.56 24.24
C GLN D 264 -36.81 51.58 22.99
N LEU D 265 -35.56 51.91 23.18
CA LEU D 265 -34.65 52.03 22.04
C LEU D 265 -33.62 50.91 22.06
N PHE D 266 -33.57 50.16 20.99
CA PHE D 266 -32.53 49.11 20.86
C PHE D 266 -31.49 49.63 19.87
N ALA D 267 -30.26 49.77 20.33
CA ALA D 267 -29.17 50.22 19.45
C ALA D 267 -28.75 49.04 18.58
N LYS D 268 -28.58 49.28 17.29
CA LYS D 268 -28.09 48.20 16.40
C LYS D 268 -26.58 48.36 16.31
N ILE D 269 -25.84 47.38 16.81
CA ILE D 269 -24.35 47.42 16.75
C ILE D 269 -23.95 46.72 15.45
N GLU D 270 -23.50 47.46 14.45
CA GLU D 270 -23.11 46.84 13.15
C GLU D 270 -21.80 47.39 12.58
N ASN D 271 -20.92 47.98 13.39
CA ASN D 271 -19.61 48.48 12.89
C ASN D 271 -18.62 48.59 14.04
N GLN D 272 -17.35 48.82 13.73
CA GLN D 272 -16.31 48.90 14.76
C GLN D 272 -16.61 50.02 15.75
N GLN D 273 -17.12 51.15 15.26
CA GLN D 273 -17.37 52.30 16.17
C GLN D 273 -18.42 51.91 17.21
N GLY D 274 -19.49 51.26 16.80
CA GLY D 274 -20.53 50.85 17.76
C GLY D 274 -19.95 49.91 18.82
N ILE D 275 -19.06 49.01 18.40
CA ILE D 275 -18.36 48.03 19.26
C ILE D 275 -17.37 48.76 20.19
N ASP D 276 -16.66 49.74 19.67
CA ASP D 276 -15.68 50.49 20.48
C ASP D 276 -16.40 51.25 21.60
N ASN D 277 -17.58 51.78 21.32
CA ASN D 277 -18.42 52.61 22.23
C ASN D 277 -19.56 51.79 22.85
N LEU D 278 -19.39 50.49 22.95
CA LEU D 278 -20.50 49.63 23.43
C LEU D 278 -20.98 49.98 24.84
N ASP D 279 -20.09 50.22 25.80
CA ASP D 279 -20.50 50.49 27.20
C ASP D 279 -21.39 51.74 27.29
N GLU D 280 -20.99 52.81 26.60
CA GLU D 280 -21.75 54.07 26.55
C GLU D 280 -23.08 53.84 25.83
N ILE D 281 -23.08 53.04 24.76
CA ILE D 281 -24.34 52.81 24.01
C ILE D 281 -25.30 52.00 24.89
N ILE D 282 -24.79 51.01 25.59
CA ILE D 282 -25.67 50.19 26.45
C ILE D 282 -26.32 51.09 27.50
N GLU D 283 -25.54 51.95 28.12
CA GLU D 283 -26.07 52.86 29.18
C GLU D 283 -27.18 53.75 28.63
N ALA D 284 -27.02 54.31 27.44
CA ALA D 284 -28.05 55.19 26.84
C ALA D 284 -29.28 54.44 26.35
N ALA D 285 -29.10 53.21 25.88
CA ALA D 285 -30.17 52.42 25.24
C ALA D 285 -30.94 51.54 26.24
N ASP D 286 -32.06 50.99 25.80
CA ASP D 286 -32.89 50.04 26.59
C ASP D 286 -32.48 48.60 26.20
N GLY D 287 -31.65 48.47 25.18
CA GLY D 287 -31.21 47.15 24.71
C GLY D 287 -30.35 47.26 23.47
N ILE D 288 -29.84 46.11 23.03
CA ILE D 288 -28.95 46.05 21.84
C ILE D 288 -29.51 45.02 20.88
N MET D 289 -29.47 45.32 19.60
CA MET D 289 -29.84 44.31 18.58
C MET D 289 -28.51 43.99 17.89
N ILE D 290 -28.09 42.74 17.92
CA ILE D 290 -26.79 42.33 17.33
C ILE D 290 -27.09 42.14 15.84
N ALA D 291 -26.86 43.19 15.05
CA ALA D 291 -27.16 43.22 13.61
C ALA D 291 -26.00 42.57 12.88
N ARG D 292 -25.95 41.25 12.92
CA ARG D 292 -24.82 40.49 12.36
C ARG D 292 -24.63 40.68 10.86
N GLY D 293 -25.68 40.96 10.09
CA GLY D 293 -25.46 41.04 8.64
C GLY D 293 -24.47 42.12 8.26
N ASP D 294 -24.70 43.35 8.67
CA ASP D 294 -23.74 44.46 8.43
C ASP D 294 -22.46 44.26 9.26
N MET D 295 -22.58 43.79 10.50
CA MET D 295 -21.40 43.68 11.39
C MET D 295 -20.33 42.76 10.80
N GLY D 296 -20.74 41.64 10.20
CA GLY D 296 -19.86 40.61 9.64
C GLY D 296 -19.11 41.09 8.42
N ILE D 297 -19.53 42.23 7.86
CA ILE D 297 -18.90 42.85 6.67
C ILE D 297 -18.04 44.03 7.12
N GLU D 298 -18.59 44.82 8.04
CA GLU D 298 -17.90 46.01 8.62
C GLU D 298 -16.70 45.60 9.47
N VAL D 299 -16.76 44.43 10.10
CA VAL D 299 -15.67 43.92 10.98
C VAL D 299 -15.31 42.52 10.49
N PRO D 300 -14.17 41.96 10.89
CA PRO D 300 -13.83 40.61 10.41
C PRO D 300 -14.96 39.64 10.78
N PHE D 301 -15.40 38.85 9.81
CA PHE D 301 -16.54 37.92 9.98
C PHE D 301 -16.28 36.96 11.16
N GLU D 302 -15.03 36.54 11.34
CA GLU D 302 -14.64 35.57 12.39
C GLU D 302 -14.71 36.17 13.81
N MET D 303 -14.87 37.48 13.93
CA MET D 303 -14.95 38.17 15.24
C MET D 303 -16.41 38.36 15.69
N VAL D 304 -17.37 38.17 14.80
CA VAL D 304 -18.79 38.38 15.17
C VAL D 304 -19.20 37.43 16.30
N PRO D 305 -18.80 36.17 16.27
CA PRO D 305 -19.16 35.26 17.38
C PRO D 305 -18.57 35.76 18.70
N VAL D 306 -17.35 36.29 18.67
CA VAL D 306 -16.72 36.79 19.91
C VAL D 306 -17.55 37.96 20.47
N TYR D 307 -17.93 38.89 19.60
CA TYR D 307 -18.70 40.09 19.94
C TYR D 307 -20.09 39.70 20.43
N GLN D 308 -20.69 38.71 19.78
CA GLN D 308 -22.04 38.25 20.14
C GLN D 308 -22.08 37.73 21.58
N LYS D 309 -21.15 36.87 21.97
CA LYS D 309 -21.13 36.34 23.35
C LYS D 309 -20.89 37.50 24.32
N MET D 310 -19.93 38.36 24.03
CA MET D 310 -19.62 39.50 24.91
C MET D 310 -20.79 40.48 25.02
N ILE D 311 -21.47 40.84 23.93
CA ILE D 311 -22.62 41.79 23.96
C ILE D 311 -23.76 41.20 24.81
N ILE D 312 -24.05 39.92 24.60
CA ILE D 312 -25.15 39.28 25.39
C ILE D 312 -24.82 39.35 26.88
N LYS D 313 -23.58 39.04 27.24
CA LYS D 313 -23.22 39.07 28.66
C LYS D 313 -23.38 40.49 29.23
N LYS D 314 -22.88 41.48 28.50
CA LYS D 314 -22.94 42.88 28.97
C LYS D 314 -24.37 43.40 29.09
N VAL D 315 -25.20 43.15 28.08
CA VAL D 315 -26.59 43.66 28.10
C VAL D 315 -27.36 43.03 29.25
N ASN D 316 -27.19 41.73 29.47
CA ASN D 316 -27.86 40.99 30.57
C ASN D 316 -27.41 41.57 31.92
N ALA D 317 -26.13 41.86 32.05
CA ALA D 317 -25.53 42.41 33.28
C ALA D 317 -26.17 43.75 33.60
N ALA D 318 -26.63 44.48 32.59
CA ALA D 318 -27.26 45.81 32.72
C ALA D 318 -28.78 45.69 32.87
N GLY D 319 -29.30 44.46 32.86
CA GLY D 319 -30.75 44.26 32.99
C GLY D 319 -31.49 44.83 31.80
N LYS D 320 -30.88 44.75 30.64
CA LYS D 320 -31.46 45.29 29.39
C LYS D 320 -31.75 44.13 28.43
N VAL D 321 -32.39 44.42 27.32
CA VAL D 321 -32.83 43.39 26.35
C VAL D 321 -31.81 43.20 25.23
N VAL D 322 -31.49 41.96 24.90
CA VAL D 322 -30.55 41.72 23.77
C VAL D 322 -31.25 40.85 22.71
N ILE D 323 -31.12 41.24 21.45
CA ILE D 323 -31.75 40.49 20.32
C ILE D 323 -30.63 40.00 19.40
N THR D 324 -30.59 38.71 19.08
CA THR D 324 -29.60 38.18 18.11
C THR D 324 -30.28 38.16 16.74
N ALA D 325 -29.64 38.67 15.69
CA ALA D 325 -30.36 38.72 14.40
C ALA D 325 -29.53 38.39 13.16
N THR D 326 -30.24 38.04 12.10
CA THR D 326 -29.70 37.88 10.72
C THR D 326 -29.19 36.47 10.38
N ASN D 327 -29.75 35.89 9.32
CA ASN D 327 -29.33 34.59 8.73
C ASN D 327 -29.59 33.42 9.69
N MET D 328 -30.40 33.60 10.72
CA MET D 328 -30.64 32.55 11.75
C MET D 328 -31.24 31.28 11.12
N LEU D 329 -32.24 31.42 10.25
CA LEU D 329 -32.85 30.29 9.53
C LEU D 329 -32.87 30.68 8.04
N GLU D 330 -31.76 31.20 7.54
CA GLU D 330 -31.69 31.79 6.18
C GLU D 330 -32.21 30.86 5.09
N THR D 331 -31.86 29.58 5.13
CA THR D 331 -32.23 28.61 4.06
C THR D 331 -33.75 28.47 3.92
N MET D 332 -34.48 28.76 4.99
CA MET D 332 -35.96 28.64 5.07
C MET D 332 -36.65 29.71 4.21
N THR D 333 -35.88 30.61 3.64
CA THR D 333 -36.38 31.60 2.66
C THR D 333 -36.85 30.83 1.41
N GLU D 334 -36.13 29.74 1.06
CA GLU D 334 -36.41 28.90 -0.15
C GLU D 334 -36.79 27.44 0.15
N LYS D 335 -36.48 26.91 1.33
CA LYS D 335 -36.76 25.49 1.63
C LYS D 335 -37.56 25.32 2.91
N PRO D 336 -38.29 24.23 3.08
CA PRO D 336 -39.07 24.03 4.30
C PRO D 336 -38.26 23.62 5.55
N ARG D 337 -36.98 23.26 5.38
CA ARG D 337 -36.11 22.82 6.50
C ARG D 337 -34.81 23.62 6.49
N ALA D 338 -34.34 24.04 7.67
CA ALA D 338 -33.10 24.81 7.80
C ALA D 338 -31.86 23.89 7.74
N THR D 339 -30.70 24.47 7.52
CA THR D 339 -29.44 23.71 7.50
C THR D 339 -29.02 23.34 8.94
N ARG D 340 -28.05 22.45 9.06
CA ARG D 340 -27.54 22.05 10.40
C ARG D 340 -26.90 23.27 11.08
N SER D 341 -26.17 24.09 10.33
CA SER D 341 -25.52 25.30 10.88
C SER D 341 -26.57 26.32 11.37
N GLU D 342 -27.69 26.46 10.67
CA GLU D 342 -28.75 27.41 11.07
C GLU D 342 -29.37 26.98 12.40
N VAL D 343 -29.69 25.69 12.55
CA VAL D 343 -30.27 25.19 13.82
C VAL D 343 -29.25 25.40 14.94
N SER D 344 -27.99 25.12 14.65
CA SER D 344 -26.89 25.29 15.64
C SER D 344 -26.80 26.75 16.08
N ASP D 345 -26.83 27.68 15.13
CA ASP D 345 -26.77 29.12 15.43
C ASP D 345 -27.96 29.51 16.31
N VAL D 346 -29.18 29.12 15.98
CA VAL D 346 -30.31 29.51 16.87
C VAL D 346 -30.12 28.87 18.24
N PHE D 347 -29.75 27.60 18.28
CA PHE D 347 -29.56 26.93 19.59
C PHE D 347 -28.49 27.67 20.41
N ASN D 348 -27.34 27.96 19.81
CA ASN D 348 -26.22 28.62 20.54
C ASN D 348 -26.58 30.02 21.03
N ALA D 349 -27.36 30.76 20.25
CA ALA D 349 -27.76 32.13 20.65
C ALA D 349 -28.53 32.04 21.98
N VAL D 350 -29.42 31.07 22.08
CA VAL D 350 -30.20 30.88 23.34
C VAL D 350 -29.24 30.51 24.47
N ILE D 351 -28.30 29.59 24.23
CA ILE D 351 -27.29 29.15 25.23
C ILE D 351 -26.42 30.32 25.66
N ASP D 352 -26.04 31.17 24.72
CA ASP D 352 -25.21 32.37 25.01
C ASP D 352 -25.96 33.28 26.00
N GLY D 353 -27.29 33.18 26.06
CA GLY D 353 -28.13 33.97 26.97
C GLY D 353 -29.01 35.03 26.31
N THR D 354 -29.27 34.92 25.01
CA THR D 354 -30.09 35.93 24.31
C THR D 354 -31.51 35.99 24.87
N ASP D 355 -32.05 37.20 24.93
CA ASP D 355 -33.47 37.43 25.30
C ASP D 355 -34.36 37.03 24.13
N ALA D 356 -33.90 37.34 22.93
CA ALA D 356 -34.70 37.16 21.71
C ALA D 356 -33.85 36.77 20.50
N THR D 357 -34.48 36.06 19.57
CA THR D 357 -33.88 35.61 18.30
C THR D 357 -34.73 36.28 17.21
N MET D 358 -34.13 36.56 16.05
CA MET D 358 -34.88 37.33 15.03
C MET D 358 -34.87 36.65 13.65
N LEU D 359 -35.96 36.91 12.91
CA LEU D 359 -36.20 36.47 11.51
C LEU D 359 -36.32 37.74 10.64
N SER D 360 -35.64 37.74 9.53
CA SER D 360 -35.73 38.89 8.61
C SER D 360 -36.42 38.41 7.33
N GLY D 361 -35.65 38.11 6.30
CA GLY D 361 -36.20 37.65 5.02
C GLY D 361 -37.03 36.40 5.19
N GLU D 362 -36.67 35.56 6.15
CA GLU D 362 -37.39 34.29 6.39
C GLU D 362 -38.87 34.61 6.65
N SER D 363 -39.16 35.68 7.38
CA SER D 363 -40.58 36.05 7.65
C SER D 363 -41.07 37.15 6.69
N ALA D 364 -40.22 38.08 6.33
CA ALA D 364 -40.68 39.20 5.47
C ALA D 364 -40.90 38.86 3.99
N ASN D 365 -39.92 38.21 3.37
CA ASN D 365 -39.71 37.97 1.92
C ASN D 365 -39.77 36.51 1.44
N GLY D 366 -39.73 35.52 2.34
CA GLY D 366 -39.63 34.09 2.01
C GLY D 366 -40.90 33.34 1.67
N LYS D 367 -40.72 32.10 1.21
CA LYS D 367 -41.83 31.19 0.85
C LYS D 367 -42.37 30.48 2.09
N TYR D 368 -41.67 30.49 3.22
CA TYR D 368 -42.18 29.74 4.40
C TYR D 368 -42.16 30.62 5.66
N PRO D 369 -42.89 31.72 5.65
CA PRO D 369 -42.89 32.58 6.83
C PRO D 369 -43.43 31.91 8.11
N LEU D 370 -44.59 31.28 8.07
CA LEU D 370 -45.11 30.62 9.29
C LEU D 370 -44.17 29.50 9.76
N GLU D 371 -43.66 28.68 8.84
CA GLU D 371 -42.77 27.54 9.11
C GLU D 371 -41.49 28.06 9.78
N SER D 372 -41.00 29.20 9.33
CA SER D 372 -39.77 29.78 9.90
C SER D 372 -39.98 30.13 11.39
N VAL D 373 -41.12 30.71 11.72
CA VAL D 373 -41.47 31.08 13.13
C VAL D 373 -41.63 29.80 13.97
N THR D 374 -42.36 28.84 13.46
CA THR D 374 -42.55 27.56 14.17
C THR D 374 -41.20 26.87 14.38
N THR D 375 -40.33 26.86 13.37
CA THR D 375 -39.02 26.18 13.47
C THR D 375 -38.18 26.88 14.55
N MET D 376 -38.17 28.20 14.52
CA MET D 376 -37.43 28.99 15.53
C MET D 376 -38.01 28.71 16.92
N ALA D 377 -39.33 28.64 17.04
CA ALA D 377 -39.97 28.38 18.35
C ALA D 377 -39.52 27.02 18.90
N THR D 378 -39.48 26.01 18.03
CA THR D 378 -39.09 24.65 18.43
C THR D 378 -37.64 24.64 18.93
N ILE D 379 -36.71 25.22 18.20
CA ILE D 379 -35.29 25.24 18.62
C ILE D 379 -35.13 26.04 19.93
N ASP D 380 -35.77 27.21 20.02
CA ASP D 380 -35.68 28.09 21.21
C ASP D 380 -36.22 27.32 22.43
N LYS D 381 -37.33 26.63 22.25
CA LYS D 381 -37.95 25.85 23.36
C LYS D 381 -37.02 24.71 23.75
N ASN D 382 -36.41 24.04 22.79
CA ASN D 382 -35.49 22.92 23.13
C ASN D 382 -34.26 23.46 23.87
N ALA D 383 -33.66 24.53 23.37
CA ALA D 383 -32.45 25.14 23.98
C ALA D 383 -32.70 25.64 25.41
N GLN D 384 -33.88 26.17 25.70
CA GLN D 384 -34.20 26.69 27.06
C GLN D 384 -34.02 25.56 28.07
N ALA D 385 -34.32 24.34 27.66
CA ALA D 385 -34.20 23.16 28.54
C ALA D 385 -32.74 22.89 28.93
N LEU D 386 -31.78 23.35 28.13
CA LEU D 386 -30.35 23.07 28.41
C LEU D 386 -29.61 24.26 29.02
N LEU D 387 -30.32 25.30 29.43
CA LEU D 387 -29.67 26.49 30.03
C LEU D 387 -29.02 26.13 31.36
N ASN D 388 -29.64 25.28 32.15
CA ASN D 388 -29.04 24.89 33.45
C ASN D 388 -27.70 24.17 33.22
N GLU D 389 -27.67 23.26 32.27
CA GLU D 389 -26.43 22.52 31.95
C GLU D 389 -25.35 23.32 31.19
N TYR D 390 -25.73 24.03 30.12
CA TYR D 390 -24.76 24.71 29.22
C TYR D 390 -24.82 26.25 29.23
N GLY D 391 -25.81 26.86 29.89
CA GLY D 391 -26.00 28.32 29.85
C GLY D 391 -24.78 29.14 30.25
N ARG D 392 -24.41 30.11 29.42
CA ARG D 392 -23.27 31.04 29.62
C ARG D 392 -23.52 32.11 30.71
N LEU D 393 -24.73 32.64 30.82
CA LEU D 393 -25.02 33.72 31.80
C LEU D 393 -24.80 33.23 33.23
N ASP D 394 -24.32 34.11 34.11
CA ASP D 394 -24.02 33.78 35.53
C ASP D 394 -24.60 34.83 36.49
N SER D 395 -25.84 34.67 36.94
CA SER D 395 -26.49 35.66 37.86
C SER D 395 -25.72 35.78 39.18
N ASP D 396 -25.04 34.72 39.56
CA ASP D 396 -24.30 34.65 40.84
C ASP D 396 -23.24 35.76 40.95
N SER D 397 -22.66 36.20 39.84
CA SER D 397 -21.59 37.22 39.84
C SER D 397 -22.11 38.65 39.92
N PHE D 398 -23.40 38.88 39.74
CA PHE D 398 -23.95 40.25 39.74
C PHE D 398 -23.96 40.90 41.11
N GLU D 399 -23.73 42.20 41.13
CA GLU D 399 -23.90 42.98 42.36
C GLU D 399 -25.40 43.26 42.43
N ARG D 400 -26.02 43.07 43.59
CA ARG D 400 -27.47 43.38 43.72
C ARG D 400 -27.48 44.85 44.14
N ASN D 401 -27.82 45.73 43.22
CA ASN D 401 -27.70 47.20 43.37
C ASN D 401 -28.94 47.92 43.89
N SER D 402 -30.00 47.20 44.22
CA SER D 402 -31.23 47.84 44.74
C SER D 402 -32.07 46.79 45.45
N LYS D 403 -33.02 47.24 46.27
CA LYS D 403 -33.93 46.36 47.02
C LYS D 403 -34.79 45.53 46.06
N THR D 404 -35.22 46.08 44.93
CA THR D 404 -36.00 45.25 43.98
C THR D 404 -35.06 44.16 43.43
N GLU D 405 -33.81 44.51 43.16
CA GLU D 405 -32.83 43.53 42.64
C GLU D 405 -32.55 42.45 43.70
N VAL D 406 -32.51 42.83 44.97
CA VAL D 406 -32.29 41.83 46.06
C VAL D 406 -33.45 40.84 45.99
N MET D 407 -34.67 41.34 45.78
CA MET D 407 -35.89 40.50 45.66
C MET D 407 -35.77 39.58 44.43
N ALA D 408 -35.28 40.10 43.30
CA ALA D 408 -35.11 39.31 42.07
C ALA D 408 -34.12 38.17 42.36
N SER D 409 -33.06 38.45 43.10
CA SER D 409 -32.09 37.40 43.46
C SER D 409 -32.79 36.33 44.33
N ALA D 410 -33.59 36.78 45.30
CA ALA D 410 -34.33 35.90 46.23
C ALA D 410 -35.30 35.02 45.45
N VAL D 411 -35.98 35.57 44.46
CA VAL D 411 -36.93 34.79 43.62
C VAL D 411 -36.12 33.69 42.89
N LYS D 412 -34.97 34.05 42.32
CA LYS D 412 -34.13 33.08 41.61
C LYS D 412 -33.71 31.96 42.59
N ASP D 413 -33.38 32.31 43.82
CA ASP D 413 -33.00 31.31 44.85
C ASP D 413 -34.17 30.34 45.11
N ALA D 414 -35.40 30.86 45.20
CA ALA D 414 -36.60 30.01 45.41
C ALA D 414 -36.77 29.04 44.23
N THR D 415 -36.60 29.50 43.01
CA THR D 415 -36.73 28.66 41.78
C THR D 415 -35.64 27.59 41.72
N SER D 416 -34.48 27.82 42.36
CA SER D 416 -33.36 26.85 42.40
C SER D 416 -33.54 25.84 43.54
N SER D 417 -34.12 26.27 44.64
CA SER D 417 -34.40 25.50 45.88
C SER D 417 -35.50 24.44 45.69
N MET D 418 -36.51 24.73 44.88
CA MET D 418 -37.66 23.80 44.71
C MET D 418 -38.30 23.98 43.33
N ASP D 419 -39.22 23.11 42.97
CA ASP D 419 -39.85 23.18 41.64
C ASP D 419 -40.92 24.29 41.65
N ILE D 420 -40.63 25.42 41.01
CA ILE D 420 -41.60 26.54 40.93
C ILE D 420 -42.19 26.56 39.54
N LYS D 421 -43.50 26.35 39.43
CA LYS D 421 -44.18 26.39 38.12
C LYS D 421 -44.18 27.81 37.53
N LEU D 422 -44.45 28.83 38.34
CA LEU D 422 -44.55 30.20 37.81
C LEU D 422 -44.10 31.25 38.84
N VAL D 423 -43.50 32.32 38.35
CA VAL D 423 -43.14 33.51 39.17
C VAL D 423 -44.14 34.60 38.71
N VAL D 424 -44.88 35.19 39.63
CA VAL D 424 -45.85 36.26 39.25
C VAL D 424 -45.40 37.59 39.87
N THR D 425 -45.36 38.65 39.08
CA THR D 425 -45.02 39.98 39.63
C THR D 425 -46.15 40.97 39.32
N LEU D 426 -46.57 41.75 40.30
CA LEU D 426 -47.53 42.83 40.03
C LEU D 426 -46.61 44.02 39.86
N THR D 427 -46.44 44.48 38.63
CA THR D 427 -45.47 45.55 38.31
C THR D 427 -46.17 46.72 37.61
N LYS D 428 -46.02 47.91 38.15
CA LYS D 428 -46.60 49.13 37.58
C LYS D 428 -45.92 49.55 36.27
N THR D 429 -44.60 49.60 36.27
CA THR D 429 -43.81 50.04 35.09
C THR D 429 -43.03 48.89 34.43
N GLY D 430 -43.04 47.69 35.00
CA GLY D 430 -42.30 46.52 34.48
C GLY D 430 -40.90 46.38 35.04
N HIS D 431 -40.49 47.26 35.94
CA HIS D 431 -39.12 47.24 36.51
C HIS D 431 -38.84 45.90 37.20
N THR D 432 -39.76 45.46 38.06
CA THR D 432 -39.57 44.19 38.81
C THR D 432 -39.48 43.03 37.81
N ALA D 433 -40.31 43.05 36.77
CA ALA D 433 -40.29 41.98 35.76
C ALA D 433 -38.93 41.94 35.06
N ARG D 434 -38.40 43.09 34.69
CA ARG D 434 -37.10 43.17 33.99
C ARG D 434 -35.99 42.59 34.91
N LEU D 435 -35.98 42.97 36.18
CA LEU D 435 -34.94 42.46 37.10
C LEU D 435 -35.08 40.94 37.31
N ILE D 436 -36.31 40.45 37.42
CA ILE D 436 -36.51 38.98 37.59
C ILE D 436 -36.04 38.29 36.32
N SER D 437 -36.40 38.83 35.16
CA SER D 437 -35.98 38.27 33.85
C SER D 437 -34.44 38.27 33.76
N LYS D 438 -33.82 39.31 34.30
CA LYS D 438 -32.35 39.49 34.24
C LYS D 438 -31.67 38.30 34.92
N TYR D 439 -32.26 37.82 36.01
CA TYR D 439 -31.74 36.71 36.84
C TYR D 439 -31.92 35.34 36.18
N ARG D 440 -32.72 35.24 35.12
CA ARG D 440 -32.94 33.96 34.40
C ARG D 440 -33.42 32.86 35.37
N PRO D 441 -34.55 33.07 36.04
CA PRO D 441 -35.05 32.04 36.96
C PRO D 441 -35.53 30.76 36.24
N ASN D 442 -35.50 29.63 36.95
CA ASN D 442 -35.98 28.38 36.31
C ASN D 442 -37.51 28.36 36.44
N ALA D 443 -38.14 29.34 35.81
CA ALA D 443 -39.62 29.47 35.79
C ALA D 443 -40.05 30.53 34.77
N ASP D 444 -41.28 30.42 34.30
CA ASP D 444 -41.88 31.46 33.44
C ASP D 444 -42.24 32.63 34.35
N ILE D 445 -42.28 33.84 33.81
CA ILE D 445 -42.57 35.05 34.64
C ILE D 445 -43.83 35.71 34.11
N LEU D 446 -44.91 35.64 34.88
CA LEU D 446 -46.18 36.30 34.51
C LEU D 446 -46.11 37.72 35.05
N ALA D 447 -46.09 38.69 34.15
CA ALA D 447 -46.02 40.11 34.55
C ALA D 447 -47.43 40.70 34.49
N LEU D 448 -48.00 40.94 35.66
CA LEU D 448 -49.35 41.54 35.76
C LEU D 448 -49.15 43.04 35.82
N THR D 449 -49.59 43.73 34.79
CA THR D 449 -49.43 45.19 34.62
C THR D 449 -50.80 45.84 34.36
N PHE D 450 -50.87 47.15 34.57
CA PHE D 450 -52.13 47.95 34.60
C PHE D 450 -52.36 48.83 33.36
N ASP D 451 -51.47 48.80 32.38
CA ASP D 451 -51.66 49.55 31.12
C ASP D 451 -51.02 48.81 29.94
N GLU D 452 -51.59 49.03 28.76
CA GLU D 452 -51.18 48.39 27.49
C GLU D 452 -49.75 48.71 27.08
N LEU D 453 -49.28 49.93 27.34
CA LEU D 453 -47.90 50.30 26.98
C LEU D 453 -46.88 49.49 27.79
N THR D 454 -47.09 49.34 29.09
CA THR D 454 -46.16 48.53 29.90
C THR D 454 -46.24 47.07 29.43
N GLU D 455 -47.45 46.59 29.16
CA GLU D 455 -47.66 45.19 28.74
C GLU D 455 -46.89 44.88 27.45
N ARG D 456 -47.09 45.68 26.40
CA ARG D 456 -46.40 45.46 25.10
C ARG D 456 -44.90 45.66 25.27
N GLY D 457 -44.51 46.59 26.12
CA GLY D 457 -43.11 46.93 26.40
C GLY D 457 -42.28 45.79 26.99
N LEU D 458 -42.92 44.81 27.62
CA LEU D 458 -42.19 43.68 28.28
C LEU D 458 -42.09 42.46 27.35
N MET D 459 -42.62 42.56 26.15
CA MET D 459 -42.70 41.42 25.22
C MET D 459 -41.37 40.83 24.70
N LEU D 460 -40.25 41.52 24.84
CA LEU D 460 -38.95 40.98 24.36
C LEU D 460 -38.07 40.57 25.55
N ASN D 461 -38.58 40.70 26.77
CA ASN D 461 -37.80 40.28 27.95
C ASN D 461 -37.85 38.76 28.10
N TRP D 462 -36.70 38.15 28.33
CA TRP D 462 -36.63 36.67 28.46
C TRP D 462 -37.59 36.16 29.54
N GLY D 463 -38.42 35.20 29.15
CA GLY D 463 -39.35 34.45 29.99
C GLY D 463 -40.56 35.25 30.47
N VAL D 464 -40.71 36.49 30.03
CA VAL D 464 -41.84 37.29 30.57
C VAL D 464 -43.13 37.14 29.76
N ILE D 465 -44.18 36.79 30.47
CA ILE D 465 -45.53 36.69 29.87
C ILE D 465 -46.30 37.89 30.40
N PRO D 466 -46.38 38.96 29.64
CA PRO D 466 -47.13 40.14 30.10
C PRO D 466 -48.64 39.87 30.06
N MET D 467 -49.37 40.36 31.05
CA MET D 467 -50.84 40.20 31.13
C MET D 467 -51.46 41.47 31.72
N LEU D 468 -52.48 41.99 31.06
CA LEU D 468 -53.16 43.23 31.51
C LEU D 468 -54.16 42.91 32.62
N THR D 469 -54.19 43.72 33.65
CA THR D 469 -55.14 43.52 34.77
C THR D 469 -55.52 44.87 35.40
N ASP D 470 -56.64 44.93 36.11
CA ASP D 470 -57.06 46.20 36.74
C ASP D 470 -56.05 46.60 37.80
N ALA D 471 -55.81 47.90 37.92
CA ALA D 471 -54.87 48.40 38.94
C ALA D 471 -55.45 48.03 40.29
N PRO D 472 -54.64 47.48 41.17
CA PRO D 472 -55.18 47.04 42.45
C PRO D 472 -55.52 48.19 43.41
N SER D 473 -56.58 48.02 44.18
CA SER D 473 -56.98 49.01 45.22
C SER D 473 -56.39 48.57 46.56
N SER D 474 -56.41 49.46 47.55
CA SER D 474 -55.86 49.22 48.91
C SER D 474 -56.55 48.05 49.61
N THR D 475 -57.79 47.73 49.22
CA THR D 475 -58.53 46.63 49.89
C THR D 475 -58.39 45.29 49.19
N ASP D 476 -57.72 45.23 48.04
CA ASP D 476 -57.55 43.96 47.29
C ASP D 476 -56.46 43.07 47.90
N ASP D 477 -56.57 41.76 47.66
CA ASP D 477 -55.54 40.77 48.05
C ASP D 477 -54.80 40.47 46.75
N MET D 478 -53.62 41.04 46.62
CA MET D 478 -52.80 40.89 45.39
C MET D 478 -52.34 39.45 45.17
N PHE D 479 -52.14 38.70 46.25
CA PHE D 479 -51.75 37.27 46.17
C PHE D 479 -52.89 36.47 45.54
N GLU D 480 -54.13 36.74 45.96
CA GLU D 480 -55.33 36.08 45.39
C GLU D 480 -55.46 36.46 43.91
N ILE D 481 -55.23 37.72 43.59
CA ILE D 481 -55.34 38.18 42.17
C ILE D 481 -54.29 37.45 41.33
N ALA D 482 -53.06 37.33 41.85
CA ALA D 482 -51.98 36.67 41.10
C ALA D 482 -52.35 35.23 40.81
N GLU D 483 -52.83 34.51 41.81
CA GLU D 483 -53.24 33.11 41.57
C GLU D 483 -54.41 33.08 40.57
N ARG D 484 -55.39 33.95 40.75
CA ARG D 484 -56.57 33.95 39.85
C ARG D 484 -56.15 34.20 38.40
N LYS D 485 -55.32 35.21 38.18
CA LYS D 485 -54.87 35.54 36.81
C LYS D 485 -54.05 34.39 36.22
N ALA D 486 -53.15 33.79 37.00
CA ALA D 486 -52.31 32.68 36.51
C ALA D 486 -53.21 31.51 36.09
N VAL D 487 -54.20 31.18 36.90
CA VAL D 487 -55.18 30.11 36.59
C VAL D 487 -55.97 30.50 35.33
N GLU D 488 -56.42 31.74 35.24
CA GLU D 488 -57.20 32.19 34.06
C GLU D 488 -56.34 32.03 32.81
N ALA D 489 -55.05 32.34 32.93
CA ALA D 489 -54.12 32.29 31.78
C ALA D 489 -53.80 30.84 31.39
N GLY D 490 -54.25 29.88 32.19
CA GLY D 490 -53.95 28.46 31.92
C GLY D 490 -52.50 28.12 32.21
N LEU D 491 -51.81 28.91 33.03
CA LEU D 491 -50.38 28.61 33.27
C LEU D 491 -50.15 27.73 34.49
N VAL D 492 -51.14 27.59 35.37
CA VAL D 492 -50.94 26.77 36.59
C VAL D 492 -52.20 25.98 36.88
N GLU D 493 -52.06 24.91 37.67
CA GLU D 493 -53.19 24.05 38.09
C GLU D 493 -53.04 23.73 39.57
N SER D 494 -54.08 23.17 40.16
CA SER D 494 -54.09 22.87 41.59
C SER D 494 -52.86 22.06 41.96
N GLY D 495 -52.24 22.41 43.07
CA GLY D 495 -51.04 21.71 43.57
C GLY D 495 -49.73 22.30 43.08
N ASP D 496 -49.78 23.14 42.05
CA ASP D 496 -48.55 23.81 41.55
C ASP D 496 -48.11 24.86 42.57
N ASP D 497 -46.79 25.03 42.72
CA ASP D 497 -46.21 26.03 43.63
C ASP D 497 -45.75 27.21 42.77
N ILE D 498 -46.08 28.42 43.20
CA ILE D 498 -45.73 29.66 42.47
C ILE D 498 -45.09 30.63 43.45
N VAL D 499 -44.25 31.52 42.94
CA VAL D 499 -43.64 32.59 43.75
C VAL D 499 -44.32 33.89 43.32
N ILE D 500 -44.87 34.65 44.25
CA ILE D 500 -45.55 35.92 43.89
C ILE D 500 -44.84 37.06 44.59
N VAL D 501 -44.53 38.13 43.86
CA VAL D 501 -43.90 39.34 44.42
C VAL D 501 -44.78 40.56 44.13
N ALA D 502 -44.81 41.50 45.05
CA ALA D 502 -45.60 42.75 44.96
C ALA D 502 -45.07 43.78 45.98
N GLY D 503 -45.48 45.02 45.82
CA GLY D 503 -45.18 46.10 46.78
C GLY D 503 -46.38 46.19 47.68
N VAL D 504 -46.27 45.69 48.89
CA VAL D 504 -47.47 45.74 49.77
C VAL D 504 -47.20 46.63 50.99
N PRO D 505 -48.21 47.40 51.40
CA PRO D 505 -49.52 47.49 50.76
C PRO D 505 -49.56 48.49 49.59
N VAL D 506 -50.52 48.33 48.69
CA VAL D 506 -50.67 49.29 47.57
C VAL D 506 -50.94 50.66 48.18
N GLY D 507 -50.23 51.67 47.70
CA GLY D 507 -50.41 53.05 48.19
C GLY D 507 -49.45 53.41 49.30
N GLU D 508 -48.78 52.43 49.89
CA GLU D 508 -47.78 52.76 50.91
C GLU D 508 -46.43 52.18 50.47
N ALA D 509 -46.44 51.05 49.75
CA ALA D 509 -45.15 50.46 49.33
C ALA D 509 -44.46 51.38 48.34
N VAL D 510 -43.17 51.56 48.53
CA VAL D 510 -42.28 52.37 47.67
C VAL D 510 -41.84 51.49 46.49
N ARG D 511 -41.79 50.19 46.71
CA ARG D 511 -41.29 49.26 45.68
C ARG D 511 -41.73 47.83 45.99
N THR D 512 -41.37 46.92 45.09
CA THR D 512 -41.65 45.49 45.32
C THR D 512 -40.88 45.14 46.59
N ASN D 513 -41.60 44.71 47.61
CA ASN D 513 -40.99 44.44 48.92
C ASN D 513 -41.44 43.09 49.49
N THR D 514 -42.33 42.38 48.80
CA THR D 514 -42.89 41.12 49.36
C THR D 514 -42.78 39.93 48.40
N MET D 515 -42.37 38.78 48.95
CA MET D 515 -42.27 37.50 48.21
C MET D 515 -43.11 36.47 48.96
N ARG D 516 -44.02 35.84 48.25
CA ARG D 516 -44.89 34.83 48.87
C ARG D 516 -44.77 33.52 48.08
N ILE D 517 -44.69 32.40 48.78
CA ILE D 517 -44.68 31.06 48.13
C ILE D 517 -46.09 30.53 48.37
N ARG D 518 -46.79 30.24 47.28
CA ARG D 518 -48.20 29.82 47.36
C ARG D 518 -48.45 28.57 46.51
N THR D 519 -49.27 27.68 47.05
CA THR D 519 -49.70 26.44 46.38
C THR D 519 -51.08 26.76 45.78
N VAL D 520 -51.24 26.55 44.49
CA VAL D 520 -52.51 26.85 43.78
C VAL D 520 -53.65 25.97 44.28
N ARG D 521 -54.78 26.57 44.62
CA ARG D 521 -55.98 25.83 45.08
C ARG D 521 -56.29 24.73 44.07
MG MG E . -24.79 10.85 6.10
MG MG F . -22.92 15.17 2.77
K K G . -20.83 7.88 2.08
P1 FBP H . 4.28 6.20 22.42
O1P FBP H . 3.72 5.63 21.12
O2P FBP H . 5.76 6.03 22.31
O3P FBP H . 3.86 7.64 22.58
O1 FBP H . 3.75 5.29 23.58
C1 FBP H . 3.50 3.89 23.38
C2 FBP H . 3.62 3.20 24.71
O2 FBP H . 4.68 3.89 25.37
C3 FBP H . 3.89 1.69 24.69
O3 FBP H . 5.25 1.35 24.49
C4 FBP H . 3.43 1.33 26.08
O4 FBP H . 3.05 -0.01 26.26
C5 FBP H . 2.20 2.22 26.27
O5 FBP H . 2.41 3.38 25.45
C6 FBP H . 2.03 2.71 27.70
O6 FBP H . 0.85 3.47 27.76
P2 FBP H . 0.20 3.82 29.17
O4P FBP H . 0.06 2.56 29.89
O5P FBP H . -1.10 4.50 28.76
O6P FBP H . 1.23 4.66 29.97
PB GDP I . -23.32 13.32 0.21
O1B GDP I . -23.00 11.99 0.82
O2B GDP I . -24.21 13.23 -1.03
O3B GDP I . -23.85 14.34 1.19
O3A GDP I . -21.99 13.98 -0.40
PA GDP I . -20.81 14.75 0.36
O1A GDP I . -19.53 13.98 0.60
O2A GDP I . -21.43 15.50 1.55
O5' GDP I . -20.42 15.68 -0.88
C5' GDP I . -21.49 16.62 -1.26
C4' GDP I . -21.81 16.65 -2.71
O4' GDP I . -20.55 16.82 -3.40
C3' GDP I . -22.32 15.32 -3.20
O3' GDP I . -23.67 14.94 -2.88
C2' GDP I . -21.96 15.36 -4.65
O2' GDP I . -22.98 16.10 -5.39
C1' GDP I . -20.55 16.00 -4.58
N9 GDP I . -19.51 14.94 -4.50
C8 GDP I . -18.86 14.44 -3.41
N7 GDP I . -17.95 13.49 -3.76
C5 GDP I . -18.04 13.34 -5.08
C6 GDP I . -17.39 12.50 -6.10
O6 GDP I . -16.52 11.60 -5.83
N1 GDP I . -17.78 12.69 -7.39
C2 GDP I . -18.71 13.60 -7.80
N2 GDP I . -19.01 13.66 -9.13
N3 GDP I . -19.36 14.42 -6.93
C4 GDP I . -19.04 14.31 -5.58
C1 OXL J . -22.70 12.72 6.39
C2 OXL J . -23.94 13.43 7.03
O1 OXL J . -22.86 11.55 6.02
O2 OXL J . -25.03 12.83 7.00
O3 OXL J . -21.62 13.37 6.29
O4 OXL J . -23.75 14.50 7.62
C1 GOL K . -9.23 7.40 28.12
O1 GOL K . -8.37 8.39 27.55
C2 GOL K . -8.54 6.64 29.23
O2 GOL K . -8.22 7.52 30.33
C3 GOL K . -9.41 5.49 29.72
O3 GOL K . -8.74 4.74 30.72
C1 GOL L . -35.45 18.68 9.57
O1 GOL L . -34.15 18.39 9.09
C2 GOL L . -36.20 17.48 10.08
O2 GOL L . -37.58 17.72 9.82
C3 GOL L . -35.95 17.26 11.58
O3 GOL L . -36.09 15.93 12.06
MG MG M . 20.32 -12.51 -13.82
MG MG N . 23.84 -9.90 -10.14
K K O . 18.91 -5.90 -10.39
P1 FBP P . 4.74 -15.69 17.00
O1P FBP P . 5.14 -17.02 16.35
O2P FBP P . 4.77 -14.57 15.99
O3P FBP P . 3.33 -15.70 17.53
O1 FBP P . 5.80 -15.32 18.09
C1 FBP P . 6.08 -13.97 18.39
C2 FBP P . 6.57 -13.92 19.80
O2 FBP P . 5.83 -14.94 20.45
C3 FBP P . 6.46 -12.59 20.58
O3 FBP P . 5.22 -12.32 21.16
C4 FBP P . 7.47 -12.86 21.68
O4 FBP P . 7.98 -11.68 22.25
C5 FBP P . 8.58 -13.57 20.93
O5 FBP P . 7.94 -14.25 19.85
C6 FBP P . 9.35 -14.58 21.80
O6 FBP P . 10.34 -15.25 21.04
P2 FBP P . 11.53 -16.07 21.75
O4P FBP P . 10.83 -17.27 22.41
O5P FBP P . 12.10 -15.25 22.87
O6P FBP P . 12.44 -16.41 20.57
PB GDP Q . 19.85 -9.69 -15.25
O1B GDP Q . 20.63 -10.98 -15.10
O2B GDP Q . 19.98 -8.79 -14.05
O3B GDP Q . 20.11 -8.97 -16.60
O3A GDP Q . 18.32 -10.12 -15.48
PA GDP Q . 17.47 -11.26 -14.78
O1A GDP Q . 18.44 -12.38 -14.41
O2A GDP Q . 16.45 -10.78 -13.75
O5' GDP Q . 16.59 -11.66 -16.06
C5' GDP Q . 17.31 -12.15 -17.23
C4' GDP Q . 16.88 -11.48 -18.50
O4' GDP Q . 15.44 -11.46 -18.59
C3' GDP Q . 17.26 -10.04 -18.45
O3' GDP Q . 18.65 -9.73 -18.60
C2' GDP Q . 16.35 -9.48 -19.50
O2' GDP Q . 16.94 -9.71 -20.80
C1' GDP Q . 15.04 -10.22 -19.17
N9 GDP Q . 14.27 -9.44 -18.18
C8 GDP Q . 14.20 -9.56 -16.79
N7 GDP Q . 13.35 -8.64 -16.25
C5 GDP Q . 12.88 -7.91 -17.30
C6 GDP Q . 11.97 -6.77 -17.47
O6 GDP Q . 11.43 -6.20 -16.49
N1 GDP Q . 11.76 -6.34 -18.74
C2 GDP Q . 12.35 -6.89 -19.84
N2 GDP Q . 12.10 -6.38 -21.07
N3 GDP Q . 13.21 -7.95 -19.77
C4 GDP Q . 13.47 -8.46 -18.54
C1 OXL R . 23.24 -12.68 -10.12
C2 OXL R . 21.93 -11.89 -9.87
O1 OXL R . 23.19 -13.91 -10.04
O2 OXL R . 20.85 -12.54 -9.80
O3 OXL R . 24.25 -12.03 -10.32
O4 OXL R . 22.05 -10.65 -9.73
C1 GOL S . 19.18 -17.92 15.41
O1 GOL S . 18.05 -18.68 14.96
C2 GOL S . 19.26 -17.87 16.93
O2 GOL S . 19.32 -19.17 17.54
C3 GOL S . 20.46 -17.05 17.39
O3 GOL S . 20.19 -16.44 18.65
C1 GOL T . 7.87 -42.41 11.40
O1 GOL T . 7.73 -41.83 10.12
C2 GOL T . 9.07 -41.91 12.17
O2 GOL T . 9.79 -42.98 12.74
C3 GOL T . 10.01 -41.04 11.35
O3 GOL T . 9.31 -39.96 10.76
MG MG U . 26.60 -37.74 -25.62
MG MG V . 24.25 -42.76 -24.20
K K W . 28.77 -44.14 -28.47
P1 FBP X . 49.93 -56.01 -7.16
O1P FBP X . 49.41 -56.11 -8.60
O2P FBP X . 51.40 -56.30 -7.00
O3P FBP X . 49.63 -54.65 -6.52
O1 FBP X . 49.11 -57.09 -6.38
C1 FBP X . 48.74 -58.33 -7.01
C2 FBP X . 48.71 -59.44 -5.96
O2 FBP X . 49.73 -59.15 -5.03
C3 FBP X . 48.91 -60.89 -6.47
O3 FBP X . 50.25 -61.33 -6.60
C4 FBP X . 48.23 -61.59 -5.31
O4 FBP X . 47.77 -62.83 -5.72
C5 FBP X . 47.04 -60.73 -4.96
O5 FBP X . 47.44 -59.43 -5.30
C6 FBP X . 46.69 -60.75 -3.49
O6 FBP X . 45.58 -59.92 -3.33
P2 FBP X . 44.75 -59.91 -1.97
O4P FBP X . 44.32 -61.30 -1.67
O5P FBP X . 43.62 -58.95 -2.16
O6P FBP X . 45.75 -59.44 -0.92
PB GDP Y . 26.55 -38.60 -28.98
O1B GDP Y . 26.82 -40.14 -29.12
O2B GDP Y . 25.96 -38.00 -30.25
O3B GDP Y . 25.88 -38.14 -27.70
O3A GDP Y . 28.03 -37.91 -29.19
PA GDP Y . 29.20 -37.66 -28.03
O1A GDP Y . 30.40 -38.62 -27.97
O2A GDP Y . 28.40 -37.31 -26.74
O5' GDP Y . 29.91 -36.48 -28.80
C5' GDP Y . 29.16 -35.26 -28.97
C4' GDP Y . 28.95 -34.85 -30.43
O4' GDP Y . 30.21 -34.55 -31.06
C3' GDP Y . 28.23 -35.93 -31.30
O3' GDP Y . 26.78 -36.09 -31.11
C2' GDP Y . 28.76 -35.58 -32.66
O2' GDP Y . 27.94 -34.59 -33.26
C1' GDP Y . 30.18 -35.05 -32.42
N9 GDP Y . 31.22 -36.12 -32.61
C8 GDP Y . 31.58 -37.04 -31.67
N7 GDP Y . 32.54 -37.89 -32.11
C5 GDP Y . 32.80 -37.56 -33.36
C6 GDP Y . 33.70 -38.06 -34.43
O6 GDP Y . 34.45 -39.04 -34.25
N1 GDP Y . 33.70 -37.42 -35.61
C2 GDP Y . 32.87 -36.38 -35.85
N2 GDP Y . 32.91 -35.81 -37.08
N3 GDP Y . 32.00 -35.87 -34.93
C4 GDP Y . 31.93 -36.39 -33.69
C1 OXL Z . 26.63 -41.05 -23.24
C2 OXL Z . 25.39 -40.37 -22.56
O1 OXL Z . 26.36 -41.97 -24.05
O2 OXL Z . 24.25 -40.77 -22.91
O3 OXL Z . 27.80 -40.65 -22.92
O4 OXL Z . 25.61 -39.53 -21.69
C1 GOL AA . 35.87 -54.62 -2.86
O1 GOL AA . 36.95 -53.77 -3.20
C2 GOL AA . 36.38 -55.82 -2.10
O2 GOL AA . 36.51 -55.47 -0.72
C3 GOL AA . 35.50 -57.05 -2.31
O3 GOL AA . 35.38 -57.84 -1.13
MG MG BA . -27.69 46.38 9.39
MG MG CA . -30.92 42.34 7.01
K K DA . -33.32 49.06 8.35
P1 FBP EA . -42.53 48.27 39.34
O1P FBP EA . -42.06 46.81 39.19
O2P FBP EA . -42.65 48.99 38.04
O3P FBP EA . -43.76 48.34 40.19
O1 FBP EA . -41.37 48.93 40.16
C1 FBP EA . -41.10 50.35 40.03
C2 FBP EA . -40.52 50.94 41.30
O2 FBP EA . -41.05 50.16 42.37
C3 FBP EA . -40.77 52.44 41.56
O3 FBP EA . -42.01 52.78 42.19
C4 FBP EA . -39.62 52.69 42.50
O4 FBP EA . -39.26 54.05 42.56
C5 FBP EA . -38.47 51.89 41.91
O5 FBP EA . -39.09 50.81 41.25
C6 FBP EA . -37.59 51.27 42.97
O6 FBP EA . -36.64 50.47 42.33
P2 FBP EA . -35.27 50.00 43.03
O4P FBP EA . -35.73 49.01 44.13
O5P FBP EA . -34.62 51.17 43.67
O6P FBP EA . -34.46 49.26 41.98
PB GDP FA . -32.19 44.45 4.54
O1B GDP FA . -32.31 44.47 3.01
O2B GDP FA . -31.05 43.63 5.12
O3B GDP FA . -32.36 45.85 5.17
O3A GDP FA . -33.65 43.79 4.73
PA GDP FA . -34.26 42.98 6.03
O1A GDP FA . -33.04 42.16 6.54
O2A GDP FA . -35.18 43.69 7.03
O5' GDP FA . -35.37 42.17 5.26
C5' GDP FA . -34.90 41.22 4.26
C4' GDP FA . -35.34 41.51 2.82
O4' GDP FA . -36.75 41.38 2.71
C3' GDP FA . -34.98 42.91 2.27
O3' GDP FA . -33.57 43.09 1.91
C2' GDP FA . -36.04 43.11 1.24
O2' GDP FA . -35.71 42.66 -0.07
C1' GDP FA . -37.26 42.38 1.84
N9 GDP FA . -38.13 43.34 2.63
C8 GDP FA . -37.93 43.72 3.93
N7 GDP FA . -38.87 44.60 4.35
C5 GDP FA . -39.66 44.85 3.29
C6 GDP FA . -40.84 45.71 3.04
O6 GDP FA . -41.31 46.46 3.93
N1 GDP FA . -41.40 45.67 1.81
C2 GDP FA . -40.89 44.89 0.82
N2 GDP FA . -41.52 44.93 -0.38
N3 GDP FA . -39.80 44.09 0.98
C4 GDP FA . -39.16 44.02 2.16
C1 OXL GA . -28.32 43.40 10.06
C2 OXL GA . -29.62 44.22 10.33
O1 OXL GA . -28.23 42.29 10.57
O2 OXL GA . -30.64 43.59 10.77
O3 OXL GA . -27.42 43.96 9.41
O4 OXL GA . -29.57 45.42 10.09
C1 GOL HA . -28.22 46.47 36.39
O1 GOL HA . -29.48 45.85 36.15
C2 GOL HA . -28.23 47.20 37.72
O2 GOL HA . -27.76 46.32 38.74
C3 GOL HA . -27.45 48.50 37.65
O3 GOL HA . -26.78 48.79 38.87
#